data_2RHF
# 
_entry.id   2RHF 
# 
_audit_conform.dict_name       mmcif_pdbx.dic 
_audit_conform.dict_version    5.399 
_audit_conform.dict_location   http://mmcif.pdb.org/dictionaries/ascii/mmcif_pdbx.dic 
# 
loop_
_database_2.database_id 
_database_2.database_code 
_database_2.pdbx_database_accession 
_database_2.pdbx_DOI 
PDB   2RHF         pdb_00002rhf 10.2210/pdb2rhf/pdb 
RCSB  RCSB044862   ?            ?                   
WWPDB D_1000044862 ?            ?                   
# 
loop_
_pdbx_audit_revision_history.ordinal 
_pdbx_audit_revision_history.data_content_type 
_pdbx_audit_revision_history.major_revision 
_pdbx_audit_revision_history.minor_revision 
_pdbx_audit_revision_history.revision_date 
1 'Structure model' 1 0 2008-04-22 
2 'Structure model' 1 1 2011-07-13 
3 'Structure model' 1 2 2024-11-20 
# 
_pdbx_audit_revision_details.ordinal             1 
_pdbx_audit_revision_details.revision_ordinal    1 
_pdbx_audit_revision_details.data_content_type   'Structure model' 
_pdbx_audit_revision_details.provider            repository 
_pdbx_audit_revision_details.type                'Initial release' 
_pdbx_audit_revision_details.description         ? 
_pdbx_audit_revision_details.details             ? 
# 
loop_
_pdbx_audit_revision_group.ordinal 
_pdbx_audit_revision_group.revision_ordinal 
_pdbx_audit_revision_group.data_content_type 
_pdbx_audit_revision_group.group 
1 2 'Structure model' 'Source and taxonomy'       
2 2 'Structure model' 'Version format compliance' 
3 3 'Structure model' 'Data collection'           
4 3 'Structure model' 'Database references'       
5 3 'Structure model' 'Derived calculations'      
6 3 'Structure model' 'Structure summary'         
# 
loop_
_pdbx_audit_revision_category.ordinal 
_pdbx_audit_revision_category.revision_ordinal 
_pdbx_audit_revision_category.data_content_type 
_pdbx_audit_revision_category.category 
1 3 'Structure model' chem_comp_atom            
2 3 'Structure model' chem_comp_bond            
3 3 'Structure model' database_2                
4 3 'Structure model' pdbx_entry_details        
5 3 'Structure model' pdbx_modification_feature 
6 3 'Structure model' struct_conn               
7 3 'Structure model' struct_ref_seq_dif        
8 3 'Structure model' struct_site               
# 
loop_
_pdbx_audit_revision_item.ordinal 
_pdbx_audit_revision_item.revision_ordinal 
_pdbx_audit_revision_item.data_content_type 
_pdbx_audit_revision_item.item 
1 3 'Structure model' '_database_2.pdbx_DOI'                
2 3 'Structure model' '_database_2.pdbx_database_accession' 
3 3 'Structure model' '_struct_conn.pdbx_leaving_atom_flag' 
4 3 'Structure model' '_struct_ref_seq_dif.details'         
5 3 'Structure model' '_struct_site.pdbx_auth_asym_id'      
6 3 'Structure model' '_struct_site.pdbx_auth_comp_id'      
7 3 'Structure model' '_struct_site.pdbx_auth_seq_id'       
# 
_pdbx_database_status.status_code                     REL 
_pdbx_database_status.entry_id                        2RHF 
_pdbx_database_status.recvd_initial_deposition_date   2007-10-09 
_pdbx_database_status.deposit_site                    RCSB 
_pdbx_database_status.process_site                    RCSB 
_pdbx_database_status.status_code_sf                  REL 
_pdbx_database_status.status_code_mr                  ? 
_pdbx_database_status.SG_entry                        ? 
_pdbx_database_status.pdb_format_compatible           Y 
_pdbx_database_status.status_code_cs                  ? 
_pdbx_database_status.status_code_nmr_data            ? 
_pdbx_database_status.methods_development_category    ? 
# 
loop_
_audit_author.name 
_audit_author.pdbx_ordinal 
'Keck, J.L.'     1 
'Killoran, M.P.' 2 
# 
_citation.id                        primary 
_citation.title                     
'Structure and function of the regulatory C-terminal HRDC domain from Deinococcus radiodurans RecQ.' 
_citation.journal_abbrev            'Nucleic Acids Res.' 
_citation.journal_volume            36 
_citation.page_first                3139 
_citation.page_last                 3149 
_citation.year                      2008 
_citation.journal_id_ASTM           NARHAD 
_citation.country                   UK 
_citation.journal_id_ISSN           0305-1048 
_citation.journal_id_CSD            0389 
_citation.book_publisher            ? 
_citation.pdbx_database_id_PubMed   18411208 
_citation.pdbx_database_id_DOI      10.1093/nar/gkn143 
# 
loop_
_citation_author.citation_id 
_citation_author.name 
_citation_author.ordinal 
_citation_author.identifier_ORCID 
primary 'Killoran, M.P.' 1 ? 
primary 'Keck, J.L.'     2 ? 
# 
loop_
_entity.id 
_entity.type 
_entity.src_method 
_entity.pdbx_description 
_entity.formula_weight 
_entity.pdbx_number_of_molecules 
_entity.pdbx_ec 
_entity.pdbx_mutation 
_entity.pdbx_fragment 
_entity.details 
1 polymer     man 'DNA helicase RecQ' 8486.380 1   ? ? 'D. radiodurans HRDC domain 3' ? 
2 non-polymer syn 'PHOSPHATE ION'     94.971   1   ? ? ?                              ? 
3 water       nat water               18.015   171 ? ? ?                              ? 
# 
_entity_poly.entity_id                      1 
_entity_poly.type                           'polypeptide(L)' 
_entity_poly.nstd_linkage                   no 
_entity_poly.nstd_monomer                   yes 
_entity_poly.pdbx_seq_one_letter_code       
;GSHNADLSEALRELRREL(MSE)KETGYSAFVVFTNATLEALAARQPRTLAELAEVPGLGEKRIEAYGERILDAINTVLD
G
;
_entity_poly.pdbx_seq_one_letter_code_can   GSHNADLSEALRELRRELMKETGYSAFVVFTNATLEALAARQPRTLAELAEVPGLGEKRIEAYGERILDAINTVLDG 
_entity_poly.pdbx_strand_id                 A 
_entity_poly.pdbx_target_identifier         ? 
# 
loop_
_pdbx_entity_nonpoly.entity_id 
_pdbx_entity_nonpoly.name 
_pdbx_entity_nonpoly.comp_id 
2 'PHOSPHATE ION' PO4 
3 water           HOH 
# 
loop_
_entity_poly_seq.entity_id 
_entity_poly_seq.num 
_entity_poly_seq.mon_id 
_entity_poly_seq.hetero 
1 1  GLY n 
1 2  SER n 
1 3  HIS n 
1 4  ASN n 
1 5  ALA n 
1 6  ASP n 
1 7  LEU n 
1 8  SER n 
1 9  GLU n 
1 10 ALA n 
1 11 LEU n 
1 12 ARG n 
1 13 GLU n 
1 14 LEU n 
1 15 ARG n 
1 16 ARG n 
1 17 GLU n 
1 18 LEU n 
1 19 MSE n 
1 20 LYS n 
1 21 GLU n 
1 22 THR n 
1 23 GLY n 
1 24 TYR n 
1 25 SER n 
1 26 ALA n 
1 27 PHE n 
1 28 VAL n 
1 29 VAL n 
1 30 PHE n 
1 31 THR n 
1 32 ASN n 
1 33 ALA n 
1 34 THR n 
1 35 LEU n 
1 36 GLU n 
1 37 ALA n 
1 38 LEU n 
1 39 ALA n 
1 40 ALA n 
1 41 ARG n 
1 42 GLN n 
1 43 PRO n 
1 44 ARG n 
1 45 THR n 
1 46 LEU n 
1 47 ALA n 
1 48 GLU n 
1 49 LEU n 
1 50 ALA n 
1 51 GLU n 
1 52 VAL n 
1 53 PRO n 
1 54 GLY n 
1 55 LEU n 
1 56 GLY n 
1 57 GLU n 
1 58 LYS n 
1 59 ARG n 
1 60 ILE n 
1 61 GLU n 
1 62 ALA n 
1 63 TYR n 
1 64 GLY n 
1 65 GLU n 
1 66 ARG n 
1 67 ILE n 
1 68 LEU n 
1 69 ASP n 
1 70 ALA n 
1 71 ILE n 
1 72 ASN n 
1 73 THR n 
1 74 VAL n 
1 75 LEU n 
1 76 ASP n 
1 77 GLY n 
# 
_entity_src_gen.entity_id                          1 
_entity_src_gen.pdbx_src_id                        1 
_entity_src_gen.pdbx_alt_source_flag               sample 
_entity_src_gen.pdbx_seq_type                      ? 
_entity_src_gen.pdbx_beg_seq_num                   ? 
_entity_src_gen.pdbx_end_seq_num                   ? 
_entity_src_gen.gene_src_common_name               ? 
_entity_src_gen.gene_src_genus                     Deinococcus 
_entity_src_gen.pdbx_gene_src_gene                 recQ 
_entity_src_gen.gene_src_species                   'Deinococcus radiodurans' 
_entity_src_gen.gene_src_strain                    R1 
_entity_src_gen.gene_src_tissue                    ? 
_entity_src_gen.gene_src_tissue_fraction           ? 
_entity_src_gen.gene_src_details                   ? 
_entity_src_gen.pdbx_gene_src_fragment             ? 
_entity_src_gen.pdbx_gene_src_scientific_name      'Deinococcus radiodurans' 
_entity_src_gen.pdbx_gene_src_ncbi_taxonomy_id     243230 
_entity_src_gen.pdbx_gene_src_variant              ? 
_entity_src_gen.pdbx_gene_src_cell_line            ? 
_entity_src_gen.pdbx_gene_src_atcc                 ? 
_entity_src_gen.pdbx_gene_src_organ                ? 
_entity_src_gen.pdbx_gene_src_organelle            ? 
_entity_src_gen.pdbx_gene_src_cell                 ? 
_entity_src_gen.pdbx_gene_src_cellular_location    ? 
_entity_src_gen.host_org_common_name               ? 
_entity_src_gen.pdbx_host_org_scientific_name      'Escherichia coli BL21(DE3)' 
_entity_src_gen.pdbx_host_org_ncbi_taxonomy_id     469008 
_entity_src_gen.host_org_genus                     Escherichia 
_entity_src_gen.pdbx_host_org_gene                 ? 
_entity_src_gen.pdbx_host_org_organ                ? 
_entity_src_gen.host_org_species                   'Escherichia coli' 
_entity_src_gen.pdbx_host_org_tissue               ? 
_entity_src_gen.pdbx_host_org_tissue_fraction      ? 
_entity_src_gen.pdbx_host_org_strain               'BL21 (DE3)' 
_entity_src_gen.pdbx_host_org_variant              ? 
_entity_src_gen.pdbx_host_org_cell_line            ? 
_entity_src_gen.pdbx_host_org_atcc                 ? 
_entity_src_gen.pdbx_host_org_culture_collection   ? 
_entity_src_gen.pdbx_host_org_cell                 ? 
_entity_src_gen.pdbx_host_org_organelle            ? 
_entity_src_gen.pdbx_host_org_cellular_location    ? 
_entity_src_gen.pdbx_host_org_vector_type          pET 
_entity_src_gen.pdbx_host_org_vector               ? 
_entity_src_gen.host_org_details                   ? 
_entity_src_gen.expression_system_id               ? 
_entity_src_gen.plasmid_name                       ? 
_entity_src_gen.plasmid_details                    ? 
_entity_src_gen.pdbx_description                   ? 
# 
loop_
_chem_comp.id 
_chem_comp.type 
_chem_comp.mon_nstd_flag 
_chem_comp.name 
_chem_comp.pdbx_synonyms 
_chem_comp.formula 
_chem_comp.formula_weight 
ALA 'L-peptide linking' y ALANINE          ? 'C3 H7 N O2'     89.093  
ARG 'L-peptide linking' y ARGININE         ? 'C6 H15 N4 O2 1' 175.209 
ASN 'L-peptide linking' y ASPARAGINE       ? 'C4 H8 N2 O3'    132.118 
ASP 'L-peptide linking' y 'ASPARTIC ACID'  ? 'C4 H7 N O4'     133.103 
GLN 'L-peptide linking' y GLUTAMINE        ? 'C5 H10 N2 O3'   146.144 
GLU 'L-peptide linking' y 'GLUTAMIC ACID'  ? 'C5 H9 N O4'     147.129 
GLY 'peptide linking'   y GLYCINE          ? 'C2 H5 N O2'     75.067  
HIS 'L-peptide linking' y HISTIDINE        ? 'C6 H10 N3 O2 1' 156.162 
HOH non-polymer         . WATER            ? 'H2 O'           18.015  
ILE 'L-peptide linking' y ISOLEUCINE       ? 'C6 H13 N O2'    131.173 
LEU 'L-peptide linking' y LEUCINE          ? 'C6 H13 N O2'    131.173 
LYS 'L-peptide linking' y LYSINE           ? 'C6 H15 N2 O2 1' 147.195 
MSE 'L-peptide linking' n SELENOMETHIONINE ? 'C5 H11 N O2 Se' 196.106 
PHE 'L-peptide linking' y PHENYLALANINE    ? 'C9 H11 N O2'    165.189 
PO4 non-polymer         . 'PHOSPHATE ION'  ? 'O4 P -3'        94.971  
PRO 'L-peptide linking' y PROLINE          ? 'C5 H9 N O2'     115.130 
SER 'L-peptide linking' y SERINE           ? 'C3 H7 N O3'     105.093 
THR 'L-peptide linking' y THREONINE        ? 'C4 H9 N O3'     119.119 
TYR 'L-peptide linking' y TYROSINE         ? 'C9 H11 N O3'    181.189 
VAL 'L-peptide linking' y VALINE           ? 'C5 H11 N O2'    117.146 
# 
loop_
_pdbx_poly_seq_scheme.asym_id 
_pdbx_poly_seq_scheme.entity_id 
_pdbx_poly_seq_scheme.seq_id 
_pdbx_poly_seq_scheme.mon_id 
_pdbx_poly_seq_scheme.ndb_seq_num 
_pdbx_poly_seq_scheme.pdb_seq_num 
_pdbx_poly_seq_scheme.auth_seq_num 
_pdbx_poly_seq_scheme.pdb_mon_id 
_pdbx_poly_seq_scheme.auth_mon_id 
_pdbx_poly_seq_scheme.pdb_strand_id 
_pdbx_poly_seq_scheme.pdb_ins_code 
_pdbx_poly_seq_scheme.hetero 
A 1 1  GLY 1  748 ?   ?   ?   A . n 
A 1 2  SER 2  749 749 SER SER A . n 
A 1 3  HIS 3  750 750 HIS HIS A . n 
A 1 4  ASN 4  751 751 ASN ASN A . n 
A 1 5  ALA 5  752 752 ALA ALA A . n 
A 1 6  ASP 6  753 753 ASP ASP A . n 
A 1 7  LEU 7  754 754 LEU LEU A . n 
A 1 8  SER 8  755 755 SER SER A . n 
A 1 9  GLU 9  756 756 GLU GLU A . n 
A 1 10 ALA 10 757 757 ALA ALA A . n 
A 1 11 LEU 11 758 758 LEU LEU A . n 
A 1 12 ARG 12 759 759 ARG ARG A . n 
A 1 13 GLU 13 760 760 GLU GLU A . n 
A 1 14 LEU 14 761 761 LEU LEU A . n 
A 1 15 ARG 15 762 762 ARG ARG A . n 
A 1 16 ARG 16 763 763 ARG ARG A . n 
A 1 17 GLU 17 764 764 GLU GLU A . n 
A 1 18 LEU 18 765 765 LEU LEU A . n 
A 1 19 MSE 19 766 766 MSE MSE A . n 
A 1 20 LYS 20 767 767 LYS LYS A . n 
A 1 21 GLU 21 768 768 GLU GLU A . n 
A 1 22 THR 22 769 769 THR THR A . n 
A 1 23 GLY 23 770 770 GLY GLY A . n 
A 1 24 TYR 24 771 771 TYR TYR A . n 
A 1 25 SER 25 772 772 SER SER A . n 
A 1 26 ALA 26 773 773 ALA ALA A . n 
A 1 27 PHE 27 774 774 PHE PHE A . n 
A 1 28 VAL 28 775 775 VAL VAL A . n 
A 1 29 VAL 29 776 776 VAL VAL A . n 
A 1 30 PHE 30 777 777 PHE PHE A . n 
A 1 31 THR 31 778 778 THR THR A . n 
A 1 32 ASN 32 779 779 ASN ASN A . n 
A 1 33 ALA 33 780 780 ALA ALA A . n 
A 1 34 THR 34 781 781 THR THR A . n 
A 1 35 LEU 35 782 782 LEU LEU A . n 
A 1 36 GLU 36 783 783 GLU GLU A . n 
A 1 37 ALA 37 784 784 ALA ALA A . n 
A 1 38 LEU 38 785 785 LEU LEU A . n 
A 1 39 ALA 39 786 786 ALA ALA A . n 
A 1 40 ALA 40 787 787 ALA ALA A . n 
A 1 41 ARG 41 788 788 ARG ARG A . n 
A 1 42 GLN 42 789 789 GLN GLN A . n 
A 1 43 PRO 43 790 790 PRO PRO A . n 
A 1 44 ARG 44 791 791 ARG ARG A . n 
A 1 45 THR 45 792 792 THR THR A . n 
A 1 46 LEU 46 793 793 LEU LEU A . n 
A 1 47 ALA 47 794 794 ALA ALA A . n 
A 1 48 GLU 48 795 795 GLU GLU A . n 
A 1 49 LEU 49 796 796 LEU LEU A . n 
A 1 50 ALA 50 797 797 ALA ALA A . n 
A 1 51 GLU 51 798 798 GLU GLU A . n 
A 1 52 VAL 52 799 799 VAL VAL A . n 
A 1 53 PRO 53 800 800 PRO PRO A . n 
A 1 54 GLY 54 801 801 GLY GLY A . n 
A 1 55 LEU 55 802 802 LEU LEU A . n 
A 1 56 GLY 56 803 803 GLY GLY A . n 
A 1 57 GLU 57 804 804 GLU GLU A . n 
A 1 58 LYS 58 805 805 LYS LYS A . n 
A 1 59 ARG 59 806 806 ARG ARG A . n 
A 1 60 ILE 60 807 807 ILE ILE A . n 
A 1 61 GLU 61 808 808 GLU GLU A . n 
A 1 62 ALA 62 809 809 ALA ALA A . n 
A 1 63 TYR 63 810 810 TYR TYR A . n 
A 1 64 GLY 64 811 811 GLY GLY A . n 
A 1 65 GLU 65 812 812 GLU GLU A . n 
A 1 66 ARG 66 813 813 ARG ARG A . n 
A 1 67 ILE 67 814 814 ILE ILE A . n 
A 1 68 LEU 68 815 815 LEU LEU A . n 
A 1 69 ASP 69 816 816 ASP ASP A . n 
A 1 70 ALA 70 817 817 ALA ALA A . n 
A 1 71 ILE 71 818 818 ILE ILE A . n 
A 1 72 ASN 72 819 819 ASN ASN A . n 
A 1 73 THR 73 820 820 THR THR A . n 
A 1 74 VAL 74 821 821 VAL VAL A . n 
A 1 75 LEU 75 822 822 LEU LEU A . n 
A 1 76 ASP 76 823 823 ASP ASP A . n 
A 1 77 GLY 77 824 824 GLY GLY A . n 
# 
loop_
_pdbx_nonpoly_scheme.asym_id 
_pdbx_nonpoly_scheme.entity_id 
_pdbx_nonpoly_scheme.mon_id 
_pdbx_nonpoly_scheme.ndb_seq_num 
_pdbx_nonpoly_scheme.pdb_seq_num 
_pdbx_nonpoly_scheme.auth_seq_num 
_pdbx_nonpoly_scheme.pdb_mon_id 
_pdbx_nonpoly_scheme.auth_mon_id 
_pdbx_nonpoly_scheme.pdb_strand_id 
_pdbx_nonpoly_scheme.pdb_ins_code 
B 2 PO4 1   1   1   PO4 PO4 A . 
C 3 HOH 1   825 1   HOH HOH A . 
C 3 HOH 2   826 2   HOH HOH A . 
C 3 HOH 3   827 3   HOH HOH A . 
C 3 HOH 4   828 4   HOH HOH A . 
C 3 HOH 5   829 5   HOH HOH A . 
C 3 HOH 6   830 6   HOH HOH A . 
C 3 HOH 7   831 7   HOH HOH A . 
C 3 HOH 8   832 8   HOH HOH A . 
C 3 HOH 9   833 9   HOH HOH A . 
C 3 HOH 10  834 10  HOH HOH A . 
C 3 HOH 11  835 11  HOH HOH A . 
C 3 HOH 12  836 12  HOH HOH A . 
C 3 HOH 13  837 13  HOH HOH A . 
C 3 HOH 14  838 14  HOH HOH A . 
C 3 HOH 15  839 15  HOH HOH A . 
C 3 HOH 16  840 16  HOH HOH A . 
C 3 HOH 17  841 17  HOH HOH A . 
C 3 HOH 18  842 18  HOH HOH A . 
C 3 HOH 19  843 19  HOH HOH A . 
C 3 HOH 20  844 20  HOH HOH A . 
C 3 HOH 21  845 21  HOH HOH A . 
C 3 HOH 22  846 22  HOH HOH A . 
C 3 HOH 23  847 23  HOH HOH A . 
C 3 HOH 24  848 24  HOH HOH A . 
C 3 HOH 25  849 25  HOH HOH A . 
C 3 HOH 26  850 26  HOH HOH A . 
C 3 HOH 27  851 27  HOH HOH A . 
C 3 HOH 28  852 28  HOH HOH A . 
C 3 HOH 29  853 29  HOH HOH A . 
C 3 HOH 30  854 30  HOH HOH A . 
C 3 HOH 31  855 31  HOH HOH A . 
C 3 HOH 32  856 34  HOH HOH A . 
C 3 HOH 33  857 35  HOH HOH A . 
C 3 HOH 34  858 36  HOH HOH A . 
C 3 HOH 35  859 37  HOH HOH A . 
C 3 HOH 36  860 38  HOH HOH A . 
C 3 HOH 37  861 39  HOH HOH A . 
C 3 HOH 38  862 40  HOH HOH A . 
C 3 HOH 39  863 41  HOH HOH A . 
C 3 HOH 40  864 42  HOH HOH A . 
C 3 HOH 41  865 43  HOH HOH A . 
C 3 HOH 42  866 44  HOH HOH A . 
C 3 HOH 43  867 45  HOH HOH A . 
C 3 HOH 44  868 48  HOH HOH A . 
C 3 HOH 45  869 49  HOH HOH A . 
C 3 HOH 46  870 50  HOH HOH A . 
C 3 HOH 47  871 51  HOH HOH A . 
C 3 HOH 48  872 52  HOH HOH A . 
C 3 HOH 49  873 53  HOH HOH A . 
C 3 HOH 50  874 54  HOH HOH A . 
C 3 HOH 51  875 55  HOH HOH A . 
C 3 HOH 52  876 56  HOH HOH A . 
C 3 HOH 53  877 57  HOH HOH A . 
C 3 HOH 54  878 58  HOH HOH A . 
C 3 HOH 55  879 59  HOH HOH A . 
C 3 HOH 56  880 60  HOH HOH A . 
C 3 HOH 57  881 61  HOH HOH A . 
C 3 HOH 58  882 62  HOH HOH A . 
C 3 HOH 59  883 65  HOH HOH A . 
C 3 HOH 60  884 66  HOH HOH A . 
C 3 HOH 61  885 67  HOH HOH A . 
C 3 HOH 62  886 68  HOH HOH A . 
C 3 HOH 63  887 69  HOH HOH A . 
C 3 HOH 64  888 70  HOH HOH A . 
C 3 HOH 65  889 71  HOH HOH A . 
C 3 HOH 66  890 72  HOH HOH A . 
C 3 HOH 67  891 73  HOH HOH A . 
C 3 HOH 68  892 74  HOH HOH A . 
C 3 HOH 69  893 75  HOH HOH A . 
C 3 HOH 70  894 76  HOH HOH A . 
C 3 HOH 71  895 77  HOH HOH A . 
C 3 HOH 72  896 78  HOH HOH A . 
C 3 HOH 73  897 79  HOH HOH A . 
C 3 HOH 74  898 80  HOH HOH A . 
C 3 HOH 75  899 82  HOH HOH A . 
C 3 HOH 76  900 83  HOH HOH A . 
C 3 HOH 77  901 84  HOH HOH A . 
C 3 HOH 78  902 85  HOH HOH A . 
C 3 HOH 79  903 86  HOH HOH A . 
C 3 HOH 80  904 87  HOH HOH A . 
C 3 HOH 81  905 88  HOH HOH A . 
C 3 HOH 82  906 89  HOH HOH A . 
C 3 HOH 83  907 90  HOH HOH A . 
C 3 HOH 84  908 91  HOH HOH A . 
C 3 HOH 85  909 93  HOH HOH A . 
C 3 HOH 86  910 94  HOH HOH A . 
C 3 HOH 87  911 95  HOH HOH A . 
C 3 HOH 88  912 96  HOH HOH A . 
C 3 HOH 89  913 97  HOH HOH A . 
C 3 HOH 90  914 98  HOH HOH A . 
C 3 HOH 91  915 99  HOH HOH A . 
C 3 HOH 92  916 100 HOH HOH A . 
C 3 HOH 93  917 101 HOH HOH A . 
C 3 HOH 94  918 102 HOH HOH A . 
C 3 HOH 95  919 103 HOH HOH A . 
C 3 HOH 96  920 104 HOH HOH A . 
C 3 HOH 97  921 105 HOH HOH A . 
C 3 HOH 98  922 106 HOH HOH A . 
C 3 HOH 99  923 107 HOH HOH A . 
C 3 HOH 100 924 108 HOH HOH A . 
C 3 HOH 101 925 109 HOH HOH A . 
C 3 HOH 102 926 110 HOH HOH A . 
C 3 HOH 103 927 111 HOH HOH A . 
C 3 HOH 104 928 112 HOH HOH A . 
C 3 HOH 105 929 113 HOH HOH A . 
C 3 HOH 106 930 114 HOH HOH A . 
C 3 HOH 107 931 115 HOH HOH A . 
C 3 HOH 108 932 116 HOH HOH A . 
C 3 HOH 109 933 117 HOH HOH A . 
C 3 HOH 110 934 119 HOH HOH A . 
C 3 HOH 111 935 120 HOH HOH A . 
C 3 HOH 112 936 121 HOH HOH A . 
C 3 HOH 113 937 122 HOH HOH A . 
C 3 HOH 114 938 123 HOH HOH A . 
C 3 HOH 115 939 124 HOH HOH A . 
C 3 HOH 116 940 125 HOH HOH A . 
C 3 HOH 117 941 126 HOH HOH A . 
C 3 HOH 118 942 127 HOH HOH A . 
C 3 HOH 119 943 129 HOH HOH A . 
C 3 HOH 120 944 130 HOH HOH A . 
C 3 HOH 121 945 131 HOH HOH A . 
C 3 HOH 122 946 132 HOH HOH A . 
C 3 HOH 123 947 133 HOH HOH A . 
C 3 HOH 124 948 134 HOH HOH A . 
C 3 HOH 125 949 135 HOH HOH A . 
C 3 HOH 126 950 137 HOH HOH A . 
C 3 HOH 127 951 138 HOH HOH A . 
C 3 HOH 128 952 139 HOH HOH A . 
C 3 HOH 129 953 141 HOH HOH A . 
C 3 HOH 130 954 142 HOH HOH A . 
C 3 HOH 131 955 143 HOH HOH A . 
C 3 HOH 132 956 144 HOH HOH A . 
C 3 HOH 133 957 145 HOH HOH A . 
C 3 HOH 134 958 146 HOH HOH A . 
C 3 HOH 135 959 149 HOH HOH A . 
C 3 HOH 136 960 151 HOH HOH A . 
C 3 HOH 137 961 152 HOH HOH A . 
C 3 HOH 138 962 153 HOH HOH A . 
C 3 HOH 139 963 154 HOH HOH A . 
C 3 HOH 140 964 157 HOH HOH A . 
C 3 HOH 141 965 158 HOH HOH A . 
C 3 HOH 142 966 159 HOH HOH A . 
C 3 HOH 143 967 160 HOH HOH A . 
C 3 HOH 144 968 162 HOH HOH A . 
C 3 HOH 145 969 163 HOH HOH A . 
C 3 HOH 146 970 165 HOH HOH A . 
C 3 HOH 147 971 166 HOH HOH A . 
C 3 HOH 148 972 168 HOH HOH A . 
C 3 HOH 149 973 169 HOH HOH A . 
C 3 HOH 150 974 170 HOH HOH A . 
C 3 HOH 151 975 171 HOH HOH A . 
C 3 HOH 152 976 172 HOH HOH A . 
C 3 HOH 153 977 173 HOH HOH A . 
C 3 HOH 154 978 174 HOH HOH A . 
C 3 HOH 155 979 176 HOH HOH A . 
C 3 HOH 156 980 178 HOH HOH A . 
C 3 HOH 157 981 179 HOH HOH A . 
C 3 HOH 158 982 180 HOH HOH A . 
C 3 HOH 159 983 186 HOH HOH A . 
C 3 HOH 160 984 187 HOH HOH A . 
C 3 HOH 161 985 188 HOH HOH A . 
C 3 HOH 162 986 189 HOH HOH A . 
C 3 HOH 163 987 190 HOH HOH A . 
C 3 HOH 164 988 191 HOH HOH A . 
C 3 HOH 165 989 192 HOH HOH A . 
C 3 HOH 166 990 193 HOH HOH A . 
C 3 HOH 167 991 194 HOH HOH A . 
C 3 HOH 168 992 195 HOH HOH A . 
C 3 HOH 169 993 197 HOH HOH A . 
C 3 HOH 170 994 198 HOH HOH A . 
C 3 HOH 171 995 199 HOH HOH A . 
# 
loop_
_software.name 
_software.classification 
_software.version 
_software.citation_id 
_software.pdbx_ordinal 
REFMAC refinement        5.2.0005 ? 1 
ADSC   'data collection' Quantum  ? 2 
MOSFLM 'data reduction'  .        ? 3 
SCALA  'data scaling'    .        ? 4 
DM     phasing           .        ? 5 
# 
_cell.entry_id           2RHF 
_cell.length_a           49.978 
_cell.length_b           49.978 
_cell.length_c           83.610 
_cell.angle_alpha        90.00 
_cell.angle_beta         90.00 
_cell.angle_gamma        90.00 
_cell.Z_PDB              8 
_cell.pdbx_unique_axis   ? 
_cell.length_a_esd       ? 
_cell.length_b_esd       ? 
_cell.length_c_esd       ? 
_cell.angle_alpha_esd    ? 
_cell.angle_beta_esd     ? 
_cell.angle_gamma_esd    ? 
# 
_symmetry.entry_id                         2RHF 
_symmetry.space_group_name_H-M             'P 41 21 2' 
_symmetry.pdbx_full_space_group_name_H-M   ? 
_symmetry.cell_setting                     ? 
_symmetry.Int_Tables_number                92 
_symmetry.space_group_name_Hall            ? 
# 
_exptl.entry_id          2RHF 
_exptl.method            'X-RAY DIFFRACTION' 
_exptl.crystals_number   1 
# 
_exptl_crystal.id                    1 
_exptl_crystal.density_meas          ? 
_exptl_crystal.density_Matthews      3.08 
_exptl_crystal.density_percent_sol   60.01 
_exptl_crystal.description           ? 
_exptl_crystal.F_000                 ? 
_exptl_crystal.preparation           ? 
# 
_exptl_crystal_grow.crystal_id      1 
_exptl_crystal_grow.method          'VAPOR DIFFUSION, HANGING DROP' 
_exptl_crystal_grow.temp            273 
_exptl_crystal_grow.temp_details    ? 
_exptl_crystal_grow.pH              4.0 
_exptl_crystal_grow.pdbx_details    
'1.8 M Na-K Phosphate pH 4.0, 0.1 M HEPES, pH 7.5, VAPOR DIFFUSION, HANGING DROP, temperature 273K' 
_exptl_crystal_grow.pdbx_pH_range   . 
# 
_diffrn.id                     1 
_diffrn.ambient_temp           100 
_diffrn.ambient_temp_details   ? 
_diffrn.crystal_id             1 
# 
_diffrn_detector.diffrn_id              1 
_diffrn_detector.detector               CCD 
_diffrn_detector.type                   'ADSC QUANTUM 4' 
_diffrn_detector.pdbx_collection_date   2005-10-26 
_diffrn_detector.details                ? 
# 
_diffrn_radiation.diffrn_id                        1 
_diffrn_radiation.wavelength_id                    1 
_diffrn_radiation.pdbx_monochromatic_or_laue_m_l   M 
_diffrn_radiation.monochromator                    'DOUBLE CRYSTAL' 
_diffrn_radiation.pdbx_diffrn_protocol             MAD 
_diffrn_radiation.pdbx_scattering_type             x-ray 
# 
loop_
_diffrn_radiation_wavelength.id 
_diffrn_radiation_wavelength.wavelength 
_diffrn_radiation_wavelength.wt 
1 0.9999 1.0 
2 0.9797 1.0 
# 
_diffrn_source.diffrn_id                   1 
_diffrn_source.source                      SYNCHROTRON 
_diffrn_source.type                        'ALS BEAMLINE 8.3.1' 
_diffrn_source.pdbx_synchrotron_site       ALS 
_diffrn_source.pdbx_synchrotron_beamline   8.3.1 
_diffrn_source.pdbx_wavelength             ? 
_diffrn_source.pdbx_wavelength_list        '0.9999, 0.9797' 
# 
_reflns.entry_id                     2RHF 
_reflns.observed_criterion_sigma_F   0 
_reflns.observed_criterion_sigma_I   0 
_reflns.d_resolution_high            1.1 
_reflns.d_resolution_low             83.6 
_reflns.number_all                   42318 
_reflns.number_obs                   40879 
_reflns.percent_possible_obs         96.6 
_reflns.pdbx_Rmerge_I_obs            ? 
_reflns.pdbx_Rsym_value              0.067 
_reflns.pdbx_netI_over_sigmaI        ? 
_reflns.B_iso_Wilson_estimate        ? 
_reflns.pdbx_redundancy              ? 
_reflns.R_free_details               ? 
_reflns.limit_h_max                  ? 
_reflns.limit_h_min                  ? 
_reflns.limit_k_max                  ? 
_reflns.limit_k_min                  ? 
_reflns.limit_l_max                  ? 
_reflns.limit_l_min                  ? 
_reflns.observed_criterion_F_max     ? 
_reflns.observed_criterion_F_min     ? 
_reflns.pdbx_chi_squared             ? 
_reflns.pdbx_scaling_rejects         ? 
_reflns.pdbx_ordinal                 1 
_reflns.pdbx_diffrn_id               1 
# 
_reflns_shell.d_res_high             1.1 
_reflns_shell.d_res_low              1.16 
_reflns_shell.percent_possible_all   78.7 
_reflns_shell.Rmerge_I_obs           ? 
_reflns_shell.pdbx_Rsym_value        0.419 
_reflns_shell.meanI_over_sigI_obs    1.8 
_reflns_shell.pdbx_redundancy        ? 
_reflns_shell.percent_possible_obs   ? 
_reflns_shell.number_unique_all      ? 
_reflns_shell.number_measured_all    ? 
_reflns_shell.number_measured_obs    ? 
_reflns_shell.number_unique_obs      ? 
_reflns_shell.pdbx_chi_squared       ? 
_reflns_shell.pdbx_ordinal           1 
_reflns_shell.pdbx_diffrn_id         1 
# 
_refine.entry_id                                 2RHF 
_refine.ls_number_reflns_obs                     38922 
_refine.ls_number_reflns_all                     42294 
_refine.pdbx_ls_sigma_I                          0 
_refine.pdbx_ls_sigma_F                          0 
_refine.pdbx_data_cutoff_high_absF               ? 
_refine.pdbx_data_cutoff_low_absF                ? 
_refine.pdbx_data_cutoff_high_rms_absF           ? 
_refine.ls_d_res_low                             20.00 
_refine.ls_d_res_high                            1.10 
_refine.ls_percent_reflns_obs                    96.93 
_refine.ls_R_factor_obs                          0.17798 
_refine.ls_R_factor_all                          ? 
_refine.ls_R_factor_R_work                       0.17715 
_refine.ls_R_factor_R_free                       0.19399 
_refine.ls_R_factor_R_free_error                 ? 
_refine.ls_R_factor_R_free_error_details         ? 
_refine.ls_percent_reflns_R_free                 5.0 
_refine.ls_number_reflns_R_free                  2061 
_refine.ls_number_parameters                     ? 
_refine.ls_number_restraints                     ? 
_refine.occupancy_min                            ? 
_refine.occupancy_max                            ? 
_refine.correlation_coeff_Fo_to_Fc               0.963 
_refine.correlation_coeff_Fo_to_Fc_free          0.949 
_refine.B_iso_mean                               17.709 
_refine.aniso_B[1][1]                            0.28 
_refine.aniso_B[2][2]                            0.28 
_refine.aniso_B[3][3]                            -0.56 
_refine.aniso_B[1][2]                            0.00 
_refine.aniso_B[1][3]                            0.00 
_refine.aniso_B[2][3]                            0.00 
_refine.solvent_model_details                    'BABINET MODEL WITH MASK' 
_refine.solvent_model_param_ksol                 ? 
_refine.solvent_model_param_bsol                 ? 
_refine.pdbx_solvent_vdw_probe_radii             1.20 
_refine.pdbx_solvent_ion_probe_radii             0.80 
_refine.pdbx_solvent_shrinkage_radii             0.80 
_refine.pdbx_ls_cross_valid_method               THROUGHOUT 
_refine.details                                  ? 
_refine.pdbx_starting_model                      ? 
_refine.pdbx_method_to_determine_struct          MAD 
_refine.pdbx_isotropic_thermal_model             ? 
_refine.pdbx_stereochemistry_target_values       'MAXIMUM LIKELIHOOD' 
_refine.pdbx_stereochem_target_val_spec_case     ? 
_refine.pdbx_R_Free_selection_details            RANDOM 
_refine.pdbx_overall_ESU_R                       0.031 
_refine.pdbx_overall_ESU_R_Free                  0.031 
_refine.overall_SU_ML                            0.017 
_refine.overall_SU_B                             0.760 
_refine.ls_redundancy_reflns_obs                 ? 
_refine.B_iso_min                                ? 
_refine.B_iso_max                                ? 
_refine.overall_SU_R_Cruickshank_DPI             ? 
_refine.overall_SU_R_free                        ? 
_refine.ls_wR_factor_R_free                      ? 
_refine.ls_wR_factor_R_work                      ? 
_refine.overall_FOM_free_R_set                   ? 
_refine.overall_FOM_work_R_set                   ? 
_refine.pdbx_overall_phase_error                 ? 
_refine.pdbx_refine_id                           'X-RAY DIFFRACTION' 
_refine.pdbx_diffrn_id                           1 
_refine.pdbx_TLS_residual_ADP_flag               ? 
_refine.pdbx_overall_SU_R_free_Cruickshank_DPI   ? 
_refine.pdbx_overall_SU_R_Blow_DPI               ? 
_refine.pdbx_overall_SU_R_free_Blow_DPI          ? 
# 
_refine_hist.pdbx_refine_id                   'X-RAY DIFFRACTION' 
_refine_hist.cycle_id                         LAST 
_refine_hist.pdbx_number_atoms_protein        588 
_refine_hist.pdbx_number_atoms_nucleic_acid   0 
_refine_hist.pdbx_number_atoms_ligand         5 
_refine_hist.number_atoms_solvent             171 
_refine_hist.number_atoms_total               764 
_refine_hist.d_res_high                       1.10 
_refine_hist.d_res_low                        20.00 
# 
loop_
_refine_ls_restr.type 
_refine_ls_restr.dev_ideal 
_refine_ls_restr.dev_ideal_target 
_refine_ls_restr.weight 
_refine_ls_restr.number 
_refine_ls_restr.pdbx_refine_id 
_refine_ls_restr.pdbx_restraint_function 
r_bond_refined_d         0.010  0.022  ? 605 'X-RAY DIFFRACTION' ? 
r_angle_refined_deg      1.226  1.988  ? 818 'X-RAY DIFFRACTION' ? 
r_dihedral_angle_1_deg   5.427  5.000  ? 75  'X-RAY DIFFRACTION' ? 
r_dihedral_angle_2_deg   30.873 23.333 ? 30  'X-RAY DIFFRACTION' ? 
r_dihedral_angle_3_deg   12.732 15.000 ? 106 'X-RAY DIFFRACTION' ? 
r_dihedral_angle_4_deg   16.587 15.000 ? 7   'X-RAY DIFFRACTION' ? 
r_chiral_restr           0.095  0.200  ? 95  'X-RAY DIFFRACTION' ? 
r_gen_planes_refined     0.007  0.020  ? 453 'X-RAY DIFFRACTION' ? 
r_nbd_refined            0.226  0.200  ? 323 'X-RAY DIFFRACTION' ? 
r_nbtor_refined          0.306  0.200  ? 431 'X-RAY DIFFRACTION' ? 
r_xyhbond_nbd_refined    0.111  0.200  ? 112 'X-RAY DIFFRACTION' ? 
r_symmetry_vdw_refined   0.388  0.200  ? 36  'X-RAY DIFFRACTION' ? 
r_symmetry_hbond_refined 0.089  0.200  ? 35  'X-RAY DIFFRACTION' ? 
r_mcbond_it              1.253  1.500  ? 387 'X-RAY DIFFRACTION' ? 
r_mcangle_it             1.774  2.000  ? 600 'X-RAY DIFFRACTION' ? 
r_scbond_it              2.444  3.000  ? 236 'X-RAY DIFFRACTION' ? 
r_scangle_it             3.406  4.500  ? 218 'X-RAY DIFFRACTION' ? 
r_rigid_bond_restr       1.420  3.000  ? 623 'X-RAY DIFFRACTION' ? 
r_sphericity_free        3.619  3.000  ? 171 'X-RAY DIFFRACTION' ? 
r_sphericity_bonded      3.801  3.000  ? 599 'X-RAY DIFFRACTION' ? 
# 
_refine_ls_shell.pdbx_total_number_of_bins_used   20 
_refine_ls_shell.d_res_high                       1.100 
_refine_ls_shell.d_res_low                        1.128 
_refine_ls_shell.number_reflns_R_work             1638 
_refine_ls_shell.R_factor_R_work                  0.319 
_refine_ls_shell.percent_reflns_obs               75.63 
_refine_ls_shell.R_factor_R_free                  0.441 
_refine_ls_shell.R_factor_R_free_error            ? 
_refine_ls_shell.percent_reflns_R_free            ? 
_refine_ls_shell.number_reflns_R_free             66 
_refine_ls_shell.number_reflns_all                ? 
_refine_ls_shell.R_factor_all                     ? 
_refine_ls_shell.number_reflns_obs                ? 
_refine_ls_shell.redundancy_reflns_obs            ? 
_refine_ls_shell.pdbx_refine_id                   'X-RAY DIFFRACTION' 
# 
_struct.entry_id                  2RHF 
_struct.title                     'D. radiodurans RecQ HRDC domain 3' 
_struct.pdbx_model_details        ? 
_struct.pdbx_CASP_flag            ? 
_struct.pdbx_model_type_details   ? 
# 
_struct_keywords.entry_id        2RHF 
_struct_keywords.pdbx_keywords   HYDROLASE 
_struct_keywords.text            'HRDC, RecQ, helicase, D. radiodurans, ATP-binding, Hydrolase, Nucleotide-binding' 
# 
loop_
_struct_asym.id 
_struct_asym.pdbx_blank_PDB_chainid_flag 
_struct_asym.pdbx_modified 
_struct_asym.entity_id 
_struct_asym.details 
A N N 1 ? 
B N N 2 ? 
C N N 3 ? 
# 
_struct_ref.id                         1 
_struct_ref.db_name                    UNP 
_struct_ref.db_code                    Q9RUU2_DEIRA 
_struct_ref.pdbx_db_accession          Q9RUU2 
_struct_ref.entity_id                  1 
_struct_ref.pdbx_seq_one_letter_code   NADLSEALRELRRELMKETGYSAFVVFTNATLEALAARQPRTLAELAEVPGLGEKRIEAYGERILDAINTVLDG 
_struct_ref.pdbx_align_begin           751 
_struct_ref.pdbx_db_isoform            ? 
# 
_struct_ref_seq.align_id                      1 
_struct_ref_seq.ref_id                        1 
_struct_ref_seq.pdbx_PDB_id_code              2RHF 
_struct_ref_seq.pdbx_strand_id                A 
_struct_ref_seq.seq_align_beg                 4 
_struct_ref_seq.pdbx_seq_align_beg_ins_code   ? 
_struct_ref_seq.seq_align_end                 77 
_struct_ref_seq.pdbx_seq_align_end_ins_code   ? 
_struct_ref_seq.pdbx_db_accession             Q9RUU2 
_struct_ref_seq.db_align_beg                  751 
_struct_ref_seq.pdbx_db_align_beg_ins_code    ? 
_struct_ref_seq.db_align_end                  824 
_struct_ref_seq.pdbx_db_align_end_ins_code    ? 
_struct_ref_seq.pdbx_auth_seq_align_beg       751 
_struct_ref_seq.pdbx_auth_seq_align_end       824 
# 
loop_
_struct_ref_seq_dif.align_id 
_struct_ref_seq_dif.pdbx_pdb_id_code 
_struct_ref_seq_dif.mon_id 
_struct_ref_seq_dif.pdbx_pdb_strand_id 
_struct_ref_seq_dif.seq_num 
_struct_ref_seq_dif.pdbx_pdb_ins_code 
_struct_ref_seq_dif.pdbx_seq_db_name 
_struct_ref_seq_dif.pdbx_seq_db_accession_code 
_struct_ref_seq_dif.db_mon_id 
_struct_ref_seq_dif.pdbx_seq_db_seq_num 
_struct_ref_seq_dif.details 
_struct_ref_seq_dif.pdbx_auth_seq_num 
_struct_ref_seq_dif.pdbx_ordinal 
1 2RHF GLY A 1 ? UNP Q9RUU2 ? ? 'expression tag' 748 1 
1 2RHF SER A 2 ? UNP Q9RUU2 ? ? 'expression tag' 749 2 
1 2RHF HIS A 3 ? UNP Q9RUU2 ? ? 'expression tag' 750 3 
# 
_pdbx_struct_assembly.id                   1 
_pdbx_struct_assembly.details              software_defined_assembly 
_pdbx_struct_assembly.method_details       PISA 
_pdbx_struct_assembly.oligomeric_details   monomeric 
_pdbx_struct_assembly.oligomeric_count     1 
# 
_pdbx_struct_assembly_gen.assembly_id       1 
_pdbx_struct_assembly_gen.oper_expression   1 
_pdbx_struct_assembly_gen.asym_id_list      A,B,C 
# 
_pdbx_struct_oper_list.id                   1 
_pdbx_struct_oper_list.type                 'identity operation' 
_pdbx_struct_oper_list.name                 1_555 
_pdbx_struct_oper_list.symmetry_operation   x,y,z 
_pdbx_struct_oper_list.matrix[1][1]         1.0000000000 
_pdbx_struct_oper_list.matrix[1][2]         0.0000000000 
_pdbx_struct_oper_list.matrix[1][3]         0.0000000000 
_pdbx_struct_oper_list.vector[1]            0.0000000000 
_pdbx_struct_oper_list.matrix[2][1]         0.0000000000 
_pdbx_struct_oper_list.matrix[2][2]         1.0000000000 
_pdbx_struct_oper_list.matrix[2][3]         0.0000000000 
_pdbx_struct_oper_list.vector[2]            0.0000000000 
_pdbx_struct_oper_list.matrix[3][1]         0.0000000000 
_pdbx_struct_oper_list.matrix[3][2]         0.0000000000 
_pdbx_struct_oper_list.matrix[3][3]         1.0000000000 
_pdbx_struct_oper_list.vector[3]            0.0000000000 
# 
_struct_biol.id        1 
_struct_biol.details   'Athours state that the biological molecule is unknown.' 
# 
loop_
_struct_conf.conf_type_id 
_struct_conf.id 
_struct_conf.pdbx_PDB_helix_id 
_struct_conf.beg_label_comp_id 
_struct_conf.beg_label_asym_id 
_struct_conf.beg_label_seq_id 
_struct_conf.pdbx_beg_PDB_ins_code 
_struct_conf.end_label_comp_id 
_struct_conf.end_label_asym_id 
_struct_conf.end_label_seq_id 
_struct_conf.pdbx_end_PDB_ins_code 
_struct_conf.beg_auth_comp_id 
_struct_conf.beg_auth_asym_id 
_struct_conf.beg_auth_seq_id 
_struct_conf.end_auth_comp_id 
_struct_conf.end_auth_asym_id 
_struct_conf.end_auth_seq_id 
_struct_conf.pdbx_PDB_helix_class 
_struct_conf.details 
_struct_conf.pdbx_PDB_helix_length 
HELX_P HELX_P1 1 HIS A 3  ? GLY A 23 ? HIS A 750 GLY A 770 1 ? 21 
HELX_P HELX_P2 2 SER A 25 ? PHE A 30 ? SER A 772 PHE A 777 1 ? 6  
HELX_P HELX_P3 3 THR A 31 ? GLN A 42 ? THR A 778 GLN A 789 1 ? 12 
HELX_P HELX_P4 4 THR A 45 ? ALA A 50 ? THR A 792 ALA A 797 1 ? 6  
HELX_P HELX_P5 5 GLY A 56 ? GLY A 77 ? GLY A 803 GLY A 824 1 ? 22 
# 
_struct_conf_type.id          HELX_P 
_struct_conf_type.criteria    ? 
_struct_conf_type.reference   ? 
# 
loop_
_struct_conn.id 
_struct_conn.conn_type_id 
_struct_conn.pdbx_leaving_atom_flag 
_struct_conn.pdbx_PDB_id 
_struct_conn.ptnr1_label_asym_id 
_struct_conn.ptnr1_label_comp_id 
_struct_conn.ptnr1_label_seq_id 
_struct_conn.ptnr1_label_atom_id 
_struct_conn.pdbx_ptnr1_label_alt_id 
_struct_conn.pdbx_ptnr1_PDB_ins_code 
_struct_conn.pdbx_ptnr1_standard_comp_id 
_struct_conn.ptnr1_symmetry 
_struct_conn.ptnr2_label_asym_id 
_struct_conn.ptnr2_label_comp_id 
_struct_conn.ptnr2_label_seq_id 
_struct_conn.ptnr2_label_atom_id 
_struct_conn.pdbx_ptnr2_label_alt_id 
_struct_conn.pdbx_ptnr2_PDB_ins_code 
_struct_conn.ptnr1_auth_asym_id 
_struct_conn.ptnr1_auth_comp_id 
_struct_conn.ptnr1_auth_seq_id 
_struct_conn.ptnr2_auth_asym_id 
_struct_conn.ptnr2_auth_comp_id 
_struct_conn.ptnr2_auth_seq_id 
_struct_conn.ptnr2_symmetry 
_struct_conn.pdbx_ptnr3_label_atom_id 
_struct_conn.pdbx_ptnr3_label_seq_id 
_struct_conn.pdbx_ptnr3_label_comp_id 
_struct_conn.pdbx_ptnr3_label_asym_id 
_struct_conn.pdbx_ptnr3_label_alt_id 
_struct_conn.pdbx_ptnr3_PDB_ins_code 
_struct_conn.details 
_struct_conn.pdbx_dist_value 
_struct_conn.pdbx_value_order 
_struct_conn.pdbx_role 
covale1 covale both ? A LEU 18 C ? ? ? 1_555 A MSE 19 N ? ? A LEU 765 A MSE 766 1_555 ? ? ? ? ? ? ? 1.328 ? ? 
covale2 covale both ? A MSE 19 C ? ? ? 1_555 A LYS 20 N ? ? A MSE 766 A LYS 767 1_555 ? ? ? ? ? ? ? 1.329 ? ? 
# 
_struct_conn_type.id          covale 
_struct_conn_type.criteria    ? 
_struct_conn_type.reference   ? 
# 
_pdbx_modification_feature.ordinal                            1 
_pdbx_modification_feature.label_comp_id                      MSE 
_pdbx_modification_feature.label_asym_id                      A 
_pdbx_modification_feature.label_seq_id                       19 
_pdbx_modification_feature.label_alt_id                       ? 
_pdbx_modification_feature.modified_residue_label_comp_id     . 
_pdbx_modification_feature.modified_residue_label_asym_id     . 
_pdbx_modification_feature.modified_residue_label_seq_id      . 
_pdbx_modification_feature.modified_residue_label_alt_id      . 
_pdbx_modification_feature.auth_comp_id                       MSE 
_pdbx_modification_feature.auth_asym_id                       A 
_pdbx_modification_feature.auth_seq_id                        766 
_pdbx_modification_feature.PDB_ins_code                       ? 
_pdbx_modification_feature.symmetry                           1_555 
_pdbx_modification_feature.modified_residue_auth_comp_id      . 
_pdbx_modification_feature.modified_residue_auth_asym_id      . 
_pdbx_modification_feature.modified_residue_auth_seq_id       . 
_pdbx_modification_feature.modified_residue_PDB_ins_code      . 
_pdbx_modification_feature.modified_residue_symmetry          . 
_pdbx_modification_feature.comp_id_linking_atom               . 
_pdbx_modification_feature.modified_residue_id_linking_atom   . 
_pdbx_modification_feature.modified_residue_id                MET 
_pdbx_modification_feature.ref_pcm_id                         1 
_pdbx_modification_feature.ref_comp_id                        MSE 
_pdbx_modification_feature.type                               Selenomethionine 
_pdbx_modification_feature.category                           'Named protein modification' 
# 
_struct_site.id                   AC1 
_struct_site.pdbx_evidence_code   Software 
_struct_site.pdbx_auth_asym_id    A 
_struct_site.pdbx_auth_comp_id    PO4 
_struct_site.pdbx_auth_seq_id     1 
_struct_site.pdbx_auth_ins_code   ? 
_struct_site.pdbx_num_residues    9 
_struct_site.details              'BINDING SITE FOR RESIDUE PO4 A 1' 
# 
loop_
_struct_site_gen.id 
_struct_site_gen.site_id 
_struct_site_gen.pdbx_num_res 
_struct_site_gen.label_comp_id 
_struct_site_gen.label_asym_id 
_struct_site_gen.label_seq_id 
_struct_site_gen.pdbx_auth_ins_code 
_struct_site_gen.auth_comp_id 
_struct_site_gen.auth_asym_id 
_struct_site_gen.auth_seq_id 
_struct_site_gen.label_atom_id 
_struct_site_gen.label_alt_id 
_struct_site_gen.symmetry 
_struct_site_gen.details 
1 AC1 9 GLU A 17 ? GLU A 764 . ? 4_564 ? 
2 AC1 9 LYS A 20 ? LYS A 767 . ? 4_564 ? 
3 AC1 9 LYS A 58 ? LYS A 805 . ? 1_555 ? 
4 AC1 9 ARG A 59 ? ARG A 806 . ? 1_555 ? 
5 AC1 9 HOH C .  ? HOH A 848 . ? 4_564 ? 
6 AC1 9 HOH C .  ? HOH A 868 . ? 4_564 ? 
7 AC1 9 HOH C .  ? HOH A 872 . ? 1_555 ? 
8 AC1 9 HOH C .  ? HOH A 889 . ? 4_564 ? 
9 AC1 9 HOH C .  ? HOH A 908 . ? 4_564 ? 
# 
_pdbx_entry_details.entry_id                   2RHF 
_pdbx_entry_details.compound_details           ? 
_pdbx_entry_details.source_details             ? 
_pdbx_entry_details.nonpolymer_details         ? 
_pdbx_entry_details.sequence_details           ? 
_pdbx_entry_details.has_ligand_of_interest     ? 
_pdbx_entry_details.has_protein_modification   Y 
# 
_pdbx_validate_symm_contact.id                1 
_pdbx_validate_symm_contact.PDB_model_num     1 
_pdbx_validate_symm_contact.auth_atom_id_1    C 
_pdbx_validate_symm_contact.auth_asym_id_1    A 
_pdbx_validate_symm_contact.auth_comp_id_1    GLY 
_pdbx_validate_symm_contact.auth_seq_id_1     824 
_pdbx_validate_symm_contact.PDB_ins_code_1    ? 
_pdbx_validate_symm_contact.label_alt_id_1    ? 
_pdbx_validate_symm_contact.site_symmetry_1   1_555 
_pdbx_validate_symm_contact.auth_atom_id_2    O 
_pdbx_validate_symm_contact.auth_asym_id_2    A 
_pdbx_validate_symm_contact.auth_comp_id_2    HOH 
_pdbx_validate_symm_contact.auth_seq_id_2     989 
_pdbx_validate_symm_contact.PDB_ins_code_2    ? 
_pdbx_validate_symm_contact.label_alt_id_2    ? 
_pdbx_validate_symm_contact.site_symmetry_2   3_645 
_pdbx_validate_symm_contact.dist              1.72 
# 
_pdbx_struct_mod_residue.id               1 
_pdbx_struct_mod_residue.label_asym_id    A 
_pdbx_struct_mod_residue.label_comp_id    MSE 
_pdbx_struct_mod_residue.label_seq_id     19 
_pdbx_struct_mod_residue.auth_asym_id     A 
_pdbx_struct_mod_residue.auth_comp_id     MSE 
_pdbx_struct_mod_residue.auth_seq_id      766 
_pdbx_struct_mod_residue.PDB_ins_code     ? 
_pdbx_struct_mod_residue.parent_comp_id   MET 
_pdbx_struct_mod_residue.details          SELENOMETHIONINE 
# 
_pdbx_struct_special_symmetry.id              1 
_pdbx_struct_special_symmetry.PDB_model_num   1 
_pdbx_struct_special_symmetry.auth_asym_id    A 
_pdbx_struct_special_symmetry.auth_comp_id    HOH 
_pdbx_struct_special_symmetry.auth_seq_id     946 
_pdbx_struct_special_symmetry.PDB_ins_code    ? 
_pdbx_struct_special_symmetry.label_asym_id   C 
_pdbx_struct_special_symmetry.label_comp_id   HOH 
_pdbx_struct_special_symmetry.label_seq_id    . 
# 
_pdbx_unobs_or_zero_occ_residues.id               1 
_pdbx_unobs_or_zero_occ_residues.PDB_model_num    1 
_pdbx_unobs_or_zero_occ_residues.polymer_flag     Y 
_pdbx_unobs_or_zero_occ_residues.occupancy_flag   1 
_pdbx_unobs_or_zero_occ_residues.auth_asym_id     A 
_pdbx_unobs_or_zero_occ_residues.auth_comp_id     GLY 
_pdbx_unobs_or_zero_occ_residues.auth_seq_id      748 
_pdbx_unobs_or_zero_occ_residues.PDB_ins_code     ? 
_pdbx_unobs_or_zero_occ_residues.label_asym_id    A 
_pdbx_unobs_or_zero_occ_residues.label_comp_id    GLY 
_pdbx_unobs_or_zero_occ_residues.label_seq_id     1 
# 
loop_
_chem_comp_atom.comp_id 
_chem_comp_atom.atom_id 
_chem_comp_atom.type_symbol 
_chem_comp_atom.pdbx_aromatic_flag 
_chem_comp_atom.pdbx_stereo_config 
_chem_comp_atom.pdbx_ordinal 
ALA N    N  N N 1   
ALA CA   C  N S 2   
ALA C    C  N N 3   
ALA O    O  N N 4   
ALA CB   C  N N 5   
ALA OXT  O  N N 6   
ALA H    H  N N 7   
ALA H2   H  N N 8   
ALA HA   H  N N 9   
ALA HB1  H  N N 10  
ALA HB2  H  N N 11  
ALA HB3  H  N N 12  
ALA HXT  H  N N 13  
ARG N    N  N N 14  
ARG CA   C  N S 15  
ARG C    C  N N 16  
ARG O    O  N N 17  
ARG CB   C  N N 18  
ARG CG   C  N N 19  
ARG CD   C  N N 20  
ARG NE   N  N N 21  
ARG CZ   C  N N 22  
ARG NH1  N  N N 23  
ARG NH2  N  N N 24  
ARG OXT  O  N N 25  
ARG H    H  N N 26  
ARG H2   H  N N 27  
ARG HA   H  N N 28  
ARG HB2  H  N N 29  
ARG HB3  H  N N 30  
ARG HG2  H  N N 31  
ARG HG3  H  N N 32  
ARG HD2  H  N N 33  
ARG HD3  H  N N 34  
ARG HE   H  N N 35  
ARG HH11 H  N N 36  
ARG HH12 H  N N 37  
ARG HH21 H  N N 38  
ARG HH22 H  N N 39  
ARG HXT  H  N N 40  
ASN N    N  N N 41  
ASN CA   C  N S 42  
ASN C    C  N N 43  
ASN O    O  N N 44  
ASN CB   C  N N 45  
ASN CG   C  N N 46  
ASN OD1  O  N N 47  
ASN ND2  N  N N 48  
ASN OXT  O  N N 49  
ASN H    H  N N 50  
ASN H2   H  N N 51  
ASN HA   H  N N 52  
ASN HB2  H  N N 53  
ASN HB3  H  N N 54  
ASN HD21 H  N N 55  
ASN HD22 H  N N 56  
ASN HXT  H  N N 57  
ASP N    N  N N 58  
ASP CA   C  N S 59  
ASP C    C  N N 60  
ASP O    O  N N 61  
ASP CB   C  N N 62  
ASP CG   C  N N 63  
ASP OD1  O  N N 64  
ASP OD2  O  N N 65  
ASP OXT  O  N N 66  
ASP H    H  N N 67  
ASP H2   H  N N 68  
ASP HA   H  N N 69  
ASP HB2  H  N N 70  
ASP HB3  H  N N 71  
ASP HD2  H  N N 72  
ASP HXT  H  N N 73  
GLN N    N  N N 74  
GLN CA   C  N S 75  
GLN C    C  N N 76  
GLN O    O  N N 77  
GLN CB   C  N N 78  
GLN CG   C  N N 79  
GLN CD   C  N N 80  
GLN OE1  O  N N 81  
GLN NE2  N  N N 82  
GLN OXT  O  N N 83  
GLN H    H  N N 84  
GLN H2   H  N N 85  
GLN HA   H  N N 86  
GLN HB2  H  N N 87  
GLN HB3  H  N N 88  
GLN HG2  H  N N 89  
GLN HG3  H  N N 90  
GLN HE21 H  N N 91  
GLN HE22 H  N N 92  
GLN HXT  H  N N 93  
GLU N    N  N N 94  
GLU CA   C  N S 95  
GLU C    C  N N 96  
GLU O    O  N N 97  
GLU CB   C  N N 98  
GLU CG   C  N N 99  
GLU CD   C  N N 100 
GLU OE1  O  N N 101 
GLU OE2  O  N N 102 
GLU OXT  O  N N 103 
GLU H    H  N N 104 
GLU H2   H  N N 105 
GLU HA   H  N N 106 
GLU HB2  H  N N 107 
GLU HB3  H  N N 108 
GLU HG2  H  N N 109 
GLU HG3  H  N N 110 
GLU HE2  H  N N 111 
GLU HXT  H  N N 112 
GLY N    N  N N 113 
GLY CA   C  N N 114 
GLY C    C  N N 115 
GLY O    O  N N 116 
GLY OXT  O  N N 117 
GLY H    H  N N 118 
GLY H2   H  N N 119 
GLY HA2  H  N N 120 
GLY HA3  H  N N 121 
GLY HXT  H  N N 122 
HIS N    N  N N 123 
HIS CA   C  N S 124 
HIS C    C  N N 125 
HIS O    O  N N 126 
HIS CB   C  N N 127 
HIS CG   C  Y N 128 
HIS ND1  N  Y N 129 
HIS CD2  C  Y N 130 
HIS CE1  C  Y N 131 
HIS NE2  N  Y N 132 
HIS OXT  O  N N 133 
HIS H    H  N N 134 
HIS H2   H  N N 135 
HIS HA   H  N N 136 
HIS HB2  H  N N 137 
HIS HB3  H  N N 138 
HIS HD1  H  N N 139 
HIS HD2  H  N N 140 
HIS HE1  H  N N 141 
HIS HE2  H  N N 142 
HIS HXT  H  N N 143 
HOH O    O  N N 144 
HOH H1   H  N N 145 
HOH H2   H  N N 146 
ILE N    N  N N 147 
ILE CA   C  N S 148 
ILE C    C  N N 149 
ILE O    O  N N 150 
ILE CB   C  N S 151 
ILE CG1  C  N N 152 
ILE CG2  C  N N 153 
ILE CD1  C  N N 154 
ILE OXT  O  N N 155 
ILE H    H  N N 156 
ILE H2   H  N N 157 
ILE HA   H  N N 158 
ILE HB   H  N N 159 
ILE HG12 H  N N 160 
ILE HG13 H  N N 161 
ILE HG21 H  N N 162 
ILE HG22 H  N N 163 
ILE HG23 H  N N 164 
ILE HD11 H  N N 165 
ILE HD12 H  N N 166 
ILE HD13 H  N N 167 
ILE HXT  H  N N 168 
LEU N    N  N N 169 
LEU CA   C  N S 170 
LEU C    C  N N 171 
LEU O    O  N N 172 
LEU CB   C  N N 173 
LEU CG   C  N N 174 
LEU CD1  C  N N 175 
LEU CD2  C  N N 176 
LEU OXT  O  N N 177 
LEU H    H  N N 178 
LEU H2   H  N N 179 
LEU HA   H  N N 180 
LEU HB2  H  N N 181 
LEU HB3  H  N N 182 
LEU HG   H  N N 183 
LEU HD11 H  N N 184 
LEU HD12 H  N N 185 
LEU HD13 H  N N 186 
LEU HD21 H  N N 187 
LEU HD22 H  N N 188 
LEU HD23 H  N N 189 
LEU HXT  H  N N 190 
LYS N    N  N N 191 
LYS CA   C  N S 192 
LYS C    C  N N 193 
LYS O    O  N N 194 
LYS CB   C  N N 195 
LYS CG   C  N N 196 
LYS CD   C  N N 197 
LYS CE   C  N N 198 
LYS NZ   N  N N 199 
LYS OXT  O  N N 200 
LYS H    H  N N 201 
LYS H2   H  N N 202 
LYS HA   H  N N 203 
LYS HB2  H  N N 204 
LYS HB3  H  N N 205 
LYS HG2  H  N N 206 
LYS HG3  H  N N 207 
LYS HD2  H  N N 208 
LYS HD3  H  N N 209 
LYS HE2  H  N N 210 
LYS HE3  H  N N 211 
LYS HZ1  H  N N 212 
LYS HZ2  H  N N 213 
LYS HZ3  H  N N 214 
LYS HXT  H  N N 215 
MSE N    N  N N 216 
MSE CA   C  N S 217 
MSE C    C  N N 218 
MSE O    O  N N 219 
MSE OXT  O  N N 220 
MSE CB   C  N N 221 
MSE CG   C  N N 222 
MSE SE   SE N N 223 
MSE CE   C  N N 224 
MSE H    H  N N 225 
MSE H2   H  N N 226 
MSE HA   H  N N 227 
MSE HXT  H  N N 228 
MSE HB2  H  N N 229 
MSE HB3  H  N N 230 
MSE HG2  H  N N 231 
MSE HG3  H  N N 232 
MSE HE1  H  N N 233 
MSE HE2  H  N N 234 
MSE HE3  H  N N 235 
PHE N    N  N N 236 
PHE CA   C  N S 237 
PHE C    C  N N 238 
PHE O    O  N N 239 
PHE CB   C  N N 240 
PHE CG   C  Y N 241 
PHE CD1  C  Y N 242 
PHE CD2  C  Y N 243 
PHE CE1  C  Y N 244 
PHE CE2  C  Y N 245 
PHE CZ   C  Y N 246 
PHE OXT  O  N N 247 
PHE H    H  N N 248 
PHE H2   H  N N 249 
PHE HA   H  N N 250 
PHE HB2  H  N N 251 
PHE HB3  H  N N 252 
PHE HD1  H  N N 253 
PHE HD2  H  N N 254 
PHE HE1  H  N N 255 
PHE HE2  H  N N 256 
PHE HZ   H  N N 257 
PHE HXT  H  N N 258 
PO4 P    P  N N 259 
PO4 O1   O  N N 260 
PO4 O2   O  N N 261 
PO4 O3   O  N N 262 
PO4 O4   O  N N 263 
PRO N    N  N N 264 
PRO CA   C  N S 265 
PRO C    C  N N 266 
PRO O    O  N N 267 
PRO CB   C  N N 268 
PRO CG   C  N N 269 
PRO CD   C  N N 270 
PRO OXT  O  N N 271 
PRO H    H  N N 272 
PRO HA   H  N N 273 
PRO HB2  H  N N 274 
PRO HB3  H  N N 275 
PRO HG2  H  N N 276 
PRO HG3  H  N N 277 
PRO HD2  H  N N 278 
PRO HD3  H  N N 279 
PRO HXT  H  N N 280 
SER N    N  N N 281 
SER CA   C  N S 282 
SER C    C  N N 283 
SER O    O  N N 284 
SER CB   C  N N 285 
SER OG   O  N N 286 
SER OXT  O  N N 287 
SER H    H  N N 288 
SER H2   H  N N 289 
SER HA   H  N N 290 
SER HB2  H  N N 291 
SER HB3  H  N N 292 
SER HG   H  N N 293 
SER HXT  H  N N 294 
THR N    N  N N 295 
THR CA   C  N S 296 
THR C    C  N N 297 
THR O    O  N N 298 
THR CB   C  N R 299 
THR OG1  O  N N 300 
THR CG2  C  N N 301 
THR OXT  O  N N 302 
THR H    H  N N 303 
THR H2   H  N N 304 
THR HA   H  N N 305 
THR HB   H  N N 306 
THR HG1  H  N N 307 
THR HG21 H  N N 308 
THR HG22 H  N N 309 
THR HG23 H  N N 310 
THR HXT  H  N N 311 
TYR N    N  N N 312 
TYR CA   C  N S 313 
TYR C    C  N N 314 
TYR O    O  N N 315 
TYR CB   C  N N 316 
TYR CG   C  Y N 317 
TYR CD1  C  Y N 318 
TYR CD2  C  Y N 319 
TYR CE1  C  Y N 320 
TYR CE2  C  Y N 321 
TYR CZ   C  Y N 322 
TYR OH   O  N N 323 
TYR OXT  O  N N 324 
TYR H    H  N N 325 
TYR H2   H  N N 326 
TYR HA   H  N N 327 
TYR HB2  H  N N 328 
TYR HB3  H  N N 329 
TYR HD1  H  N N 330 
TYR HD2  H  N N 331 
TYR HE1  H  N N 332 
TYR HE2  H  N N 333 
TYR HH   H  N N 334 
TYR HXT  H  N N 335 
VAL N    N  N N 336 
VAL CA   C  N S 337 
VAL C    C  N N 338 
VAL O    O  N N 339 
VAL CB   C  N N 340 
VAL CG1  C  N N 341 
VAL CG2  C  N N 342 
VAL OXT  O  N N 343 
VAL H    H  N N 344 
VAL H2   H  N N 345 
VAL HA   H  N N 346 
VAL HB   H  N N 347 
VAL HG11 H  N N 348 
VAL HG12 H  N N 349 
VAL HG13 H  N N 350 
VAL HG21 H  N N 351 
VAL HG22 H  N N 352 
VAL HG23 H  N N 353 
VAL HXT  H  N N 354 
# 
loop_
_chem_comp_bond.comp_id 
_chem_comp_bond.atom_id_1 
_chem_comp_bond.atom_id_2 
_chem_comp_bond.value_order 
_chem_comp_bond.pdbx_aromatic_flag 
_chem_comp_bond.pdbx_stereo_config 
_chem_comp_bond.pdbx_ordinal 
ALA N   CA   sing N N 1   
ALA N   H    sing N N 2   
ALA N   H2   sing N N 3   
ALA CA  C    sing N N 4   
ALA CA  CB   sing N N 5   
ALA CA  HA   sing N N 6   
ALA C   O    doub N N 7   
ALA C   OXT  sing N N 8   
ALA CB  HB1  sing N N 9   
ALA CB  HB2  sing N N 10  
ALA CB  HB3  sing N N 11  
ALA OXT HXT  sing N N 12  
ARG N   CA   sing N N 13  
ARG N   H    sing N N 14  
ARG N   H2   sing N N 15  
ARG CA  C    sing N N 16  
ARG CA  CB   sing N N 17  
ARG CA  HA   sing N N 18  
ARG C   O    doub N N 19  
ARG C   OXT  sing N N 20  
ARG CB  CG   sing N N 21  
ARG CB  HB2  sing N N 22  
ARG CB  HB3  sing N N 23  
ARG CG  CD   sing N N 24  
ARG CG  HG2  sing N N 25  
ARG CG  HG3  sing N N 26  
ARG CD  NE   sing N N 27  
ARG CD  HD2  sing N N 28  
ARG CD  HD3  sing N N 29  
ARG NE  CZ   sing N N 30  
ARG NE  HE   sing N N 31  
ARG CZ  NH1  sing N N 32  
ARG CZ  NH2  doub N N 33  
ARG NH1 HH11 sing N N 34  
ARG NH1 HH12 sing N N 35  
ARG NH2 HH21 sing N N 36  
ARG NH2 HH22 sing N N 37  
ARG OXT HXT  sing N N 38  
ASN N   CA   sing N N 39  
ASN N   H    sing N N 40  
ASN N   H2   sing N N 41  
ASN CA  C    sing N N 42  
ASN CA  CB   sing N N 43  
ASN CA  HA   sing N N 44  
ASN C   O    doub N N 45  
ASN C   OXT  sing N N 46  
ASN CB  CG   sing N N 47  
ASN CB  HB2  sing N N 48  
ASN CB  HB3  sing N N 49  
ASN CG  OD1  doub N N 50  
ASN CG  ND2  sing N N 51  
ASN ND2 HD21 sing N N 52  
ASN ND2 HD22 sing N N 53  
ASN OXT HXT  sing N N 54  
ASP N   CA   sing N N 55  
ASP N   H    sing N N 56  
ASP N   H2   sing N N 57  
ASP CA  C    sing N N 58  
ASP CA  CB   sing N N 59  
ASP CA  HA   sing N N 60  
ASP C   O    doub N N 61  
ASP C   OXT  sing N N 62  
ASP CB  CG   sing N N 63  
ASP CB  HB2  sing N N 64  
ASP CB  HB3  sing N N 65  
ASP CG  OD1  doub N N 66  
ASP CG  OD2  sing N N 67  
ASP OD2 HD2  sing N N 68  
ASP OXT HXT  sing N N 69  
GLN N   CA   sing N N 70  
GLN N   H    sing N N 71  
GLN N   H2   sing N N 72  
GLN CA  C    sing N N 73  
GLN CA  CB   sing N N 74  
GLN CA  HA   sing N N 75  
GLN C   O    doub N N 76  
GLN C   OXT  sing N N 77  
GLN CB  CG   sing N N 78  
GLN CB  HB2  sing N N 79  
GLN CB  HB3  sing N N 80  
GLN CG  CD   sing N N 81  
GLN CG  HG2  sing N N 82  
GLN CG  HG3  sing N N 83  
GLN CD  OE1  doub N N 84  
GLN CD  NE2  sing N N 85  
GLN NE2 HE21 sing N N 86  
GLN NE2 HE22 sing N N 87  
GLN OXT HXT  sing N N 88  
GLU N   CA   sing N N 89  
GLU N   H    sing N N 90  
GLU N   H2   sing N N 91  
GLU CA  C    sing N N 92  
GLU CA  CB   sing N N 93  
GLU CA  HA   sing N N 94  
GLU C   O    doub N N 95  
GLU C   OXT  sing N N 96  
GLU CB  CG   sing N N 97  
GLU CB  HB2  sing N N 98  
GLU CB  HB3  sing N N 99  
GLU CG  CD   sing N N 100 
GLU CG  HG2  sing N N 101 
GLU CG  HG3  sing N N 102 
GLU CD  OE1  doub N N 103 
GLU CD  OE2  sing N N 104 
GLU OE2 HE2  sing N N 105 
GLU OXT HXT  sing N N 106 
GLY N   CA   sing N N 107 
GLY N   H    sing N N 108 
GLY N   H2   sing N N 109 
GLY CA  C    sing N N 110 
GLY CA  HA2  sing N N 111 
GLY CA  HA3  sing N N 112 
GLY C   O    doub N N 113 
GLY C   OXT  sing N N 114 
GLY OXT HXT  sing N N 115 
HIS N   CA   sing N N 116 
HIS N   H    sing N N 117 
HIS N   H2   sing N N 118 
HIS CA  C    sing N N 119 
HIS CA  CB   sing N N 120 
HIS CA  HA   sing N N 121 
HIS C   O    doub N N 122 
HIS C   OXT  sing N N 123 
HIS CB  CG   sing N N 124 
HIS CB  HB2  sing N N 125 
HIS CB  HB3  sing N N 126 
HIS CG  ND1  sing Y N 127 
HIS CG  CD2  doub Y N 128 
HIS ND1 CE1  doub Y N 129 
HIS ND1 HD1  sing N N 130 
HIS CD2 NE2  sing Y N 131 
HIS CD2 HD2  sing N N 132 
HIS CE1 NE2  sing Y N 133 
HIS CE1 HE1  sing N N 134 
HIS NE2 HE2  sing N N 135 
HIS OXT HXT  sing N N 136 
HOH O   H1   sing N N 137 
HOH O   H2   sing N N 138 
ILE N   CA   sing N N 139 
ILE N   H    sing N N 140 
ILE N   H2   sing N N 141 
ILE CA  C    sing N N 142 
ILE CA  CB   sing N N 143 
ILE CA  HA   sing N N 144 
ILE C   O    doub N N 145 
ILE C   OXT  sing N N 146 
ILE CB  CG1  sing N N 147 
ILE CB  CG2  sing N N 148 
ILE CB  HB   sing N N 149 
ILE CG1 CD1  sing N N 150 
ILE CG1 HG12 sing N N 151 
ILE CG1 HG13 sing N N 152 
ILE CG2 HG21 sing N N 153 
ILE CG2 HG22 sing N N 154 
ILE CG2 HG23 sing N N 155 
ILE CD1 HD11 sing N N 156 
ILE CD1 HD12 sing N N 157 
ILE CD1 HD13 sing N N 158 
ILE OXT HXT  sing N N 159 
LEU N   CA   sing N N 160 
LEU N   H    sing N N 161 
LEU N   H2   sing N N 162 
LEU CA  C    sing N N 163 
LEU CA  CB   sing N N 164 
LEU CA  HA   sing N N 165 
LEU C   O    doub N N 166 
LEU C   OXT  sing N N 167 
LEU CB  CG   sing N N 168 
LEU CB  HB2  sing N N 169 
LEU CB  HB3  sing N N 170 
LEU CG  CD1  sing N N 171 
LEU CG  CD2  sing N N 172 
LEU CG  HG   sing N N 173 
LEU CD1 HD11 sing N N 174 
LEU CD1 HD12 sing N N 175 
LEU CD1 HD13 sing N N 176 
LEU CD2 HD21 sing N N 177 
LEU CD2 HD22 sing N N 178 
LEU CD2 HD23 sing N N 179 
LEU OXT HXT  sing N N 180 
LYS N   CA   sing N N 181 
LYS N   H    sing N N 182 
LYS N   H2   sing N N 183 
LYS CA  C    sing N N 184 
LYS CA  CB   sing N N 185 
LYS CA  HA   sing N N 186 
LYS C   O    doub N N 187 
LYS C   OXT  sing N N 188 
LYS CB  CG   sing N N 189 
LYS CB  HB2  sing N N 190 
LYS CB  HB3  sing N N 191 
LYS CG  CD   sing N N 192 
LYS CG  HG2  sing N N 193 
LYS CG  HG3  sing N N 194 
LYS CD  CE   sing N N 195 
LYS CD  HD2  sing N N 196 
LYS CD  HD3  sing N N 197 
LYS CE  NZ   sing N N 198 
LYS CE  HE2  sing N N 199 
LYS CE  HE3  sing N N 200 
LYS NZ  HZ1  sing N N 201 
LYS NZ  HZ2  sing N N 202 
LYS NZ  HZ3  sing N N 203 
LYS OXT HXT  sing N N 204 
MSE N   CA   sing N N 205 
MSE N   H    sing N N 206 
MSE N   H2   sing N N 207 
MSE CA  C    sing N N 208 
MSE CA  CB   sing N N 209 
MSE CA  HA   sing N N 210 
MSE C   O    doub N N 211 
MSE C   OXT  sing N N 212 
MSE OXT HXT  sing N N 213 
MSE CB  CG   sing N N 214 
MSE CB  HB2  sing N N 215 
MSE CB  HB3  sing N N 216 
MSE CG  SE   sing N N 217 
MSE CG  HG2  sing N N 218 
MSE CG  HG3  sing N N 219 
MSE SE  CE   sing N N 220 
MSE CE  HE1  sing N N 221 
MSE CE  HE2  sing N N 222 
MSE CE  HE3  sing N N 223 
PHE N   CA   sing N N 224 
PHE N   H    sing N N 225 
PHE N   H2   sing N N 226 
PHE CA  C    sing N N 227 
PHE CA  CB   sing N N 228 
PHE CA  HA   sing N N 229 
PHE C   O    doub N N 230 
PHE C   OXT  sing N N 231 
PHE CB  CG   sing N N 232 
PHE CB  HB2  sing N N 233 
PHE CB  HB3  sing N N 234 
PHE CG  CD1  doub Y N 235 
PHE CG  CD2  sing Y N 236 
PHE CD1 CE1  sing Y N 237 
PHE CD1 HD1  sing N N 238 
PHE CD2 CE2  doub Y N 239 
PHE CD2 HD2  sing N N 240 
PHE CE1 CZ   doub Y N 241 
PHE CE1 HE1  sing N N 242 
PHE CE2 CZ   sing Y N 243 
PHE CE2 HE2  sing N N 244 
PHE CZ  HZ   sing N N 245 
PHE OXT HXT  sing N N 246 
PO4 P   O1   doub N N 247 
PO4 P   O2   sing N N 248 
PO4 P   O3   sing N N 249 
PO4 P   O4   sing N N 250 
PRO N   CA   sing N N 251 
PRO N   CD   sing N N 252 
PRO N   H    sing N N 253 
PRO CA  C    sing N N 254 
PRO CA  CB   sing N N 255 
PRO CA  HA   sing N N 256 
PRO C   O    doub N N 257 
PRO C   OXT  sing N N 258 
PRO CB  CG   sing N N 259 
PRO CB  HB2  sing N N 260 
PRO CB  HB3  sing N N 261 
PRO CG  CD   sing N N 262 
PRO CG  HG2  sing N N 263 
PRO CG  HG3  sing N N 264 
PRO CD  HD2  sing N N 265 
PRO CD  HD3  sing N N 266 
PRO OXT HXT  sing N N 267 
SER N   CA   sing N N 268 
SER N   H    sing N N 269 
SER N   H2   sing N N 270 
SER CA  C    sing N N 271 
SER CA  CB   sing N N 272 
SER CA  HA   sing N N 273 
SER C   O    doub N N 274 
SER C   OXT  sing N N 275 
SER CB  OG   sing N N 276 
SER CB  HB2  sing N N 277 
SER CB  HB3  sing N N 278 
SER OG  HG   sing N N 279 
SER OXT HXT  sing N N 280 
THR N   CA   sing N N 281 
THR N   H    sing N N 282 
THR N   H2   sing N N 283 
THR CA  C    sing N N 284 
THR CA  CB   sing N N 285 
THR CA  HA   sing N N 286 
THR C   O    doub N N 287 
THR C   OXT  sing N N 288 
THR CB  OG1  sing N N 289 
THR CB  CG2  sing N N 290 
THR CB  HB   sing N N 291 
THR OG1 HG1  sing N N 292 
THR CG2 HG21 sing N N 293 
THR CG2 HG22 sing N N 294 
THR CG2 HG23 sing N N 295 
THR OXT HXT  sing N N 296 
TYR N   CA   sing N N 297 
TYR N   H    sing N N 298 
TYR N   H2   sing N N 299 
TYR CA  C    sing N N 300 
TYR CA  CB   sing N N 301 
TYR CA  HA   sing N N 302 
TYR C   O    doub N N 303 
TYR C   OXT  sing N N 304 
TYR CB  CG   sing N N 305 
TYR CB  HB2  sing N N 306 
TYR CB  HB3  sing N N 307 
TYR CG  CD1  doub Y N 308 
TYR CG  CD2  sing Y N 309 
TYR CD1 CE1  sing Y N 310 
TYR CD1 HD1  sing N N 311 
TYR CD2 CE2  doub Y N 312 
TYR CD2 HD2  sing N N 313 
TYR CE1 CZ   doub Y N 314 
TYR CE1 HE1  sing N N 315 
TYR CE2 CZ   sing Y N 316 
TYR CE2 HE2  sing N N 317 
TYR CZ  OH   sing N N 318 
TYR OH  HH   sing N N 319 
TYR OXT HXT  sing N N 320 
VAL N   CA   sing N N 321 
VAL N   H    sing N N 322 
VAL N   H2   sing N N 323 
VAL CA  C    sing N N 324 
VAL CA  CB   sing N N 325 
VAL CA  HA   sing N N 326 
VAL C   O    doub N N 327 
VAL C   OXT  sing N N 328 
VAL CB  CG1  sing N N 329 
VAL CB  CG2  sing N N 330 
VAL CB  HB   sing N N 331 
VAL CG1 HG11 sing N N 332 
VAL CG1 HG12 sing N N 333 
VAL CG1 HG13 sing N N 334 
VAL CG2 HG21 sing N N 335 
VAL CG2 HG22 sing N N 336 
VAL CG2 HG23 sing N N 337 
VAL OXT HXT  sing N N 338 
# 
_atom_sites.entry_id                    2RHF 
_atom_sites.fract_transf_matrix[1][1]   -0.01868798 
_atom_sites.fract_transf_matrix[1][2]   0.00147733 
_atom_sites.fract_transf_matrix[1][3]   0.00699551 
_atom_sites.fract_transf_matrix[2][1]   0.00137020 
_atom_sites.fract_transf_matrix[2][2]   -0.01847434 
_atom_sites.fract_transf_matrix[2][3]   0.00756184 
_atom_sites.fract_transf_matrix[3][1]   0.00419444 
_atom_sites.fract_transf_matrix[3][2]   0.00450787 
_atom_sites.fract_transf_matrix[3][3]   0.01025316 
_atom_sites.fract_transf_vector[1]      1.049856 
_atom_sites.fract_transf_vector[2]      0.367218 
_atom_sites.fract_transf_vector[3]      0.404400 
# 
loop_
_atom_type.symbol 
C  
N  
O  
P  
SE 
# 
loop_
_atom_site.group_PDB 
_atom_site.id 
_atom_site.type_symbol 
_atom_site.label_atom_id 
_atom_site.label_alt_id 
_atom_site.label_comp_id 
_atom_site.label_asym_id 
_atom_site.label_entity_id 
_atom_site.label_seq_id 
_atom_site.pdbx_PDB_ins_code 
_atom_site.Cartn_x 
_atom_site.Cartn_y 
_atom_site.Cartn_z 
_atom_site.occupancy 
_atom_site.B_iso_or_equiv 
_atom_site.pdbx_formal_charge 
_atom_site.auth_seq_id 
_atom_site.auth_comp_id 
_atom_site.auth_asym_id 
_atom_site.auth_atom_id 
_atom_site.pdbx_PDB_model_num 
ATOM   1   N  N   . SER A 1 2  ? 8.848   10.157  3.830   1.00 18.96 ? 749 SER A N   1 
ATOM   2   C  CA  . SER A 1 2  ? 8.085   10.646  2.640   1.00 22.62 ? 749 SER A CA  1 
ATOM   3   C  C   . SER A 1 2  ? 9.030   10.594  1.530   1.00 22.73 ? 749 SER A C   1 
ATOM   4   O  O   . SER A 1 2  ? 8.692   10.823  0.369   1.00 25.00 ? 749 SER A O   1 
ATOM   5   C  CB  . SER A 1 2  ? 7.590   12.084  2.815   1.00 23.26 ? 749 SER A CB  1 
ATOM   6   O  OG  . SER A 1 2  ? 7.271   12.660  1.539   1.00 25.13 ? 749 SER A OG  1 
ATOM   7   N  N   . HIS A 1 3  ? 10.257  10.329  1.870   1.00 22.90 ? 750 HIS A N   1 
ATOM   8   C  CA  . HIS A 1 3  ? 11.094  9.865   0.882   1.00 20.90 ? 750 HIS A CA  1 
ATOM   9   C  C   . HIS A 1 3  ? 10.552  8.547   0.303   1.00 18.06 ? 750 HIS A C   1 
ATOM   10  O  O   . HIS A 1 3  ? 9.846   7.703   0.958   1.00 16.19 ? 750 HIS A O   1 
ATOM   11  C  CB  A HIS A 1 3  ? 12.589  10.038  1.271   0.50 21.02 ? 750 HIS A CB  1 
ATOM   12  C  CB  B HIS A 1 3  ? 12.553  9.781   1.332   0.50 21.31 ? 750 HIS A CB  1 
ATOM   13  C  CG  A HIS A 1 3  ? 13.423  8.789   1.246   0.50 21.83 ? 750 HIS A CG  1 
ATOM   14  C  CG  B HIS A 1 3  ? 13.445  10.823  0.699   0.50 23.03 ? 750 HIS A CG  1 
ATOM   15  N  ND1 A HIS A 1 3  ? 12.888  7.521   1.215   0.50 21.51 ? 750 HIS A ND1 1 
ATOM   16  N  ND1 B HIS A 1 3  ? 14.819  10.703  0.663   0.50 23.34 ? 750 HIS A ND1 1 
ATOM   17  C  CD2 A HIS A 1 3  ? 14.772  8.632   1.303   0.50 23.87 ? 750 HIS A CD2 1 
ATOM   18  C  CD2 B HIS A 1 3  ? 13.153  11.984  0.062   0.50 24.53 ? 750 HIS A CD2 1 
ATOM   19  C  CE1 A HIS A 1 3  ? 13.869  6.635   1.223   0.50 24.18 ? 750 HIS A CE1 1 
ATOM   20  C  CE1 B HIS A 1 3  ? 15.332  11.751  0.043   0.50 24.83 ? 750 HIS A CE1 1 
ATOM   21  N  NE2 A HIS A 1 3  ? 15.022  7.283   1.280   0.50 24.84 ? 750 HIS A NE2 1 
ATOM   22  N  NE2 B HIS A 1 3  ? 14.343  12.540  -0.337  0.50 25.52 ? 750 HIS A NE2 1 
ATOM   23  N  N   . ASN A 1 4  ? 10.633  8.544   -1.000  1.00 15.86 ? 751 ASN A N   1 
ATOM   24  C  CA  . ASN A 1 4  ? 10.059  7.520   -1.807  1.00 14.64 ? 751 ASN A CA  1 
ATOM   25  C  C   . ASN A 1 4  ? 10.591  6.149   -1.435  1.00 14.07 ? 751 ASN A C   1 
ATOM   26  O  O   . ASN A 1 4  ? 9.822   5.198   -1.356  1.00 13.24 ? 751 ASN A O   1 
ATOM   27  C  CB  . ASN A 1 4  ? 10.329  7.830   -3.271  1.00 15.16 ? 751 ASN A CB  1 
ATOM   28  C  CG  . ASN A 1 4  ? 9.592   6.899   -4.179  1.00 14.81 ? 751 ASN A CG  1 
ATOM   29  O  OD1 . ASN A 1 4  ? 10.008  5.755   -4.380  1.00 17.26 ? 751 ASN A OD1 1 
ATOM   30  N  ND2 . ASN A 1 4  ? 8.490   7.371   -4.742  1.00 17.16 ? 751 ASN A ND2 1 
ATOM   31  N  N   . ALA A 1 5  ? 11.895  6.044   -1.189  1.00 13.68 ? 752 ALA A N   1 
ATOM   32  C  CA  . ALA A 1 5  ? 12.493  4.771   -0.824  1.00 13.72 ? 752 ALA A CA  1 
ATOM   33  C  C   . ALA A 1 5  ? 11.952  4.286   0.525   1.00 12.91 ? 752 ALA A C   1 
ATOM   34  O  O   . ALA A 1 5  ? 11.668  3.105   0.691   1.00 12.75 ? 752 ALA A O   1 
ATOM   35  C  CB  . ALA A 1 5  ? 14.020  4.874   -0.795  1.00 15.04 ? 752 ALA A CB  1 
ATOM   36  N  N   . ASP A 1 6  ? 11.778  5.203   1.476   1.00 12.58 ? 753 ASP A N   1 
ATOM   37  C  CA  . ASP A 1 6  ? 11.249  4.843   2.784   1.00 12.71 ? 753 ASP A CA  1 
ATOM   38  C  C   . ASP A 1 6  ? 9.809   4.351   2.684   1.00 11.39 ? 753 ASP A C   1 
ATOM   39  O  O   . ASP A 1 6  ? 9.445   3.352   3.298   1.00 11.33 ? 753 ASP A O   1 
ATOM   40  C  CB  . ASP A 1 6  ? 11.360  6.020   3.754   1.00 13.84 ? 753 ASP A CB  1 
ATOM   41  C  CG  . ASP A 1 6  ? 12.800  6.319   4.152   1.00 16.05 ? 753 ASP A CG  1 
ATOM   42  O  OD1 . ASP A 1 6  ? 13.694  5.483   3.876   1.00 18.13 ? 753 ASP A OD1 1 
ATOM   43  O  OD2 . ASP A 1 6  ? 13.025  7.396   4.742   1.00 19.74 ? 753 ASP A OD2 1 
ATOM   44  N  N   . LEU A 1 7  ? 8.990   5.051   1.908   1.00 10.57 ? 754 LEU A N   1 
ATOM   45  C  CA  . LEU A 1 7  ? 7.608   4.630   1.680   1.00 10.61 ? 754 LEU A CA  1 
ATOM   46  C  C   . LEU A 1 7  ? 7.572   3.283   0.982   1.00 9.96  ? 754 LEU A C   1 
ATOM   47  O  O   . LEU A 1 7  ? 6.787   2.401   1.354   1.00 9.73  ? 754 LEU A O   1 
ATOM   48  C  CB  . LEU A 1 7  ? 6.875   5.680   0.853   1.00 10.80 ? 754 LEU A CB  1 
ATOM   49  C  CG  . LEU A 1 7  ? 6.551   6.974   1.598   1.00 11.31 ? 754 LEU A CG  1 
ATOM   50  C  CD1 . LEU A 1 7  ? 6.192   8.085   0.620   1.00 12.80 ? 754 LEU A CD1 1 
ATOM   51  C  CD2 . LEU A 1 7  ? 5.421   6.749   2.604   1.00 12.26 ? 754 LEU A CD2 1 
ATOM   52  N  N   . SER A 1 8  ? 8.413   3.124   -0.039  1.00 10.17 ? 755 SER A N   1 
ATOM   53  C  CA  . SER A 1 8  ? 8.439   1.886   -0.807  1.00 10.68 ? 755 SER A CA  1 
ATOM   54  C  C   . SER A 1 8  ? 8.825   0.696   0.068   1.00 10.56 ? 755 SER A C   1 
ATOM   55  O  O   . SER A 1 8  ? 8.234   -0.371  -0.054  1.00 10.57 ? 755 SER A O   1 
ATOM   56  C  CB  . SER A 1 8  ? 9.403   2.010   -1.986  1.00 11.27 ? 755 SER A CB  1 
ATOM   57  O  OG  . SER A 1 8  ? 8.965   3.005   -2.897  1.00 12.53 ? 755 SER A OG  1 
ATOM   58  N  N   . GLU A 1 9  ? 9.794   0.900   0.958   1.00 11.07 ? 756 GLU A N   1 
ATOM   59  C  CA  . GLU A 1 9  ? 10.201  -0.150  1.889   1.00 12.64 ? 756 GLU A CA  1 
ATOM   60  C  C   . GLU A 1 9  ? 9.057   -0.542  2.825   1.00 10.68 ? 756 GLU A C   1 
ATOM   61  O  O   . GLU A 1 9  ? 8.807   -1.729  3.032   1.00 10.79 ? 756 GLU A O   1 
ATOM   62  C  CB  . GLU A 1 9  ? 11.424  0.275   2.722   1.00 13.50 ? 756 GLU A CB  1 
ATOM   63  C  CG  . GLU A 1 9  ? 11.744  -0.728  3.867   1.00 17.59 ? 756 GLU A CG  1 
ATOM   64  C  CD  . GLU A 1 9  ? 12.858  -0.280  4.820   1.00 17.93 ? 756 GLU A CD  1 
ATOM   65  O  OE1 . GLU A 1 9  ? 13.653  0.607   4.453   1.00 23.31 ? 756 GLU A OE1 1 
ATOM   66  O  OE2 . GLU A 1 9  ? 12.951  -0.835  5.949   1.00 21.40 ? 756 GLU A OE2 1 
ATOM   67  N  N   . ALA A 1 10 ? 8.371   0.451   3.401   1.00 10.20 ? 757 ALA A N   1 
ATOM   68  C  CA  . ALA A 1 10 ? 7.259   0.154   4.300   1.00 10.11 ? 757 ALA A CA  1 
ATOM   69  C  C   . ALA A 1 10 ? 6.167   -0.594  3.560   1.00 9.15  ? 757 ALA A C   1 
ATOM   70  O  O   . ALA A 1 10 ? 5.573   -1.526  4.103   1.00 9.31  ? 757 ALA A O   1 
ATOM   71  C  CB  . ALA A 1 10 ? 6.719   1.417   4.915   1.00 10.59 ? 757 ALA A CB  1 
ATOM   72  N  N   . LEU A 1 11 ? 5.901   -0.201  2.319   1.00 8.93  ? 758 LEU A N   1 
ATOM   73  C  CA  . LEU A 1 11 ? 4.878   -0.880  1.546   1.00 9.03  ? 758 LEU A CA  1 
ATOM   74  C  C   . LEU A 1 11 ? 5.279   -2.319  1.195   1.00 8.86  ? 758 LEU A C   1 
ATOM   75  O  O   . LEU A 1 11 ? 4.434   -3.212  1.205   1.00 8.86  ? 758 LEU A O   1 
ATOM   76  C  CB  . LEU A 1 11 ? 4.531   -0.078  0.305   1.00 9.54  ? 758 LEU A CB  1 
ATOM   77  C  CG  . LEU A 1 11 ? 3.807   1.239   0.604   1.00 9.84  ? 758 LEU A CG  1 
ATOM   78  C  CD1 . LEU A 1 11 ? 3.892   2.155   -0.603  1.00 12.31 ? 758 LEU A CD1 1 
ATOM   79  C  CD2 . LEU A 1 11 ? 2.356   1.009   1.023   1.00 11.34 ? 758 LEU A CD2 1 
ATOM   80  N  N   . ARG A 1 12 ? 6.562   -2.548  0.921   1.00 9.19  ? 759 ARG A N   1 
ATOM   81  C  CA  . ARG A 1 12 ? 7.042   -3.911  0.711   1.00 9.83  ? 759 ARG A CA  1 
ATOM   82  C  C   . ARG A 1 12 ? 6.927   -4.745  1.986   1.00 9.56  ? 759 ARG A C   1 
ATOM   83  O  O   . ARG A 1 12 ? 6.570   -5.925  1.937   1.00 9.63  ? 759 ARG A O   1 
ATOM   84  C  CB  . ARG A 1 12 ? 8.489   -3.912  0.223   1.00 10.85 ? 759 ARG A CB  1 
ATOM   85  C  CG  . ARG A 1 12 ? 8.618   -3.602  -1.250  1.00 11.89 ? 759 ARG A CG  1 
ATOM   86  C  CD  . ARG A 1 12 ? 10.019  -3.871  -1.806  1.00 14.12 ? 759 ARG A CD  1 
ATOM   87  N  NE  . ARG A 1 12 ? 9.949   -3.814  -3.268  1.00 15.93 ? 759 ARG A NE  1 
ATOM   88  C  CZ  . ARG A 1 12 ? 9.984   -2.689  -3.984  1.00 16.65 ? 759 ARG A CZ  1 
ATOM   89  N  NH1 . ARG A 1 12 ? 10.168  -1.517  -3.394  1.00 17.50 ? 759 ARG A NH1 1 
ATOM   90  N  NH2 . ARG A 1 12 ? 9.854   -2.737  -5.302  1.00 18.65 ? 759 ARG A NH2 1 
ATOM   91  N  N   . GLU A 1 13 ? 7.235   -4.134  3.131   1.00 9.27  ? 760 GLU A N   1 
ATOM   92  C  CA  . GLU A 1 13 ? 7.103   -4.802  4.425   1.00 9.94  ? 760 GLU A CA  1 
ATOM   93  C  C   . GLU A 1 13 ? 5.645   -5.129  4.708   1.00 9.20  ? 760 GLU A C   1 
ATOM   94  O  O   . GLU A 1 13 ? 5.319   -6.227  5.171   1.00 9.66  ? 760 GLU A O   1 
ATOM   95  C  CB  . GLU A 1 13 ? 7.707   -3.930  5.529   1.00 9.86  ? 760 GLU A CB  1 
ATOM   96  C  CG  . GLU A 1 13 ? 9.235   -3.878  5.428   1.00 11.00 ? 760 GLU A CG  1 
ATOM   97  C  CD  . GLU A 1 13 ? 9.895   -2.776  6.248   1.00 11.70 ? 760 GLU A CD  1 
ATOM   98  O  OE1 . GLU A 1 13 ? 9.211   -1.863  6.753   1.00 12.46 ? 760 GLU A OE1 1 
ATOM   99  O  OE2 . GLU A 1 13 ? 11.141  -2.819  6.366   1.00 14.64 ? 760 GLU A OE2 1 
ATOM   100 N  N   . LEU A 1 14 ? 4.756   -4.185  4.428   1.00 8.79  ? 761 LEU A N   1 
ATOM   101 C  CA  . LEU A 1 14 ? 3.325   -4.430  4.587   1.00 8.70  ? 761 LEU A CA  1 
ATOM   102 C  C   . LEU A 1 14 ? 2.889   -5.574  3.679   1.00 8.44  ? 761 LEU A C   1 
ATOM   103 O  O   . LEU A 1 14 ? 2.162   -6.487  4.103   1.00 8.87  ? 761 LEU A O   1 
ATOM   104 C  CB  . LEU A 1 14 ? 2.521   -3.183  4.269   1.00 8.92  ? 761 LEU A CB  1 
ATOM   105 C  CG  . LEU A 1 14 ? 1.009   -3.415  4.207   1.00 9.02  ? 761 LEU A CG  1 
ATOM   106 C  CD1 . LEU A 1 14 ? 0.439   -3.910  5.536   1.00 9.93  ? 761 LEU A CD1 1 
ATOM   107 C  CD2 . LEU A 1 14 ? 0.304   -2.168  3.760   1.00 10.35 ? 761 LEU A CD2 1 
ATOM   108 N  N   . ARG A 1 15 ? 3.307   -5.529  2.421   1.00 8.66  ? 762 ARG A N   1 
ATOM   109 C  CA  . ARG A 1 15 ? 2.914   -6.563  1.473   1.00 9.25  ? 762 ARG A CA  1 
ATOM   110 C  C   . ARG A 1 15 ? 3.328   -7.957  1.975   1.00 9.34  ? 762 ARG A C   1 
ATOM   111 O  O   . ARG A 1 15 ? 2.545   -8.904  1.881   1.00 9.92  ? 762 ARG A O   1 
ATOM   112 C  CB  . ARG A 1 15 ? 3.472   -6.253  0.092   1.00 9.17  ? 762 ARG A CB  1 
ATOM   113 C  CG  . ARG A 1 15 ? 3.018   -7.246  -0.990  1.00 9.55  ? 762 ARG A CG  1 
ATOM   114 C  CD  . ARG A 1 15 ? 3.294   -6.737  -2.379  1.00 10.27 ? 762 ARG A CD  1 
ATOM   115 N  NE  . ARG A 1 15 ? 4.727   -6.586  -2.632  1.00 9.65  ? 762 ARG A NE  1 
ATOM   116 C  CZ  . ARG A 1 15 ? 5.237   -6.116  -3.765  1.00 9.82  ? 762 ARG A CZ  1 
ATOM   117 N  NH1 . ARG A 1 15 ? 4.434   -5.756  -4.768  1.00 10.35 ? 762 ARG A NH1 1 
ATOM   118 N  NH2 . ARG A 1 15 ? 6.539   -6.017  -3.908  1.00 11.23 ? 762 ARG A NH2 1 
ATOM   119 N  N   . ARG A 1 16 ? 4.526   -8.071  2.557   1.00 9.90  ? 763 ARG A N   1 
ATOM   120 C  CA  . ARG A 1 16 ? 4.959   -9.353  3.135   1.00 10.90 ? 763 ARG A CA  1 
ATOM   121 C  C   . ARG A 1 16 ? 4.077   -9.809  4.293   1.00 10.55 ? 763 ARG A C   1 
ATOM   122 O  O   . ARG A 1 16 ? 3.792   -10.999 4.415   1.00 11.60 ? 763 ARG A O   1 
ATOM   123 C  CB  . ARG A 1 16 ? 6.425   -9.306  3.542   1.00 12.09 ? 763 ARG A CB  1 
ATOM   124 C  CG  . ARG A 1 16 ? 7.378   -9.214  2.377   1.00 14.40 ? 763 ARG A CG  1 
ATOM   125 C  CD  . ARG A 1 16 ? 8.820   -8.983  2.845   1.00 20.69 ? 763 ARG A CD  1 
ATOM   126 N  NE  . ARG A 1 16 ? 9.625   -8.396  1.772   1.00 23.21 ? 763 ARG A NE  1 
ATOM   127 C  CZ  . ARG A 1 16 ? 10.347  -7.284  1.878   1.00 23.82 ? 763 ARG A CZ  1 
ATOM   128 N  NH1 . ARG A 1 16 ? 10.418  -6.615  3.033   1.00 23.71 ? 763 ARG A NH1 1 
ATOM   129 N  NH2 . ARG A 1 16 ? 11.030  -6.850  0.828   1.00 25.95 ? 763 ARG A NH2 1 
ATOM   130 N  N   . GLU A 1 17 ? 3.634   -8.870  5.136   1.00 10.43 ? 764 GLU A N   1 
ATOM   131 C  CA  . GLU A 1 17 ? 2.698   -9.213  6.217   1.00 11.08 ? 764 GLU A CA  1 
ATOM   132 C  C   . GLU A 1 17 ? 1.392   -9.739  5.644   1.00 11.19 ? 764 GLU A C   1 
ATOM   133 O  O   . GLU A 1 17 ? 0.848   -10.745 6.111   1.00 12.12 ? 764 GLU A O   1 
ATOM   134 C  CB  . GLU A 1 17 ? 2.407   -8.000  7.099   1.00 11.10 ? 764 GLU A CB  1 
ATOM   135 C  CG  . GLU A 1 17 ? 3.617   -7.486  7.840   1.00 11.69 ? 764 GLU A CG  1 
ATOM   136 C  CD  . GLU A 1 17 ? 3.359   -6.212  8.635   1.00 12.84 ? 764 GLU A CD  1 
ATOM   137 O  OE1 . GLU A 1 17 ? 2.272   -5.605  8.517   1.00 14.50 ? 764 GLU A OE1 1 
ATOM   138 O  OE2 . GLU A 1 17 ? 4.281   -5.825  9.395   1.00 14.17 ? 764 GLU A OE2 1 
ATOM   139 N  N   . LEU A 1 18 ? 0.870   -9.044  4.636   1.00 10.68 ? 765 LEU A N   1 
ATOM   140 C  CA  . LEU A 1 18 ? -0.392  -9.429  4.024   1.00 11.19 ? 765 LEU A CA  1 
ATOM   141 C  C   . LEU A 1 18 ? -0.290  -10.780 3.322   1.00 11.35 ? 765 LEU A C   1 
ATOM   142 O  O   . LEU A 1 18 ? -1.216  -11.588 3.373   1.00 12.21 ? 765 LEU A O   1 
ATOM   143 C  CB  . LEU A 1 18 ? -0.869  -8.344  3.063   1.00 10.96 ? 765 LEU A CB  1 
ATOM   144 C  CG  . LEU A 1 18 ? -1.186  -6.991  3.724   1.00 10.89 ? 765 LEU A CG  1 
ATOM   145 C  CD1 . LEU A 1 18 ? -1.473  -5.958  2.659   1.00 11.20 ? 765 LEU A CD1 1 
ATOM   146 C  CD2 . LEU A 1 18 ? -2.338  -7.079  4.725   1.00 11.89 ? 765 LEU A CD2 1 
HETATM 147 N  N   . MSE A 1 19 ? 0.849   -11.037 2.691   1.00 11.13 ? 766 MSE A N   1 
HETATM 148 C  CA  . MSE A 1 19 ? 1.108   -12.352 2.082   1.00 12.53 ? 766 MSE A CA  1 
HETATM 149 C  C   . MSE A 1 19 ? 1.027   -13.464 3.134   1.00 13.40 ? 766 MSE A C   1 
HETATM 150 O  O   . MSE A 1 19 ? 0.406   -14.509 2.917   1.00 14.23 ? 766 MSE A O   1 
HETATM 151 C  CB  . MSE A 1 19 ? 2.494   -12.374 1.455   1.00 11.98 ? 766 MSE A CB  1 
HETATM 152 C  CG  . MSE A 1 19 ? 2.646   -11.556 0.181   1.00 12.10 ? 766 MSE A CG  1 
HETATM 153 SE SE  . MSE A 1 19 ? 4.502   -11.345 -0.296  1.00 15.65 ? 766 MSE A SE  1 
HETATM 154 C  CE  . MSE A 1 19 ? 4.967   -13.215 -0.570  1.00 16.35 ? 766 MSE A CE  1 
ATOM   155 N  N   . LYS A 1 20 ? 1.664   -13.237 4.279   1.00 14.02 ? 767 LYS A N   1 
ATOM   156 C  CA  . LYS A 1 20 ? 1.682   -14.225 5.355   1.00 16.15 ? 767 LYS A CA  1 
ATOM   157 C  C   . LYS A 1 20 ? 0.263   -14.469 5.882   1.00 15.79 ? 767 LYS A C   1 
ATOM   158 O  O   . LYS A 1 20 ? -0.133  -15.625 6.123   1.00 17.06 ? 767 LYS A O   1 
ATOM   159 C  CB  . LYS A 1 20 ? 2.628   -13.767 6.479   1.00 16.31 ? 767 LYS A CB  1 
ATOM   160 C  CG  . LYS A 1 20 ? 2.748   -14.731 7.669   1.00 18.43 ? 767 LYS A CG  1 
ATOM   161 C  CD  . LYS A 1 20 ? 3.564   -14.107 8.813   1.00 20.12 ? 767 LYS A CD  1 
ATOM   162 C  CE  . LYS A 1 20 ? 3.468   -14.939 10.096  1.00 23.92 ? 767 LYS A CE  1 
ATOM   163 N  NZ  . LYS A 1 20 ? 3.904   -14.189 11.317  1.00 26.45 ? 767 LYS A NZ  1 
ATOM   164 N  N   . GLU A 1 21 ? -0.513  -13.398 6.026   1.00 15.46 ? 768 GLU A N   1 
ATOM   165 C  CA  . GLU A 1 21 ? -1.868  -13.464 6.586   1.00 16.03 ? 768 GLU A CA  1 
ATOM   166 C  C   . GLU A 1 21 ? -2.869  -14.134 5.662   1.00 16.18 ? 768 GLU A C   1 
ATOM   167 O  O   . GLU A 1 21 ? -3.760  -14.863 6.123   1.00 17.61 ? 768 GLU A O   1 
ATOM   168 C  CB  . GLU A 1 21 ? -2.352  -12.067 6.955   1.00 16.30 ? 768 GLU A CB  1 
ATOM   169 C  CG  . GLU A 1 21 ? -1.589  -11.460 8.125   1.00 16.64 ? 768 GLU A CG  1 
ATOM   170 C  CD  . GLU A 1 21 ? -1.695  -9.942  8.197   1.00 17.46 ? 768 GLU A CD  1 
ATOM   171 O  OE1 . GLU A 1 21 ? -2.636  -9.371  7.609   1.00 19.51 ? 768 GLU A OE1 1 
ATOM   172 O  OE2 . GLU A 1 21 ? -0.829  -9.321  8.857   1.00 18.85 ? 768 GLU A OE2 1 
ATOM   173 N  N   . THR A 1 22 ? -2.712  -13.910 4.362   1.00 15.78 ? 769 THR A N   1 
ATOM   174 C  CA  . THR A 1 22 ? -3.679  -14.374 3.378   1.00 15.64 ? 769 THR A CA  1 
ATOM   175 C  C   . THR A 1 22 ? -3.267  -15.661 2.677   1.00 15.61 ? 769 THR A C   1 
ATOM   176 O  O   . THR A 1 22 ? -4.115  -16.349 2.103   1.00 16.99 ? 769 THR A O   1 
ATOM   177 C  CB  . THR A 1 22 ? -3.892  -13.329 2.276   1.00 15.21 ? 769 THR A CB  1 
ATOM   178 O  OG1 . THR A 1 22 ? -2.655  -13.094 1.591   1.00 13.92 ? 769 THR A OG1 1 
ATOM   179 C  CG2 . THR A 1 22 ? -4.430  -12.021 2.843   1.00 15.63 ? 769 THR A CG2 1 
ATOM   180 N  N   . GLY A 1 23 ? -1.972  -15.955 2.674   1.00 15.19 ? 770 GLY A N   1 
ATOM   181 C  CA  . GLY A 1 23 ? -1.419  -17.020 1.839   1.00 15.44 ? 770 GLY A CA  1 
ATOM   182 C  C   . GLY A 1 23 ? -1.246  -16.660 0.362   1.00 15.33 ? 770 GLY A C   1 
ATOM   183 O  O   . GLY A 1 23 ? -0.886  -17.519 -0.445  1.00 16.54 ? 770 GLY A O   1 
ATOM   184 N  N   . TYR A 1 24 ? -1.496  -15.394 0.003   1.00 14.17 ? 771 TYR A N   1 
ATOM   185 C  CA  . TYR A 1 24 ? -1.377  -14.943 -1.382  1.00 13.73 ? 771 TYR A CA  1 
ATOM   186 C  C   . TYR A 1 24 ? 0.041   -14.536 -1.734  1.00 12.91 ? 771 TYR A C   1 
ATOM   187 O  O   . TYR A 1 24 ? 0.849   -14.188 -0.858  1.00 13.63 ? 771 TYR A O   1 
ATOM   188 C  CB  . TYR A 1 24 ? -2.310  -13.763 -1.647  1.00 14.43 ? 771 TYR A CB  1 
ATOM   189 C  CG  . TYR A 1 24 ? -3.782  -14.025 -1.441  1.00 15.32 ? 771 TYR A CG  1 
ATOM   190 C  CD1 . TYR A 1 24 ? -4.334  -15.285 -1.672  1.00 17.83 ? 771 TYR A CD1 1 
ATOM   191 C  CD2 . TYR A 1 24 ? -4.640  -12.989 -1.084  1.00 15.75 ? 771 TYR A CD2 1 
ATOM   192 C  CE1 . TYR A 1 24 ? -5.703  -15.511 -1.505  1.00 19.98 ? 771 TYR A CE1 1 
ATOM   193 C  CE2 . TYR A 1 24 ? -6.005  -13.203 -0.923  1.00 18.12 ? 771 TYR A CE2 1 
ATOM   194 C  CZ  . TYR A 1 24 ? -6.527  -14.468 -1.130  1.00 18.89 ? 771 TYR A CZ  1 
ATOM   195 O  OH  . TYR A 1 24 ? -7.880  -14.688 -0.973  1.00 20.55 ? 771 TYR A OH  1 
ATOM   196 N  N   . SER A 1 25 ? 0.327   -14.532 -3.032  1.00 12.62 ? 772 SER A N   1 
ATOM   197 C  CA  . SER A 1 25 ? 1.595   -14.029 -3.543  1.00 12.06 ? 772 SER A CA  1 
ATOM   198 C  C   . SER A 1 25 ? 1.661   -12.512 -3.442  1.00 11.23 ? 772 SER A C   1 
ATOM   199 O  O   . SER A 1 25 ? 0.643   -11.838 -3.300  1.00 10.99 ? 772 SER A O   1 
ATOM   200 C  CB  . SER A 1 25 ? 1.759   -14.427 -5.005  1.00 12.30 ? 772 SER A CB  1 
ATOM   201 O  OG  . SER A 1 25 ? 0.772   -13.753 -5.762  1.00 11.90 ? 772 SER A OG  1 
ATOM   202 N  N   . ALA A 1 26 ? 2.867   -11.974 -3.563  1.00 11.25 ? 773 ALA A N   1 
ATOM   203 C  CA  . ALA A 1 26 ? 3.031   -10.521 -3.624  1.00 11.31 ? 773 ALA A CA  1 
ATOM   204 C  C   . ALA A 1 26 ? 2.157   -9.924  -4.711  1.00 10.83 ? 773 ALA A C   1 
ATOM   205 O  O   . ALA A 1 26 ? 1.451   -8.940  -4.481  1.00 10.66 ? 773 ALA A O   1 
ATOM   206 C  CB  . ALA A 1 26 ? 4.482   -10.159 -3.871  1.00 11.89 ? 773 ALA A CB  1 
ATOM   207 N  N   . PHE A 1 27 ? 2.212   -10.517 -5.900  1.00 10.66 ? 774 PHE A N   1 
ATOM   208 C  CA  . PHE A 1 27 ? 1.453   -10.053 -7.037  1.00 10.77 ? 774 PHE A CA  1 
ATOM   209 C  C   . PHE A 1 27 ? -0.046  -9.949  -6.741  1.00 10.30 ? 774 PHE A C   1 
ATOM   210 O  O   . PHE A 1 27 ? -0.685  -8.960  -7.102  1.00 10.51 ? 774 PHE A O   1 
ATOM   211 C  CB  . PHE A 1 27 ? 1.715   -10.963 -8.243  1.00 11.50 ? 774 PHE A CB  1 
ATOM   212 C  CG  . PHE A 1 27 ? 0.865   -10.636 -9.415  1.00 11.35 ? 774 PHE A CG  1 
ATOM   213 C  CD1 . PHE A 1 27 ? 1.194   -9.565  -10.245 1.00 12.79 ? 774 PHE A CD1 1 
ATOM   214 C  CD2 . PHE A 1 27 ? -0.306  -11.340 -9.654  1.00 12.05 ? 774 PHE A CD2 1 
ATOM   215 C  CE1 . PHE A 1 27 ? 0.368   -9.216  -11.318 1.00 12.52 ? 774 PHE A CE1 1 
ATOM   216 C  CE2 . PHE A 1 27 ? -1.131  -10.988 -10.707 1.00 13.16 ? 774 PHE A CE2 1 
ATOM   217 C  CZ  . PHE A 1 27 ? -0.789  -9.919  -11.536 1.00 12.64 ? 774 PHE A CZ  1 
ATOM   218 N  N   . VAL A 1 28 ? -0.605  -10.967 -6.092  1.00 10.42 ? 775 VAL A N   1 
ATOM   219 C  CA  . VAL A 1 28 ? -2.027  -10.989 -5.783  1.00 10.97 ? 775 VAL A CA  1 
ATOM   220 C  C   . VAL A 1 28 ? -2.385  -9.980  -4.684  1.00 10.95 ? 775 VAL A C   1 
ATOM   221 O  O   . VAL A 1 28 ? -3.478  -9.427  -4.702  1.00 11.50 ? 775 VAL A O   1 
ATOM   222 C  CB  . VAL A 1 28 ? -2.482  -12.422 -5.432  1.00 11.17 ? 775 VAL A CB  1 
ATOM   223 C  CG1 . VAL A 1 28 ? -3.866  -12.451 -4.796  1.00 13.05 ? 775 VAL A CG1 1 
ATOM   224 C  CG2 . VAL A 1 28 ? -2.464  -13.289 -6.688  1.00 11.61 ? 775 VAL A CG2 1 
ATOM   225 N  N   . VAL A 1 29 ? -1.467  -9.727  -3.751  1.00 10.54 ? 776 VAL A N   1 
ATOM   226 C  CA  . VAL A 1 29 ? -1.693  -8.704  -2.725  1.00 10.27 ? 776 VAL A CA  1 
ATOM   227 C  C   . VAL A 1 29 ? -1.773  -7.313  -3.379  1.00 9.97  ? 776 VAL A C   1 
ATOM   228 O  O   . VAL A 1 29 ? -2.813  -6.674  -3.331  1.00 10.65 ? 776 VAL A O   1 
ATOM   229 C  CB  . VAL A 1 29 ? -0.660  -8.810  -1.579  1.00 10.01 ? 776 VAL A CB  1 
ATOM   230 C  CG1 . VAL A 1 29 ? -0.796  -7.628  -0.621  1.00 10.90 ? 776 VAL A CG1 1 
ATOM   231 C  CG2 . VAL A 1 29 ? -0.869  -10.128 -0.831  1.00 10.93 ? 776 VAL A CG2 1 
ATOM   232 N  N   . PHE A 1 30 ? -0.678  -6.848  -3.970  1.00 10.02 ? 777 PHE A N   1 
ATOM   233 C  CA  . PHE A 1 30 ? -0.701  -5.721  -4.902  1.00 10.12 ? 777 PHE A CA  1 
ATOM   234 C  C   . PHE A 1 30 ? 0.594   -5.680  -5.678  1.00 9.74  ? 777 PHE A C   1 
ATOM   235 O  O   . PHE A 1 30 ? 1.644   -6.055  -5.172  1.00 10.04 ? 777 PHE A O   1 
ATOM   236 C  CB  . PHE A 1 30 ? -1.061  -4.353  -4.252  1.00 10.51 ? 777 PHE A CB  1 
ATOM   237 C  CG  . PHE A 1 30 ? -0.216  -3.956  -3.057  1.00 10.18 ? 777 PHE A CG  1 
ATOM   238 C  CD1 . PHE A 1 30 ? 1.028   -3.353  -3.229  1.00 11.29 ? 777 PHE A CD1 1 
ATOM   239 C  CD2 . PHE A 1 30 ? -0.706  -4.118  -1.766  1.00 11.33 ? 777 PHE A CD2 1 
ATOM   240 C  CE1 . PHE A 1 30 ? 1.779   -2.948  -2.135  1.00 11.87 ? 777 PHE A CE1 1 
ATOM   241 C  CE2 . PHE A 1 30 ? 0.045   -3.701  -0.656  1.00 11.55 ? 777 PHE A CE2 1 
ATOM   242 C  CZ  . PHE A 1 30 ? 1.291   -3.131  -0.846  1.00 11.74 ? 777 PHE A CZ  1 
ATOM   243 N  N   . THR A 1 31 ? 0.523   -5.230  -6.922  1.00 9.82  ? 778 THR A N   1 
ATOM   244 C  CA  . THR A 1 31 ? 1.661   -5.327  -7.815  1.00 10.48 ? 778 THR A CA  1 
ATOM   245 C  C   . THR A 1 31 ? 2.687   -4.226  -7.555  1.00 9.74  ? 778 THR A C   1 
ATOM   246 O  O   . THR A 1 31 ? 2.411   -3.246  -6.842  1.00 9.63  ? 778 THR A O   1 
ATOM   247 C  CB  . THR A 1 31 ? 1.220   -5.236  -9.264  1.00 11.82 ? 778 THR A CB  1 
ATOM   248 O  OG1 . THR A 1 31 ? 0.859   -3.882  -9.543  1.00 11.75 ? 778 THR A OG1 1 
ATOM   249 C  CG2 . THR A 1 31 ? 0.028   -6.168  -9.548  1.00 13.64 ? 778 THR A CG2 1 
ATOM   250 N  N   . ASN A 1 32 ? 3.866   -4.360  -8.163  1.00 9.78  ? 779 ASN A N   1 
ATOM   251 C  CA  . ASN A 1 32 ? 4.868   -3.330  -8.037  1.00 10.39 ? 779 ASN A CA  1 
ATOM   252 C  C   . ASN A 1 32 ? 4.448   -2.001  -8.642  1.00 10.50 ? 779 ASN A C   1 
ATOM   253 O  O   . ASN A 1 32 ? 4.784   -0.957  -8.099  1.00 10.52 ? 779 ASN A O   1 
ATOM   254 C  CB  . ASN A 1 32 ? 6.202   -3.765  -8.625  1.00 10.70 ? 779 ASN A CB  1 
ATOM   255 C  CG  . ASN A 1 32 ? 7.006   -4.631  -7.672  1.00 10.72 ? 779 ASN A CG  1 
ATOM   256 O  OD1 . ASN A 1 32 ? 6.505   -5.094  -6.645  1.00 12.61 ? 779 ASN A OD1 1 
ATOM   257 N  ND2 . ASN A 1 32 ? 8.255   -4.870  -8.017  1.00 10.36 ? 779 ASN A ND2 1 
ATOM   258 N  N   . ALA A 1 33 ? 3.706   -2.010  -9.749  1.00 10.66 ? 780 ALA A N   1 
ATOM   259 C  CA  . ALA A 1 33 ? 3.219   -0.742  -10.308 1.00 10.81 ? 780 ALA A CA  1 
ATOM   260 C  C   . ALA A 1 33 ? 2.295   -0.056  -9.307  1.00 10.63 ? 780 ALA A C   1 
ATOM   261 O  O   . ALA A 1 33 ? 2.339   1.168   -9.136  1.00 10.77 ? 780 ALA A O   1 
ATOM   262 C  CB  . ALA A 1 33 ? 2.511   -0.958  -11.637 1.00 11.92 ? 780 ALA A CB  1 
ATOM   263 N  N   . THR A 1 34 ? 1.452   -0.836  -8.642  1.00 10.06 ? 781 THR A N   1 
ATOM   264 C  CA  . THR A 1 34 ? 0.554   -0.282  -7.625  1.00 10.14 ? 781 THR A CA  1 
ATOM   265 C  C   . THR A 1 34 ? 1.362   0.250   -6.428  1.00 9.20  ? 781 THR A C   1 
ATOM   266 O  O   . THR A 1 34 ? 1.091   1.354   -5.935  1.00 9.39  ? 781 THR A O   1 
ATOM   267 C  CB  . THR A 1 34 ? -0.465  -1.326  -7.192  1.00 10.28 ? 781 THR A CB  1 
ATOM   268 O  OG1 . THR A 1 34 ? -1.265  -1.699  -8.323  1.00 14.25 ? 781 THR A OG1 1 
ATOM   269 C  CG2 . THR A 1 34 ? -1.359  -0.781  -6.085  1.00 11.82 ? 781 THR A CG2 1 
ATOM   270 N  N   . LEU A 1 35 ? 2.355   -0.518  -5.988  1.00 8.93  ? 782 LEU A N   1 
ATOM   271 C  CA  . LEU A 1 35 ? 3.235   -0.108  -4.905  1.00 9.32  ? 782 LEU A CA  1 
ATOM   272 C  C   . LEU A 1 35 ? 3.905   1.229   -5.219  1.00 9.50  ? 782 LEU A C   1 
ATOM   273 O  O   . LEU A 1 35 ? 3.919   2.149   -4.379  1.00 9.82  ? 782 LEU A O   1 
ATOM   274 C  CB  . LEU A 1 35 ? 4.258   -1.204  -4.640  1.00 9.87  ? 782 LEU A CB  1 
ATOM   275 C  CG  . LEU A 1 35 ? 5.108   -1.076  -3.377  1.00 10.49 ? 782 LEU A CG  1 
ATOM   276 C  CD1 . LEU A 1 35 ? 5.597   -2.434  -2.946  1.00 12.53 ? 782 LEU A CD1 1 
ATOM   277 C  CD2 . LEU A 1 35 ? 6.279   -0.134  -3.579  1.00 12.87 ? 782 LEU A CD2 1 
ATOM   278 N  N   . GLU A 1 36 ? 4.410   1.371   -6.441  1.00 10.12 ? 783 GLU A N   1 
ATOM   279 C  CA  . GLU A 1 36 ? 5.054   2.593   -6.854  1.00 10.85 ? 783 GLU A CA  1 
ATOM   280 C  C   . GLU A 1 36 ? 4.099   3.761   -6.878  1.00 10.48 ? 783 GLU A C   1 
ATOM   281 O  O   . GLU A 1 36 ? 4.471   4.865   -6.499  1.00 10.82 ? 783 GLU A O   1 
ATOM   282 C  CB  . GLU A 1 36 ? 5.718   2.403   -8.200  1.00 11.86 ? 783 GLU A CB  1 
ATOM   283 C  CG  . GLU A 1 36 ? 7.012   1.612   -8.054  1.00 14.93 ? 783 GLU A CG  1 
ATOM   284 C  CD  . GLU A 1 36 ? 7.376   0.779   -9.238  1.00 16.43 ? 783 GLU A CD  1 
ATOM   285 O  OE1 . GLU A 1 36 ? 6.871   1.024   -10.359 1.00 17.68 ? 783 GLU A OE1 1 
ATOM   286 O  OE2 . GLU A 1 36 ? 8.185   -0.137  -9.036  1.00 18.54 ? 783 GLU A OE2 1 
ATOM   287 N  N   . ALA A 1 37 ? 2.873   3.528   -7.329  1.00 10.50 ? 784 ALA A N   1 
ATOM   288 C  CA  . ALA A 1 37 ? 1.865   4.579   -7.329  1.00 10.54 ? 784 ALA A CA  1 
ATOM   289 C  C   . ALA A 1 37 ? 1.503   4.998   -5.900  1.00 10.04 ? 784 ALA A C   1 
ATOM   290 O  O   . ALA A 1 37 ? 1.304   6.184   -5.631  1.00 10.44 ? 784 ALA A O   1 
ATOM   291 C  CB  . ALA A 1 37 ? 0.632   4.123   -8.104  1.00 11.05 ? 784 ALA A CB  1 
ATOM   292 N  N   . LEU A 1 38 ? 1.417   4.041   -4.982  1.00 9.43  ? 785 LEU A N   1 
ATOM   293 C  CA  . LEU A 1 38 ? 1.174   4.355   -3.576  1.00 9.26  ? 785 LEU A CA  1 
ATOM   294 C  C   . LEU A 1 38 ? 2.279   5.216   -2.998  1.00 9.27  ? 785 LEU A C   1 
ATOM   295 O  O   . LEU A 1 38 ? 2.020   6.198   -2.300  1.00 10.13 ? 785 LEU A O   1 
ATOM   296 C  CB  . LEU A 1 38 ? 0.998   3.075   -2.760  1.00 9.38  ? 785 LEU A CB  1 
ATOM   297 C  CG  . LEU A 1 38 ? -0.276  2.271   -3.025  1.00 9.01  ? 785 LEU A CG  1 
ATOM   298 C  CD1 . LEU A 1 38 ? -0.193  0.891   -2.405  1.00 10.20 ? 785 LEU A CD1 1 
ATOM   299 C  CD2 . LEU A 1 38 ? -1.524  3.034   -2.521  1.00 10.48 ? 785 LEU A CD2 1 
ATOM   300 N  N   . ALA A 1 39 ? 3.523   4.857   -3.292  1.00 9.58  ? 786 ALA A N   1 
ATOM   301 C  CA  . ALA A 1 39 ? 4.662   5.602   -2.772  1.00 10.54 ? 786 ALA A CA  1 
ATOM   302 C  C   . ALA A 1 39 ? 4.732   7.008   -3.359  1.00 11.14 ? 786 ALA A C   1 
ATOM   303 O  O   . ALA A 1 39 ? 5.074   7.955   -2.653  1.00 12.86 ? 786 ALA A O   1 
ATOM   304 C  CB  . ALA A 1 39 ? 5.962   4.849   -3.021  1.00 10.98 ? 786 ALA A CB  1 
ATOM   305 N  N   . ALA A 1 40 ? 4.404   7.141   -4.642  1.00 11.14 ? 787 ALA A N   1 
ATOM   306 C  CA  . ALA A 1 40 ? 4.463   8.432   -5.323  1.00 11.82 ? 787 ALA A CA  1 
ATOM   307 C  C   . ALA A 1 40 ? 3.314   9.336   -4.903  1.00 11.82 ? 787 ALA A C   1 
ATOM   308 O  O   . ALA A 1 40 ? 3.515   10.523  -4.656  1.00 13.64 ? 787 ALA A O   1 
ATOM   309 C  CB  . ALA A 1 40 ? 4.453   8.226   -6.844  1.00 13.03 ? 787 ALA A CB  1 
ATOM   310 N  N   . ARG A 1 41 ? 2.110   8.783   -4.845  1.00 11.39 ? 788 ARG A N   1 
ATOM   311 C  CA  . ARG A 1 41 ? 0.910   9.581   -4.583  1.00 12.20 ? 788 ARG A CA  1 
ATOM   312 C  C   . ARG A 1 41 ? 0.676   9.835   -3.100  1.00 11.68 ? 788 ARG A C   1 
ATOM   313 O  O   . ARG A 1 41 ? -0.017  10.783  -2.737  1.00 12.20 ? 788 ARG A O   1 
ATOM   314 C  CB  . ARG A 1 41 ? -0.317  8.918   -5.201  1.00 12.27 ? 788 ARG A CB  1 
ATOM   315 C  CG  . ARG A 1 41 ? -0.258  8.826   -6.745  1.00 13.01 ? 788 ARG A CG  1 
ATOM   316 C  CD  . ARG A 1 41 ? -1.429  8.054   -7.304  1.00 15.56 ? 788 ARG A CD  1 
ATOM   317 N  NE  . ARG A 1 41 ? -2.668  8.788   -7.075  1.00 18.94 ? 788 ARG A NE  1 
ATOM   318 C  CZ  . ARG A 1 41 ? -3.166  9.722   -7.885  1.00 20.86 ? 788 ARG A CZ  1 
ATOM   319 N  NH1 . ARG A 1 41 ? -2.552  10.030  -9.023  1.00 23.28 ? 788 ARG A NH1 1 
ATOM   320 N  NH2 . ARG A 1 41 ? -4.280  10.349  -7.556  1.00 22.30 ? 788 ARG A NH2 1 
ATOM   321 N  N   . GLN A 1 42 ? 1.241   8.987   -2.244  1.00 11.39 ? 789 GLN A N   1 
ATOM   322 C  CA  . GLN A 1 42 ? 1.090   9.127   -0.793  1.00 12.51 ? 789 GLN A CA  1 
ATOM   323 C  C   . GLN A 1 42 ? -0.373  9.384   -0.384  1.00 10.89 ? 789 GLN A C   1 
ATOM   324 O  O   . GLN A 1 42 ? -0.656  10.345  0.330   1.00 11.58 ? 789 GLN A O   1 
ATOM   325 C  CB  . GLN A 1 42 ? 1.946   10.304  -0.274  1.00 14.22 ? 789 GLN A CB  1 
ATOM   326 C  CG  . GLN A 1 42 ? 3.475   10.225  -0.400  1.00 18.05 ? 789 GLN A CG  1 
ATOM   327 C  CD  . GLN A 1 42 ? 4.173   11.469  0.262   1.00 16.75 ? 789 GLN A CD  1 
ATOM   328 O  OE1 . GLN A 1 42 ? 3.527   12.244  0.981   1.00 23.78 ? 789 GLN A OE1 1 
ATOM   329 N  NE2 . GLN A 1 42 ? 5.455   11.629  0.021   1.00 22.67 ? 789 GLN A NE2 1 
ATOM   330 N  N   . PRO A 1 43 ? -1.300  8.505   -0.778  1.00 10.15 ? 790 PRO A N   1 
ATOM   331 C  CA  . PRO A 1 43 ? -2.675  8.722   -0.342  1.00 10.56 ? 790 PRO A CA  1 
ATOM   332 C  C   . PRO A 1 43 ? -2.788  8.710   1.177   1.00 10.07 ? 790 PRO A C   1 
ATOM   333 O  O   . PRO A 1 43 ? -2.091  7.944   1.854   1.00 10.18 ? 790 PRO A O   1 
ATOM   334 C  CB  . PRO A 1 43 ? -3.408  7.525   -0.935  1.00 10.25 ? 790 PRO A CB  1 
ATOM   335 C  CG  . PRO A 1 43 ? -2.363  6.493   -1.100  1.00 10.15 ? 790 PRO A CG  1 
ATOM   336 C  CD  . PRO A 1 43 ? -1.157  7.241   -1.521  1.00 9.83  ? 790 PRO A CD  1 
ATOM   337 N  N   . ARG A 1 44 ? -3.670  9.573   1.687   1.00 10.66 ? 791 ARG A N   1 
ATOM   338 C  CA  . ARG A 1 44 ? -3.850  9.768   3.136   1.00 11.11 ? 791 ARG A CA  1 
ATOM   339 C  C   . ARG A 1 44 ? -5.280  9.490   3.552   1.00 11.58 ? 791 ARG A C   1 
ATOM   340 O  O   . ARG A 1 44 ? -5.610  9.568   4.742   1.00 12.53 ? 791 ARG A O   1 
ATOM   341 C  CB  . ARG A 1 44 ? -3.499  11.204  3.554   1.00 11.37 ? 791 ARG A CB  1 
ATOM   342 C  CG  . ARG A 1 44 ? -2.195  11.745  2.984   1.00 11.79 ? 791 ARG A CG  1 
ATOM   343 C  CD  . ARG A 1 44 ? -0.975  10.927  3.434   1.00 11.81 ? 791 ARG A CD  1 
ATOM   344 N  NE  . ARG A 1 44 ? -0.752  10.937  4.884   1.00 11.78 ? 791 ARG A NE  1 
ATOM   345 C  CZ  . ARG A 1 44 ? -0.264  11.979  5.554   1.00 12.22 ? 791 ARG A CZ  1 
ATOM   346 N  NH1 . ARG A 1 44 ? 0.053   13.106  4.918   1.00 13.18 ? 791 ARG A NH1 1 
ATOM   347 N  NH2 . ARG A 1 44 ? -0.087  11.891  6.860   1.00 13.79 ? 791 ARG A NH2 1 
ATOM   348 N  N   . THR A 1 45 ? -6.132  9.204   2.571   1.00 11.42 ? 792 THR A N   1 
ATOM   349 C  CA  . THR A 1 45 ? -7.564  9.011   2.796   1.00 12.54 ? 792 THR A CA  1 
ATOM   350 C  C   . THR A 1 45 ? -8.071  7.908   1.888   1.00 12.45 ? 792 THR A C   1 
ATOM   351 O  O   . THR A 1 45 ? -7.424  7.559   0.892   1.00 11.96 ? 792 THR A O   1 
ATOM   352 C  CB  . THR A 1 45 ? -8.383  10.276  2.432   1.00 12.71 ? 792 THR A CB  1 
ATOM   353 O  OG1 . THR A 1 45 ? -8.264  10.522  1.022   1.00 12.87 ? 792 THR A OG1 1 
ATOM   354 C  CG2 . THR A 1 45 ? -7.912  11.492  3.205   1.00 13.81 ? 792 THR A CG2 1 
ATOM   355 N  N   . LEU A 1 46 ? -9.264  7.411   2.184   1.00 13.24 ? 793 LEU A N   1 
ATOM   356 C  CA  . LEU A 1 46 ? -9.929  6.462   1.300   1.00 14.37 ? 793 LEU A CA  1 
ATOM   357 C  C   . LEU A 1 46 ? -10.206 7.062   -0.067  1.00 13.84 ? 793 LEU A C   1 
ATOM   358 O  O   . LEU A 1 46 ? -10.060 6.381   -1.085  1.00 14.02 ? 793 LEU A O   1 
ATOM   359 C  CB  . LEU A 1 46 ? -11.223 5.958   1.929   1.00 15.69 ? 793 LEU A CB  1 
ATOM   360 C  CG  . LEU A 1 46 ? -11.055 5.075   3.163   1.00 17.96 ? 793 LEU A CG  1 
ATOM   361 C  CD1 . LEU A 1 46 ? -12.422 4.668   3.665   1.00 20.60 ? 793 LEU A CD1 1 
ATOM   362 C  CD2 . LEU A 1 46 ? -10.189 3.846   2.892   1.00 20.27 ? 793 LEU A CD2 1 
ATOM   363 N  N   . ALA A 1 47 ? -10.599 8.339   -0.097  1.00 14.09 ? 794 ALA A N   1 
ATOM   364 C  CA  . ALA A 1 47 ? -10.841 9.017   -1.367  1.00 14.16 ? 794 ALA A CA  1 
ATOM   365 C  C   . ALA A 1 47 ? -9.597  9.003   -2.255  1.00 13.36 ? 794 ALA A C   1 
ATOM   366 O  O   . ALA A 1 47 ? -9.676  8.769   -3.461  1.00 14.06 ? 794 ALA A O   1 
ATOM   367 C  CB  . ALA A 1 47 ? -11.298 10.447  -1.123  1.00 14.74 ? 794 ALA A CB  1 
ATOM   368 N  N   . GLU A 1 48 ? -8.454  9.245   -1.644  1.00 12.21 ? 795 GLU A N   1 
ATOM   369 C  CA  . GLU A 1 48 ? -7.205  9.238   -2.363  1.00 11.53 ? 795 GLU A CA  1 
ATOM   370 C  C   . GLU A 1 48 ? -6.778  7.829   -2.773  1.00 10.93 ? 795 GLU A C   1 
ATOM   371 O  O   . GLU A 1 48 ? -6.229  7.642   -3.852  1.00 11.30 ? 795 GLU A O   1 
ATOM   372 C  CB  . GLU A 1 48 ? -6.145  9.961   -1.540  1.00 11.21 ? 795 GLU A CB  1 
ATOM   373 C  CG  . GLU A 1 48 ? -6.452  11.479  -1.450  1.00 11.69 ? 795 GLU A CG  1 
ATOM   374 C  CD  . GLU A 1 48 ? -5.648  12.219  -0.402  1.00 12.42 ? 795 GLU A CD  1 
ATOM   375 O  OE1 . GLU A 1 48 ? -4.639  11.687  0.062   1.00 12.92 ? 795 GLU A OE1 1 
ATOM   376 O  OE2 . GLU A 1 48 ? -6.030  13.365  -0.045  1.00 13.29 ? 795 GLU A OE2 1 
ATOM   377 N  N   . LEU A 1 49 ? -7.062  6.828   -1.947  1.00 11.06 ? 796 LEU A N   1 
ATOM   378 C  CA  . LEU A 1 49 ? -6.773  5.433   -2.340  1.00 11.64 ? 796 LEU A CA  1 
ATOM   379 C  C   . LEU A 1 49 ? -7.523  5.027   -3.596  1.00 11.82 ? 796 LEU A C   1 
ATOM   380 O  O   . LEU A 1 49 ? -6.990  4.297   -4.438  1.00 12.14 ? 796 LEU A O   1 
ATOM   381 C  CB  . LEU A 1 49 ? -7.152  4.470   -1.232  1.00 13.13 ? 796 LEU A CB  1 
ATOM   382 C  CG  . LEU A 1 49 ? -6.188  4.352   -0.064  1.00 13.21 ? 796 LEU A CG  1 
ATOM   383 C  CD1 . LEU A 1 49 ? -6.811  3.475   1.003   1.00 15.94 ? 796 LEU A CD1 1 
ATOM   384 C  CD2 . LEU A 1 49 ? -4.805  3.810   -0.514  1.00 14.68 ? 796 LEU A CD2 1 
ATOM   385 N  N   . ALA A 1 50 ? -8.763  5.495   -3.718  1.00 12.92 ? 797 ALA A N   1 
ATOM   386 C  CA  . ALA A 1 50 ? -9.609  5.173   -4.873  1.00 14.56 ? 797 ALA A CA  1 
ATOM   387 C  C   . ALA A 1 50 ? -9.038  5.713   -6.176  1.00 15.42 ? 797 ALA A C   1 
ATOM   388 O  O   . ALA A 1 50 ? -9.437  5.287   -7.252  1.00 17.00 ? 797 ALA A O   1 
ATOM   389 C  CB  . ALA A 1 50 ? -11.033 5.689   -4.653  1.00 15.67 ? 797 ALA A CB  1 
ATOM   390 N  N   . GLU A 1 51 ? -8.105  6.655   -6.077  1.00 15.33 ? 798 GLU A N   1 
ATOM   391 C  CA  . GLU A 1 51 ? -7.471  7.252   -7.241  1.00 16.96 ? 798 GLU A CA  1 
ATOM   392 C  C   . GLU A 1 51 ? -6.178  6.538   -7.662  1.00 16.44 ? 798 GLU A C   1 
ATOM   393 O  O   . GLU A 1 51 ? -5.577  6.898   -8.670  1.00 17.97 ? 798 GLU A O   1 
ATOM   394 C  CB  . GLU A 1 51 ? -7.200  8.732   -6.973  1.00 17.47 ? 798 GLU A CB  1 
ATOM   395 C  CG  . GLU A 1 51 ? -8.466  9.542   -6.673  1.00 19.90 ? 798 GLU A CG  1 
ATOM   396 C  CD  . GLU A 1 51 ? -8.188  10.877  -5.995  1.00 22.00 ? 798 GLU A CD  1 
ATOM   397 O  OE1 . GLU A 1 51 ? -7.032  11.124  -5.579  1.00 24.89 ? 798 GLU A OE1 1 
ATOM   398 O  OE2 . GLU A 1 51 ? -9.140  11.681  -5.870  1.00 26.77 ? 798 GLU A OE2 1 
ATOM   399 N  N   . VAL A 1 52 ? -5.753  5.531   -6.901  1.00 15.10 ? 799 VAL A N   1 
ATOM   400 C  CA  . VAL A 1 52 ? -4.483  4.848   -7.171  1.00 14.85 ? 799 VAL A CA  1 
ATOM   401 C  C   . VAL A 1 52 ? -4.649  3.775   -8.253  1.00 16.37 ? 799 VAL A C   1 
ATOM   402 O  O   . VAL A 1 52 ? -5.414  2.830   -8.063  1.00 15.79 ? 799 VAL A O   1 
ATOM   403 C  CB  . VAL A 1 52 ? -3.923  4.196   -5.893  1.00 13.54 ? 799 VAL A CB  1 
ATOM   404 C  CG1 . VAL A 1 52 ? -2.641  3.407   -6.211  1.00 14.01 ? 799 VAL A CG1 1 
ATOM   405 C  CG2 . VAL A 1 52 ? -3.652  5.263   -4.841  1.00 13.40 ? 799 VAL A CG2 1 
ATOM   406 N  N   . PRO A 1 53 ? -3.927  3.917   -9.400  1.00 18.15 ? 800 PRO A N   1 
ATOM   407 C  CA  . PRO A 1 53 ? -4.029  2.908   -10.462 1.00 18.74 ? 800 PRO A CA  1 
ATOM   408 C  C   . PRO A 1 53 ? -3.664  1.500   -10.000 1.00 18.58 ? 800 PRO A C   1 
ATOM   409 O  O   . PRO A 1 53 ? -2.663  1.300   -9.306  1.00 19.42 ? 800 PRO A O   1 
ATOM   410 C  CB  . PRO A 1 53 ? -3.022  3.396   -11.516 1.00 19.63 ? 800 PRO A CB  1 
ATOM   411 C  CG  . PRO A 1 53 ? -2.872  4.839   -11.273 1.00 20.28 ? 800 PRO A CG  1 
ATOM   412 C  CD  . PRO A 1 53 ? -3.034  5.028   -9.790  1.00 18.53 ? 800 PRO A CD  1 
ATOM   413 N  N   . GLY A 1 54 ? -4.484  0.532   -10.388 1.00 18.78 ? 801 GLY A N   1 
ATOM   414 C  CA  . GLY A 1 54 ? -4.169  -0.863  -10.179 1.00 18.56 ? 801 GLY A CA  1 
ATOM   415 C  C   . GLY A 1 54 ? -4.550  -1.428  -8.830  1.00 17.26 ? 801 GLY A C   1 
ATOM   416 O  O   . GLY A 1 54 ? -4.450  -2.634  -8.624  1.00 18.27 ? 801 GLY A O   1 
ATOM   417 N  N   . LEU A 1 55 ? -4.982  -0.572  -7.895  1.00 16.30 ? 802 LEU A N   1 
ATOM   418 C  CA  . LEU A 1 55 ? -5.315  -1.053  -6.560  1.00 15.30 ? 802 LEU A CA  1 
ATOM   419 C  C   . LEU A 1 55 ? -6.693  -1.711  -6.514  1.00 15.04 ? 802 LEU A C   1 
ATOM   420 O  O   . LEU A 1 55 ? -6.796  -2.894  -6.261  1.00 15.51 ? 802 LEU A O   1 
ATOM   421 C  CB  . LEU A 1 55 ? -5.171  0.058   -5.511  1.00 14.69 ? 802 LEU A CB  1 
ATOM   422 C  CG  . LEU A 1 55 ? -5.378  -0.362  -4.060  1.00 13.87 ? 802 LEU A CG  1 
ATOM   423 C  CD1 . LEU A 1 55 ? -4.382  -1.428  -3.638  1.00 14.03 ? 802 LEU A CD1 1 
ATOM   424 C  CD2 . LEU A 1 55 ? -5.280  0.847   -3.159  1.00 14.27 ? 802 LEU A CD2 1 
ATOM   425 N  N   . GLY A 1 56 ? -7.744  -0.939  -6.785  1.00 15.69 ? 803 GLY A N   1 
ATOM   426 C  CA  . GLY A 1 56 ? -9.104  -1.486  -6.915  1.00 15.76 ? 803 GLY A CA  1 
ATOM   427 C  C   . GLY A 1 56 ? -9.860  -1.607  -5.611  1.00 15.37 ? 803 GLY A C   1 
ATOM   428 O  O   . GLY A 1 56 ? -9.267  -1.620  -4.530  1.00 14.91 ? 803 GLY A O   1 
ATOM   429 N  N   . GLU A 1 57 ? -11.182 -1.720  -5.712  1.00 15.41 ? 804 GLU A N   1 
ATOM   430 C  CA  . GLU A 1 57 ? -12.040 -1.686  -4.537  1.00 15.53 ? 804 GLU A CA  1 
ATOM   431 C  C   . GLU A 1 57 ? -11.871 -2.864  -3.581  1.00 14.55 ? 804 GLU A C   1 
ATOM   432 O  O   . GLU A 1 57 ? -11.938 -2.687  -2.359  1.00 14.71 ? 804 GLU A O   1 
ATOM   433 C  CB  . GLU A 1 57 ? -13.510 -1.533  -4.927  1.00 16.65 ? 804 GLU A CB  1 
ATOM   434 C  CG  . GLU A 1 57 ? -14.448 -1.410  -3.727  1.00 20.62 ? 804 GLU A CG  1 
ATOM   435 C  CD  . GLU A 1 57 ? -14.205 -0.153  -2.878  1.00 24.49 ? 804 GLU A CD  1 
ATOM   436 O  OE1 . GLU A 1 57 ? -13.435 0.741   -3.299  1.00 26.89 ? 804 GLU A OE1 1 
ATOM   437 O  OE2 . GLU A 1 57 ? -14.796 -0.062  -1.782  1.00 27.11 ? 804 GLU A OE2 1 
ATOM   438 N  N   . LYS A 1 58 ? -11.655 -4.062  -4.117  1.00 14.27 ? 805 LYS A N   1 
ATOM   439 C  CA  . LYS A 1 58 ? -11.505 -5.224  -3.260  1.00 14.19 ? 805 LYS A CA  1 
ATOM   440 C  C   . LYS A 1 58 ? -10.324 -5.027  -2.300  1.00 13.12 ? 805 LYS A C   1 
ATOM   441 O  O   . LYS A 1 58 ? -10.428 -5.300  -1.104  1.00 13.30 ? 805 LYS A O   1 
ATOM   442 C  CB  . LYS A 1 58 ? -11.327 -6.489  -4.100  1.00 14.79 ? 805 LYS A CB  1 
ATOM   443 C  CG  . LYS A 1 58 ? -11.353 -7.775  -3.305  1.00 16.41 ? 805 LYS A CG  1 
ATOM   444 C  CD  . LYS A 1 58 ? -11.208 -8.986  -4.207  1.00 17.66 ? 805 LYS A CD  1 
ATOM   445 C  CE  . LYS A 1 58 ? -11.383 -10.266 -3.426  1.00 19.10 ? 805 LYS A CE  1 
ATOM   446 N  NZ  . LYS A 1 58 ? -11.375 -11.442 -4.329  1.00 21.10 ? 805 LYS A NZ  1 
ATOM   447 N  N   . ARG A 1 59 ? -9.211  -4.552  -2.838  1.00 12.40 ? 806 ARG A N   1 
ATOM   448 C  CA  . ARG A 1 59 ? -8.007  -4.352  -2.050  1.00 11.92 ? 806 ARG A CA  1 
ATOM   449 C  C   . ARG A 1 59 ? -8.101  -3.108  -1.166  1.00 11.56 ? 806 ARG A C   1 
ATOM   450 O  O   . ARG A 1 59 ? -7.517  -3.071  -0.090  1.00 11.89 ? 806 ARG A O   1 
ATOM   451 C  CB  . ARG A 1 59 ? -6.793  -4.319  -2.958  1.00 12.40 ? 806 ARG A CB  1 
ATOM   452 C  CG  . ARG A 1 59 ? -6.447  -5.713  -3.479  1.00 12.68 ? 806 ARG A CG  1 
ATOM   453 C  CD  . ARG A 1 59 ? -5.510  -5.711  -4.663  1.00 13.93 ? 806 ARG A CD  1 
ATOM   454 N  NE  . ARG A 1 59 ? -5.265  -7.089  -5.125  1.00 14.09 ? 806 ARG A NE  1 
ATOM   455 C  CZ  . ARG A 1 59 ? -6.139  -7.825  -5.824  1.00 13.95 ? 806 ARG A CZ  1 
ATOM   456 N  NH1 . ARG A 1 59 ? -7.319  -7.322  -6.176  1.00 15.30 ? 806 ARG A NH1 1 
ATOM   457 N  NH2 . ARG A 1 59 ? -5.833  -9.071  -6.166  1.00 14.96 ? 806 ARG A NH2 1 
ATOM   458 N  N   . ILE A 1 60 ? -8.839  -2.086  -1.595  1.00 12.03 ? 807 ILE A N   1 
ATOM   459 C  CA  . ILE A 1 60 ? -9.090  -0.956  -0.700  1.00 12.66 ? 807 ILE A CA  1 
ATOM   460 C  C   . ILE A 1 60 ? -9.847  -1.423  0.535   1.00 12.80 ? 807 ILE A C   1 
ATOM   461 O  O   . ILE A 1 60 ? -9.502  -1.063  1.669   1.00 13.22 ? 807 ILE A O   1 
ATOM   462 C  CB  . ILE A 1 60 ? -9.810  0.189   -1.424  1.00 13.29 ? 807 ILE A CB  1 
ATOM   463 C  CG1 . ILE A 1 60 ? -8.865  0.810   -2.451  1.00 13.84 ? 807 ILE A CG1 1 
ATOM   464 C  CG2 . ILE A 1 60 ? -10.321 1.245   -0.427  1.00 14.35 ? 807 ILE A CG2 1 
ATOM   465 C  CD1 . ILE A 1 60 ? -9.510  1.737   -3.423  1.00 15.89 ? 807 ILE A CD1 1 
ATOM   466 N  N   . GLU A 1 61 ? -10.860 -2.258  0.335   1.00 13.71 ? 808 GLU A N   1 
ATOM   467 C  CA  . GLU A 1 61 ? -11.622 -2.768  1.461   1.00 15.24 ? 808 GLU A CA  1 
ATOM   468 C  C   . GLU A 1 61 ? -10.792 -3.660  2.375   1.00 15.04 ? 808 GLU A C   1 
ATOM   469 O  O   . GLU A 1 61 ? -10.840 -3.518  3.597   1.00 16.26 ? 808 GLU A O   1 
ATOM   470 C  CB  . GLU A 1 61 ? -12.875 -3.478  0.975   1.00 16.27 ? 808 GLU A CB  1 
ATOM   471 C  CG  . GLU A 1 61 ? -13.864 -2.519  0.346   1.00 20.86 ? 808 GLU A CG  1 
ATOM   472 C  CD  . GLU A 1 61 ? -15.139 -3.182  -0.113  1.00 25.16 ? 808 GLU A CD  1 
ATOM   473 O  OE1 . GLU A 1 61 ? -15.402 -4.331  0.295   1.00 28.23 ? 808 GLU A OE1 1 
ATOM   474 O  OE2 . GLU A 1 61 ? -15.881 -2.541  -0.882  1.00 27.54 ? 808 GLU A OE2 1 
ATOM   475 N  N   . ALA A 1 62 ? -10.006 -4.553  1.783   1.00 14.31 ? 809 ALA A N   1 
ATOM   476 C  CA  . ALA A 1 62 ? -9.238  -5.516  2.550   1.00 14.31 ? 809 ALA A CA  1 
ATOM   477 C  C   . ALA A 1 62 ? -8.017  -4.895  3.219   1.00 13.36 ? 809 ALA A C   1 
ATOM   478 O  O   . ALA A 1 62 ? -7.705  -5.226  4.362   1.00 14.37 ? 809 ALA A O   1 
ATOM   479 C  CB  . ALA A 1 62 ? -8.812  -6.674  1.665   1.00 14.71 ? 809 ALA A CB  1 
ATOM   480 N  N   . TYR A 1 63 ? -7.318  -4.017  2.491   1.00 11.99 ? 810 TYR A N   1 
ATOM   481 C  CA  . TYR A 1 63 ? -5.971  -3.570  2.878   1.00 11.20 ? 810 TYR A CA  1 
ATOM   482 C  C   . TYR A 1 63 ? -5.857  -2.075  3.073   1.00 10.72 ? 810 TYR A C   1 
ATOM   483 O  O   . TYR A 1 63 ? -4.795  -1.607  3.462   1.00 10.31 ? 810 TYR A O   1 
ATOM   484 C  CB  . TYR A 1 63 ? -4.925  -3.968  1.823   1.00 11.35 ? 810 TYR A CB  1 
ATOM   485 C  CG  . TYR A 1 63 ? -4.934  -5.414  1.383   1.00 10.86 ? 810 TYR A CG  1 
ATOM   486 C  CD1 . TYR A 1 63 ? -4.705  -5.741  0.049   1.00 11.55 ? 810 TYR A CD1 1 
ATOM   487 C  CD2 . TYR A 1 63 ? -5.149  -6.456  2.288   1.00 11.60 ? 810 TYR A CD2 1 
ATOM   488 C  CE1 . TYR A 1 63 ? -4.690  -7.064  -0.370  1.00 12.43 ? 810 TYR A CE1 1 
ATOM   489 C  CE2 . TYR A 1 63 ? -5.149  -7.777  1.874   1.00 12.61 ? 810 TYR A CE2 1 
ATOM   490 C  CZ  . TYR A 1 63 ? -4.918  -8.074  0.551   1.00 12.19 ? 810 TYR A CZ  1 
ATOM   491 O  OH  . TYR A 1 63 ? -4.928  -9.396  0.154   1.00 13.63 ? 810 TYR A OH  1 
ATOM   492 N  N   . GLY A 1 64 ? -6.897  -1.317  2.746   1.00 10.50 ? 811 GLY A N   1 
ATOM   493 C  CA  . GLY A 1 64 ? -6.766  0.141   2.655   1.00 10.41 ? 811 GLY A CA  1 
ATOM   494 C  C   . GLY A 1 64 ? -6.290  0.796   3.931   1.00 9.56  ? 811 GLY A C   1 
ATOM   495 O  O   . GLY A 1 64 ? -5.394  1.634   3.913   1.00 9.98  ? 811 GLY A O   1 
ATOM   496 N  N   . GLU A 1 65 ? -6.895  0.437   5.051   1.00 10.18 ? 812 GLU A N   1 
ATOM   497 C  CA  . GLU A 1 65 ? -6.489  1.036   6.320   1.00 11.15 ? 812 GLU A CA  1 
ATOM   498 C  C   . GLU A 1 65 ? -5.041  0.693   6.650   1.00 9.94  ? 812 GLU A C   1 
ATOM   499 O  O   . GLU A 1 65 ? -4.291  1.553   7.105   1.00 9.94  ? 812 GLU A O   1 
ATOM   500 C  CB  . GLU A 1 65 ? -7.437  0.632   7.447   1.00 12.87 ? 812 GLU A CB  1 
ATOM   501 C  CG  . GLU A 1 65 ? -8.846  1.263   7.343   1.00 17.47 ? 812 GLU A CG  1 
ATOM   502 C  CD  . GLU A 1 65 ? -8.864  2.811   7.286   1.00 21.73 ? 812 GLU A CD  1 
ATOM   503 O  OE1 . GLU A 1 65 ? -7.888  3.466   7.717   1.00 24.17 ? 812 GLU A OE1 1 
ATOM   504 O  OE2 . GLU A 1 65 ? -9.878  3.370   6.808   1.00 25.58 ? 812 GLU A OE2 1 
ATOM   505 N  N   . ARG A 1 66 ? -4.628  -0.543  6.389   1.00 9.46  ? 813 ARG A N   1 
ATOM   506 C  CA  . ARG A 1 66 ? -3.236  -0.946  6.612   1.00 9.97  ? 813 ARG A CA  1 
ATOM   507 C  C   . ARG A 1 66 ? -2.267  -0.165  5.715   1.00 8.76  ? 813 ARG A C   1 
ATOM   508 O  O   . ARG A 1 66 ? -1.170  0.198   6.148   1.00 8.84  ? 813 ARG A O   1 
ATOM   509 C  CB  . ARG A 1 66 ? -3.053  -2.456  6.387   1.00 11.37 ? 813 ARG A CB  1 
ATOM   510 C  CG  . ARG A 1 66 ? -3.852  -3.382  7.261   1.00 14.86 ? 813 ARG A CG  1 
ATOM   511 C  CD  . ARG A 1 66 ? -3.149  -3.694  8.545   1.00 15.63 ? 813 ARG A CD  1 
ATOM   512 N  NE  . ARG A 1 66 ? -1.943  -4.510  8.397   1.00 14.53 ? 813 ARG A NE  1 
ATOM   513 C  CZ  . ARG A 1 66 ? -1.904  -5.844  8.295   1.00 14.39 ? 813 ARG A CZ  1 
ATOM   514 N  NH1 . ARG A 1 66 ? -3.020  -6.569  8.272   1.00 15.56 ? 813 ARG A NH1 1 
ATOM   515 N  NH2 . ARG A 1 66 ? -0.729  -6.459  8.209   1.00 14.77 ? 813 ARG A NH2 1 
ATOM   516 N  N   . ILE A 1 67 ? -2.655  0.072   4.464   1.00 8.78  ? 814 ILE A N   1 
ATOM   517 C  CA  . ILE A 1 67 ? -1.843  0.848   3.547   1.00 8.89  ? 814 ILE A CA  1 
ATOM   518 C  C   . ILE A 1 67 ? -1.691  2.280   4.050   1.00 8.24  ? 814 ILE A C   1 
ATOM   519 O  O   . ILE A 1 67 ? -0.581  2.824   4.077   1.00 8.52  ? 814 ILE A O   1 
ATOM   520 C  CB  . ILE A 1 67 ? -2.449  0.819   2.127   1.00 8.54  ? 814 ILE A CB  1 
ATOM   521 C  CG1 . ILE A 1 67 ? -2.297  -0.582  1.507   1.00 9.44  ? 814 ILE A CG1 1 
ATOM   522 C  CG2 . ILE A 1 67 ? -1.798  1.888   1.238   1.00 9.39  ? 814 ILE A CG2 1 
ATOM   523 C  CD1 . ILE A 1 67 ? -3.151  -0.823  0.261   1.00 10.11 ? 814 ILE A CD1 1 
ATOM   524 N  N   . LEU A 1 68 ? -2.792  2.912   4.431   1.00 8.38  ? 815 LEU A N   1 
ATOM   525 C  CA  . LEU A 1 68 ? -2.716  4.292   4.938   1.00 9.02  ? 815 LEU A CA  1 
ATOM   526 C  C   . LEU A 1 68 ? -1.838  4.364   6.171   1.00 8.99  ? 815 LEU A C   1 
ATOM   527 O  O   . LEU A 1 68 ? -1.071  5.303   6.332   1.00 9.02  ? 815 LEU A O   1 
ATOM   528 C  CB  . LEU A 1 68 ? -4.102  4.835   5.251   1.00 9.85  ? 815 LEU A CB  1 
ATOM   529 C  CG  . LEU A 1 68 ? -5.040  4.993   4.047   1.00 10.70 ? 815 LEU A CG  1 
ATOM   530 C  CD1 . LEU A 1 68 ? -6.383  5.557   4.497   1.00 12.85 ? 815 LEU A CD1 1 
ATOM   531 C  CD2 . LEU A 1 68 ? -4.420  5.880   2.955   1.00 11.59 ? 815 LEU A CD2 1 
ATOM   532 N  N   . ASP A 1 69 ? -1.945  3.367   7.044   1.00 8.86  ? 816 ASP A N   1 
ATOM   533 C  CA  . ASP A 1 69 ? -1.156  3.329   8.271   1.00 9.42  ? 816 ASP A CA  1 
ATOM   534 C  C   . ASP A 1 69 ? 0.337   3.156   7.954   1.00 8.93  ? 816 ASP A C   1 
ATOM   535 O  O   . ASP A 1 69 ? 1.184   3.769   8.609   1.00 9.10  ? 816 ASP A O   1 
ATOM   536 C  CB  . ASP A 1 69 ? -1.717  2.209   9.167   1.00 10.13 ? 816 ASP A CB  1 
ATOM   537 C  CG  . ASP A 1 69 ? -0.919  1.975   10.438  1.00 11.57 ? 816 ASP A CG  1 
ATOM   538 O  OD1 . ASP A 1 69 ? -0.473  2.948   11.094  1.00 12.39 ? 816 ASP A OD1 1 
ATOM   539 O  OD2 . ASP A 1 69 ? -0.804  0.781   10.802  1.00 13.97 ? 816 ASP A OD2 1 
ATOM   540 N  N   . ALA A 1 70 ? 0.674   2.326   6.966   1.00 8.92  ? 817 ALA A N   1 
ATOM   541 C  CA  . ALA A 1 70 ? 2.073   2.188   6.563   1.00 9.32  ? 817 ALA A CA  1 
ATOM   542 C  C   . ALA A 1 70 ? 2.638   3.538   6.084   1.00 8.82  ? 817 ALA A C   1 
ATOM   543 O  O   . ALA A 1 70 ? 3.723   3.959   6.497   1.00 9.31  ? 817 ALA A O   1 
ATOM   544 C  CB  . ALA A 1 70 ? 2.224   1.127   5.480   1.00 9.68  ? 817 ALA A CB  1 
ATOM   545 N  N   . ILE A 1 71 ? 1.888   4.217   5.225   1.00 8.46  ? 818 ILE A N   1 
ATOM   546 C  CA  . ILE A 1 71 ? 2.297   5.517   4.724   1.00 8.95  ? 818 ILE A CA  1 
ATOM   547 C  C   . ILE A 1 71 ? 2.448   6.519   5.878   1.00 9.05  ? 818 ILE A C   1 
ATOM   548 O  O   . ILE A 1 71 ? 3.453   7.231   5.958   1.00 9.57  ? 818 ILE A O   1 
ATOM   549 C  CB  . ILE A 1 71 ? 1.290   5.999   3.660   1.00 9.00  ? 818 ILE A CB  1 
ATOM   550 C  CG1 . ILE A 1 71 ? 1.422   5.132   2.393   1.00 9.77  ? 818 ILE A CG1 1 
ATOM   551 C  CG2 . ILE A 1 71 ? 1.501   7.482   3.324   1.00 9.95  ? 818 ILE A CG2 1 
ATOM   552 C  CD1 . ILE A 1 71 ? 0.268   5.254   1.428   1.00 10.13 ? 818 ILE A CD1 1 
ATOM   553 N  N   . ASN A 1 72 ? 1.466   6.571   6.774   1.00 9.03  ? 819 ASN A N   1 
ATOM   554 C  CA  . ASN A 1 72 ? 1.522   7.499   7.895   1.00 9.70  ? 819 ASN A CA  1 
ATOM   555 C  C   . ASN A 1 72 ? 2.659   7.220   8.842   1.00 9.58  ? 819 ASN A C   1 
ATOM   556 O  O   . ASN A 1 72 ? 3.263   8.144   9.382   1.00 10.17 ? 819 ASN A O   1 
ATOM   557 C  CB  . ASN A 1 72 ? 0.197   7.499   8.644   1.00 10.86 ? 819 ASN A CB  1 
ATOM   558 C  CG  . ASN A 1 72 ? -0.881  8.215   7.877   1.00 12.52 ? 819 ASN A CG  1 
ATOM   559 O  OD1 . ASN A 1 72 ? -0.598  9.165   7.166   1.00 15.02 ? 819 ASN A OD1 1 
ATOM   560 N  ND2 . ASN A 1 72 ? -2.110  7.768   8.012   1.00 15.14 ? 819 ASN A ND2 1 
ATOM   561 N  N   . THR A 1 73 ? 2.978   5.948   9.036   1.00 9.34  ? 820 THR A N   1 
ATOM   562 C  CA  . THR A 1 73 ? 4.072   5.585   9.921   1.00 10.16 ? 820 THR A CA  1 
ATOM   563 C  C   . THR A 1 73 ? 5.386   6.151   9.385   1.00 9.86  ? 820 THR A C   1 
ATOM   564 O  O   . THR A 1 73 ? 6.220   6.653   10.152  1.00 10.49 ? 820 THR A O   1 
ATOM   565 C  CB  . THR A 1 73 ? 4.136   4.057   10.121  1.00 10.07 ? 820 THR A CB  1 
ATOM   566 O  OG1 . THR A 1 73 ? 2.935   3.616   10.768  1.00 10.29 ? 820 THR A OG1 1 
ATOM   567 C  CG2 . THR A 1 73 ? 5.315   3.667   11.002  1.00 12.07 ? 820 THR A CG2 1 
ATOM   568 N  N   . VAL A 1 74 ? 5.574   6.072   8.073   1.00 9.16  ? 821 VAL A N   1 
ATOM   569 C  CA  . VAL A 1 74 ? 6.760   6.650   7.444   1.00 10.07 ? 821 VAL A CA  1 
ATOM   570 C  C   . VAL A 1 74 ? 6.735   8.179   7.479   1.00 9.95  ? 821 VAL A C   1 
ATOM   571 O  O   . VAL A 1 74 ? 7.731   8.810   7.831   1.00 10.83 ? 821 VAL A O   1 
ATOM   572 C  CB  . VAL A 1 74 ? 6.914   6.137   5.997   1.00 10.43 ? 821 VAL A CB  1 
ATOM   573 C  CG1 . VAL A 1 74 ? 8.045   6.888   5.274   1.00 11.39 ? 821 VAL A CG1 1 
ATOM   574 C  CG2 . VAL A 1 74 ? 7.148   4.636   5.999   1.00 12.12 ? 821 VAL A CG2 1 
ATOM   575 N  N   . LEU A 1 75 ? 5.615   8.783   7.098   1.00 10.08 ? 822 LEU A N   1 
ATOM   576 C  CA  . LEU A 1 75 ? 5.574   10.247  6.995   1.00 10.81 ? 822 LEU A CA  1 
ATOM   577 C  C   . LEU A 1 75 ? 5.683   10.931  8.346   1.00 11.43 ? 822 LEU A C   1 
ATOM   578 O  O   . LEU A 1 75 ? 6.295   11.995  8.447   1.00 12.96 ? 822 LEU A O   1 
ATOM   579 C  CB  . LEU A 1 75 ? 4.308   10.704  6.294   1.00 11.27 ? 822 LEU A CB  1 
ATOM   580 C  CG  . LEU A 1 75 ? 4.162   10.328  4.824   1.00 11.43 ? 822 LEU A CG  1 
ATOM   581 C  CD1 . LEU A 1 75 ? 2.824   10.777  4.299   1.00 13.62 ? 822 LEU A CD1 1 
ATOM   582 C  CD2 . LEU A 1 75 ? 5.283   10.882  3.984   1.00 13.90 ? 822 LEU A CD2 1 
ATOM   583 N  N   . ASP A 1 76 ? 5.079   10.339  9.374   1.00 10.69 ? 823 ASP A N   1 
ATOM   584 C  CA  . ASP A 1 76 ? 5.025   10.952  10.702  1.00 11.44 ? 823 ASP A CA  1 
ATOM   585 C  C   . ASP A 1 76 ? 6.111   10.471  11.647  1.00 12.25 ? 823 ASP A C   1 
ATOM   586 O  O   . ASP A 1 76 ? 6.523   11.218  12.531  1.00 14.27 ? 823 ASP A O   1 
ATOM   587 C  CB  . ASP A 1 76 ? 3.655   10.730  11.350  1.00 11.85 ? 823 ASP A CB  1 
ATOM   588 C  CG  . ASP A 1 76 ? 2.545   11.518  10.676  1.00 11.77 ? 823 ASP A CG  1 
ATOM   589 O  OD1 . ASP A 1 76 ? 2.863   12.500  9.962   1.00 13.09 ? 823 ASP A OD1 1 
ATOM   590 O  OD2 . ASP A 1 76 ? 1.361   11.152  10.879  1.00 13.30 ? 823 ASP A OD2 1 
ATOM   591 N  N   . GLY A 1 77 ? 6.535   9.219   11.523  1.00 13.33 ? 824 GLY A N   1 
ATOM   592 C  CA  . GLY A 1 77 ? 7.499   8.635   12.473  1.00 14.83 ? 824 GLY A CA  1 
ATOM   593 C  C   . GLY A 1 77 ? 6.924   8.383   13.853  1.00 16.08 ? 824 GLY A C   1 
ATOM   594 O  O   . GLY A 1 77 ? 7.656   8.275   14.844  1.00 16.76 ? 824 GLY A O   1 
HETATM 595 P  P   . PO4 B 2 .  ? -9.152  -10.217 -7.971  1.00 18.82 ? 1   PO4 A P   1 
HETATM 596 O  O1  . PO4 B 2 .  ? -7.955  -10.772 -7.234  1.00 19.00 ? 1   PO4 A O1  1 
HETATM 597 O  O2  . PO4 B 2 .  ? -9.095  -10.626 -9.432  1.00 19.05 ? 1   PO4 A O2  1 
HETATM 598 O  O3  . PO4 B 2 .  ? -10.456 -10.759 -7.402  1.00 21.03 ? 1   PO4 A O3  1 
HETATM 599 O  O4  . PO4 B 2 .  ? -9.214  -8.710  -7.842  1.00 20.82 ? 1   PO4 A O4  1 
HETATM 600 O  O   . HOH C 3 .  ? 6.786   -7.090  -0.753  1.00 12.10 ? 825 HOH A O   1 
HETATM 601 O  O   . HOH C 3 .  ? -0.261  -0.978  8.588   1.00 12.59 ? 826 HOH A O   1 
HETATM 602 O  O   . HOH C 3 .  ? -1.667  7.833   4.715   1.00 12.24 ? 827 HOH A O   1 
HETATM 603 O  O   . HOH C 3 .  ? -3.972  9.029   -4.742  1.00 15.98 ? 828 HOH A O   1 
HETATM 604 O  O   . HOH C 3 .  ? -8.694  -4.760  -5.711  1.00 14.54 ? 829 HOH A O   1 
HETATM 605 O  O   . HOH C 3 .  ? 4.329   -12.462 -6.623  1.00 16.21 ? 830 HOH A O   1 
HETATM 606 O  O   . HOH C 3 .  ? -6.749  -2.720  6.060   1.00 15.58 ? 831 HOH A O   1 
HETATM 607 O  O   . HOH C 3 .  ? 0.793   8.660   11.945  1.00 13.23 ? 832 HOH A O   1 
HETATM 608 O  O   . HOH C 3 .  ? 12.387  -3.935  8.637   1.00 15.68 ? 833 HOH A O   1 
HETATM 609 O  O   . HOH C 3 .  ? 7.168   -7.679  6.778   1.00 15.64 ? 834 HOH A O   1 
HETATM 610 O  O   . HOH C 3 .  ? -2.182  -4.190  -7.516  1.00 16.59 ? 835 HOH A O   1 
HETATM 611 O  O   . HOH C 3 .  ? -5.248  -9.657  -2.473  1.00 14.63 ? 836 HOH A O   1 
HETATM 612 O  O   . HOH C 3 .  ? 5.147   -13.726 -4.009  1.00 15.43 ? 837 HOH A O   1 
HETATM 613 O  O   . HOH C 3 .  ? 0.528   -3.481  9.344   1.00 16.53 ? 838 HOH A O   1 
HETATM 614 O  O   . HOH C 3 .  ? -3.052  14.110  0.225   1.00 16.20 ? 839 HOH A O   1 
HETATM 615 O  O   . HOH C 3 .  ? 9.298   0.990   6.949   1.00 16.06 ? 840 HOH A O   1 
HETATM 616 O  O   . HOH C 3 .  ? -2.901  10.753  -2.954  1.00 16.86 ? 841 HOH A O   1 
HETATM 617 O  O   . HOH C 3 .  ? 5.456   -13.071 3.633   1.00 18.97 ? 842 HOH A O   1 
HETATM 618 O  O   . HOH C 3 .  ? 10.927  2.591   5.521   1.00 18.88 ? 843 HOH A O   1 
HETATM 619 O  O   . HOH C 3 .  ? -0.631  13.041  -0.177  1.00 16.59 ? 844 HOH A O   1 
HETATM 620 O  O   . HOH C 3 .  ? 3.728   -3.812  10.922  1.00 16.07 ? 845 HOH A O   1 
HETATM 621 O  O   . HOH C 3 .  ? 2.986   2.955   -11.079 1.00 18.17 ? 846 HOH A O   1 
HETATM 622 O  O   . HOH C 3 .  ? 13.062  1.254   -0.812  1.00 18.63 ? 847 HOH A O   1 
HETATM 623 O  O   . HOH C 3 .  ? 6.588   -7.266  9.406   1.00 16.26 ? 848 HOH A O   1 
HETATM 624 O  O   . HOH C 3 .  ? -7.274  -10.503 1.239   1.00 19.17 ? 849 HOH A O   1 
HETATM 625 O  O   . HOH C 3 .  ? 0.548   13.757  2.132   1.00 19.75 ? 850 HOH A O   1 
HETATM 626 O  O   . HOH C 3 .  ? -9.147  -1.571  5.131   1.00 19.37 ? 851 HOH A O   1 
HETATM 627 O  O   . HOH C 3 .  ? -1.898  5.406   11.021  1.00 21.18 ? 852 HOH A O   1 
HETATM 628 O  O   . HOH C 3 .  ? 13.845  7.976   -2.178  1.00 18.43 ? 853 HOH A O   1 
HETATM 629 O  O   . HOH C 3 .  ? 7.136   5.628   -6.642  1.00 17.99 ? 854 HOH A O   1 
HETATM 630 O  O   . HOH C 3 .  ? -10.224 8.438   4.775   1.00 20.45 ? 855 HOH A O   1 
HETATM 631 O  O   . HOH C 3 .  ? 12.491  4.646   -4.223  1.00 21.47 ? 856 HOH A O   1 
HETATM 632 O  O   . HOH C 3 .  ? -7.926  -9.207  -2.965  1.00 20.69 ? 857 HOH A O   1 
HETATM 633 O  O   . HOH C 3 .  ? -12.345 -6.907  0.109   1.00 20.49 ? 858 HOH A O   1 
HETATM 634 O  O   . HOH C 3 .  ? -11.068 -4.749  -7.075  1.00 20.46 ? 859 HOH A O   1 
HETATM 635 O  O   . HOH C 3 .  ? 8.690   5.257   10.071  1.00 22.48 ? 860 HOH A O   1 
HETATM 636 O  O   . HOH C 3 .  ? -4.286  9.694   7.156   1.00 19.31 ? 861 HOH A O   1 
HETATM 637 O  O   . HOH C 3 .  ? 12.051  -1.187  -1.140  1.00 23.09 ? 862 HOH A O   1 
HETATM 638 O  O   . HOH C 3 .  ? -5.179  3.631   8.691   1.00 19.24 ? 863 HOH A O   1 
HETATM 639 O  O   . HOH C 3 .  ? -5.844  -5.966  8.714   1.00 24.53 ? 864 HOH A O   1 
HETATM 640 O  O   . HOH C 3 .  ? 2.387   -15.983 0.614   1.00 21.51 ? 865 HOH A O   1 
HETATM 641 O  O   . HOH C 3 .  ? -6.862  -15.736 2.266   1.00 33.08 ? 866 HOH A O   1 
HETATM 642 O  O   . HOH C 3 .  ? -3.441  5.766   9.111   1.00 20.69 ? 867 HOH A O   1 
HETATM 643 O  O   . HOH C 3 .  ? 6.030   -10.327 7.174   1.00 21.27 ? 868 HOH A O   1 
HETATM 644 O  O   . HOH C 3 .  ? -14.178 6.465   -5.964  1.00 24.15 ? 869 HOH A O   1 
HETATM 645 O  O   . HOH C 3 .  ? 9.767   -7.444  6.070   1.00 24.22 ? 870 HOH A O   1 
HETATM 646 O  O   . HOH C 3 .  ? -7.149  -3.429  8.667   1.00 26.40 ? 871 HOH A O   1 
HETATM 647 O  O   . HOH C 3 .  ? -8.042  -12.062 -4.418  1.00 40.61 ? 872 HOH A O   1 
HETATM 648 O  O   . HOH C 3 .  ? -13.099 2.078   -5.419  1.00 23.85 ? 873 HOH A O   1 
HETATM 649 O  O   . HOH C 3 .  ? -16.439 -1.170  -5.803  1.00 26.10 ? 874 HOH A O   1 
HETATM 650 O  O   . HOH C 3 .  ? 12.409  -2.581  1.158   1.00 29.22 ? 875 HOH A O   1 
HETATM 651 O  O   . HOH C 3 .  ? -3.162  -4.306  -11.032 1.00 22.40 ? 876 HOH A O   1 
HETATM 652 O  O   . HOH C 3 .  ? -12.049 9.795   -4.471  1.00 21.93 ? 877 HOH A O   1 
HETATM 653 O  O   . HOH C 3 .  ? -3.055  -0.643  10.439  1.00 23.78 ? 878 HOH A O   1 
HETATM 654 O  O   . HOH C 3 .  ? -7.853  9.130   6.304   1.00 26.48 ? 879 HOH A O   1 
HETATM 655 O  O   . HOH C 3 .  ? 4.366   -15.410 2.713   1.00 29.13 ? 880 HOH A O   1 
HETATM 656 O  O   . HOH C 3 .  ? -11.523 -9.457  0.406   1.00 26.87 ? 881 HOH A O   1 
HETATM 657 O  O   . HOH C 3 .  ? -9.128  -10.253 -0.653  1.00 24.67 ? 882 HOH A O   1 
HETATM 658 O  O   . HOH C 3 .  ? 9.481   -0.265  -6.694  1.00 19.75 ? 883 HOH A O   1 
HETATM 659 O  O   . HOH C 3 .  ? 12.518  -4.544  4.807   1.00 24.87 ? 884 HOH A O   1 
HETATM 660 O  O   . HOH C 3 .  ? 11.350  5.119   7.041   1.00 33.34 ? 885 HOH A O   1 
HETATM 661 O  O   . HOH C 3 .  ? 9.268   -1.051  -11.223 1.00 22.03 ? 886 HOH A O   1 
HETATM 662 O  O   . HOH C 3 .  ? -0.212  -18.127 -3.111  1.00 25.51 ? 887 HOH A O   1 
HETATM 663 O  O   . HOH C 3 .  ? -4.429  -18.533 0.444   1.00 28.83 ? 888 HOH A O   1 
HETATM 664 O  O   . HOH C 3 .  ? 1.608   -10.992 9.002   1.00 31.24 ? 889 HOH A O   1 
HETATM 665 O  O   . HOH C 3 .  ? 0.867   14.108  -2.125  1.00 23.70 ? 890 HOH A O   1 
HETATM 666 O  O   . HOH C 3 .  ? 11.465  0.680   -4.855  1.00 24.92 ? 891 HOH A O   1 
HETATM 667 O  O   . HOH C 3 .  ? -2.853  -5.464  11.574  1.00 27.75 ? 892 HOH A O   1 
HETATM 668 O  O   . HOH C 3 .  ? -3.922  -5.907  -8.944  1.00 25.02 ? 893 HOH A O   1 
HETATM 669 O  O   . HOH C 3 .  ? 4.627   11.961  14.731  1.00 25.83 ? 894 HOH A O   1 
HETATM 670 O  O   . HOH C 3 .  ? -7.966  1.656   -7.772  1.00 29.23 ? 895 HOH A O   1 
HETATM 671 O  O   . HOH C 3 .  ? 8.306   3.147   -5.418  1.00 25.71 ? 896 HOH A O   1 
HETATM 672 O  O   . HOH C 3 .  ? 7.407   13.517  6.396   1.00 30.12 ? 897 HOH A O   1 
HETATM 673 O  O   . HOH C 3 .  ? 4.715   -16.332 -3.476  1.00 29.57 ? 898 HOH A O   1 
HETATM 674 O  O   . HOH C 3 .  ? -9.762  -12.845 -0.874  1.00 30.80 ? 899 HOH A O   1 
HETATM 675 O  O   . HOH C 3 .  ? -4.924  -9.508  5.686   1.00 38.53 ? 900 HOH A O   1 
HETATM 676 O  O   . HOH C 3 .  ? 2.447   13.001  -4.017  1.00 31.27 ? 901 HOH A O   1 
HETATM 677 O  O   . HOH C 3 .  ? -13.778 6.848   -1.424  1.00 26.27 ? 902 HOH A O   1 
HETATM 678 O  O   . HOH C 3 .  ? -7.079  0.910   -11.554 1.00 37.71 ? 903 HOH A O   1 
HETATM 679 O  O   . HOH C 3 .  ? -4.284  -16.340 -5.385  1.00 32.16 ? 904 HOH A O   1 
HETATM 680 O  O   . HOH C 3 .  ? -0.866  0.080   -11.540 1.00 36.95 ? 905 HOH A O   1 
HETATM 681 O  O   . HOH C 3 .  ? -8.056  -9.852  3.727   1.00 28.33 ? 906 HOH A O   1 
HETATM 682 O  O   . HOH C 3 .  ? 7.656   -12.987 2.104   1.00 34.33 ? 907 HOH A O   1 
HETATM 683 O  O   . HOH C 3 .  ? 2.575   -12.443 12.957  1.00 25.92 ? 908 HOH A O   1 
HETATM 684 O  O   . HOH C 3 .  ? 8.666   -9.204  -0.612  1.00 26.91 ? 909 HOH A O   1 
HETATM 685 O  O   . HOH C 3 .  ? -12.191 -1.629  -8.462  1.00 28.49 ? 910 HOH A O   1 
HETATM 686 O  O   . HOH C 3 .  ? 7.514   -13.270 -2.845  1.00 28.26 ? 911 HOH A O   1 
HETATM 687 O  O   . HOH C 3 .  ? -12.288 4.290   -1.649  1.00 30.69 ? 912 HOH A O   1 
HETATM 688 O  O   . HOH C 3 .  ? -10.658 2.499   -7.057  1.00 33.73 ? 913 HOH A O   1 
HETATM 689 O  O   . HOH C 3 .  ? 5.490   3.253   -11.549 1.00 28.66 ? 914 HOH A O   1 
HETATM 690 O  O   . HOH C 3 .  ? -1.844  -1.293  12.752  1.00 34.36 ? 915 HOH A O   1 
HETATM 691 O  O   . HOH C 3 .  ? -4.050  -18.901 -2.201  1.00 40.03 ? 916 HOH A O   1 
HETATM 692 O  O   . HOH C 3 .  ? 14.541  2.982   2.812   1.00 35.84 ? 917 HOH A O   1 
HETATM 693 O  O   . HOH C 3 .  ? -7.914  -13.144 2.109   1.00 31.28 ? 918 HOH A O   1 
HETATM 694 O  O   . HOH C 3 .  ? -10.155 6.017   6.679   1.00 39.09 ? 919 HOH A O   1 
HETATM 695 O  O   . HOH C 3 .  ? 0.678   -17.861 4.847   1.00 29.43 ? 920 HOH A O   1 
HETATM 696 O  O   . HOH C 3 .  ? 8.372   -11.908 -0.298  1.00 36.53 ? 921 HOH A O   1 
HETATM 697 O  O   . HOH C 3 .  ? 6.646   14.812  4.247   1.00 43.02 ? 922 HOH A O   1 
HETATM 698 O  O   . HOH C 3 .  ? -6.269  8.192   -10.841 1.00 37.45 ? 923 HOH A O   1 
HETATM 699 O  O   . HOH C 3 .  ? 7.060   -12.613 6.196   1.00 37.38 ? 924 HOH A O   1 
HETATM 700 O  O   . HOH C 3 .  ? -11.723 -13.728 -2.703  1.00 47.19 ? 925 HOH A O   1 
HETATM 701 O  O   . HOH C 3 .  ? 10.106  8.228   8.809   1.00 36.08 ? 926 HOH A O   1 
HETATM 702 O  O   . HOH C 3 .  ? -10.626 -1.562  7.417   1.00 35.44 ? 927 HOH A O   1 
HETATM 703 O  O   . HOH C 3 .  ? -15.627 2.789   4.260   1.00 44.85 ? 928 HOH A O   1 
HETATM 704 O  O   . HOH C 3 .  ? 16.493  7.247   -1.862  1.00 43.16 ? 929 HOH A O   1 
HETATM 705 O  O   . HOH C 3 .  ? 2.009   -0.392  -15.139 1.00 43.05 ? 930 HOH A O   1 
HETATM 706 O  O   . HOH C 3 .  ? 9.681   4.532   -6.754  1.00 31.11 ? 931 HOH A O   1 
HETATM 707 O  O   . HOH C 3 .  ? 7.448   9.342   -3.036  1.00 39.48 ? 932 HOH A O   1 
HETATM 708 O  O   . HOH C 3 .  ? -4.109  -0.843  -13.904 1.00 45.09 ? 933 HOH A O   1 
HETATM 709 O  O   . HOH C 3 .  ? 15.445  8.027   5.581   1.00 40.44 ? 934 HOH A O   1 
HETATM 710 O  O   . HOH C 3 .  ? -12.254 5.977   -7.997  1.00 44.83 ? 935 HOH A O   1 
HETATM 711 O  O   . HOH C 3 .  ? -9.851  -5.622  6.410   1.00 42.98 ? 936 HOH A O   1 
HETATM 712 O  O   . HOH C 3 .  ? -10.376 -1.404  -10.481 1.00 49.94 ? 937 HOH A O   1 
HETATM 713 O  O   . HOH C 3 .  ? 5.935   11.795  -5.087  1.00 39.88 ? 938 HOH A O   1 
HETATM 714 O  O   . HOH C 3 .  ? -0.179  -20.074 0.207   1.00 33.70 ? 939 HOH A O   1 
HETATM 715 O  O   . HOH C 3 .  ? 15.426  -3.743  5.767   1.00 41.43 ? 940 HOH A O   1 
HETATM 716 O  O   . HOH C 3 .  ? 3.588   5.561   -10.148 1.00 35.40 ? 941 HOH A O   1 
HETATM 717 O  O   . HOH C 3 .  ? -11.340 0.516   3.337   1.00 36.43 ? 942 HOH A O   1 
HETATM 718 O  O   . HOH C 3 .  ? -3.446  11.847  -11.030 1.00 42.76 ? 943 HOH A O   1 
HETATM 719 O  O   . HOH C 3 .  ? 2.499   -17.318 -1.862  1.00 46.56 ? 944 HOH A O   1 
HETATM 720 O  O   . HOH C 3 .  ? 0.095   12.997  -6.527  1.00 50.03 ? 945 HOH A O   1 
HETATM 721 O  O   . HOH C 3 .  ? 0.488   16.459  1.877   0.50 26.16 ? 946 HOH A O   1 
HETATM 722 O  O   . HOH C 3 .  ? 10.148  -13.063 3.419   1.00 57.48 ? 947 HOH A O   1 
HETATM 723 O  O   . HOH C 3 .  ? -13.017 -2.767  5.084   1.00 42.93 ? 948 HOH A O   1 
HETATM 724 O  O   . HOH C 3 .  ? 0.528   -12.777 11.094  1.00 39.07 ? 949 HOH A O   1 
HETATM 725 O  O   . HOH C 3 .  ? 1.605   7.323   -9.533  1.00 27.94 ? 950 HOH A O   1 
HETATM 726 O  O   . HOH C 3 .  ? 2.167   11.585  -7.550  1.00 41.71 ? 951 HOH A O   1 
HETATM 727 O  O   . HOH C 3 .  ? 3.171   16.945  3.137   1.00 48.40 ? 952 HOH A O   1 
HETATM 728 O  O   . HOH C 3 .  ? -13.494 0.778   1.692   1.00 43.68 ? 953 HOH A O   1 
HETATM 729 O  O   . HOH C 3 .  ? -12.641 13.123  -6.798  1.00 44.47 ? 954 HOH A O   1 
HETATM 730 O  O   . HOH C 3 .  ? -4.032  -17.779 5.575   1.00 49.36 ? 955 HOH A O   1 
HETATM 731 O  O   . HOH C 3 .  ? 6.899   -0.308  -12.371 1.00 29.27 ? 956 HOH A O   1 
HETATM 732 O  O   . HOH C 3 .  ? 17.439  4.150   -1.336  1.00 50.19 ? 957 HOH A O   1 
HETATM 733 O  O   . HOH C 3 .  ? -9.203  -1.069  9.795   1.00 39.72 ? 958 HOH A O   1 
HETATM 734 O  O   . HOH C 3 .  ? -12.814 5.750   7.277   1.00 48.41 ? 959 HOH A O   1 
HETATM 735 O  O   . HOH C 3 .  ? 2.446   9.860   -9.603  1.00 39.35 ? 960 HOH A O   1 
HETATM 736 O  O   . HOH C 3 .  ? -11.616 -7.762  5.012   1.00 47.14 ? 961 HOH A O   1 
HETATM 737 O  O   . HOH C 3 .  ? -3.980  15.958  -1.655  1.00 48.02 ? 962 HOH A O   1 
HETATM 738 O  O   . HOH C 3 .  ? 15.235  1.031   0.866   1.00 39.09 ? 963 HOH A O   1 
HETATM 739 O  O   . HOH C 3 .  ? -0.638  16.181  -3.048  1.00 52.37 ? 964 HOH A O   1 
HETATM 740 O  O   . HOH C 3 .  ? -1.425  12.527  -4.403  1.00 42.96 ? 965 HOH A O   1 
HETATM 741 O  O   . HOH C 3 .  ? -9.789  14.304  -5.076  1.00 41.03 ? 966 HOH A O   1 
HETATM 742 O  O   . HOH C 3 .  ? 2.154   -17.949 2.401   1.00 44.76 ? 967 HOH A O   1 
HETATM 743 O  O   . HOH C 3 .  ? 4.907   13.440  -2.910  1.00 58.51 ? 968 HOH A O   1 
HETATM 744 O  O   . HOH C 3 .  ? -8.972  -16.961 -1.988  1.00 44.33 ? 969 HOH A O   1 
HETATM 745 O  O   . HOH C 3 .  ? -8.376  -17.233 0.596   1.00 44.49 ? 970 HOH A O   1 
HETATM 746 O  O   . HOH C 3 .  ? -14.764 -6.793  -1.415  1.00 42.66 ? 971 HOH A O   1 
HETATM 747 O  O   . HOH C 3 .  ? -6.378  -4.752  -8.853  1.00 43.57 ? 972 HOH A O   1 
HETATM 748 O  O   . HOH C 3 .  ? 6.926   9.844   -8.844  1.00 43.91 ? 973 HOH A O   1 
HETATM 749 O  O   . HOH C 3 .  ? -14.729 3.904   6.774   1.00 53.84 ? 974 HOH A O   1 
HETATM 750 O  O   . HOH C 3 .  ? -4.082  -20.846 1.650   1.00 50.77 ? 975 HOH A O   1 
HETATM 751 O  O   . HOH C 3 .  ? 10.770  -8.277  -1.886  1.00 43.47 ? 976 HOH A O   1 
HETATM 752 O  O   . HOH C 3 .  ? -1.594  -20.575 2.571   1.00 44.49 ? 977 HOH A O   1 
HETATM 753 O  O   . HOH C 3 .  ? -6.845  -7.661  5.511   1.00 49.76 ? 978 HOH A O   1 
HETATM 754 O  O   . HOH C 3 .  ? 14.408  -1.537  -3.182  1.00 43.07 ? 979 HOH A O   1 
HETATM 755 O  O   . HOH C 3 .  ? 16.645  3.334   1.119   1.00 55.57 ? 980 HOH A O   1 
HETATM 756 O  O   . HOH C 3 .  ? -8.219  -12.652 4.753   1.00 40.49 ? 981 HOH A O   1 
HETATM 757 O  O   . HOH C 3 .  ? -9.320  -4.831  -9.165  1.00 46.51 ? 982 HOH A O   1 
HETATM 758 O  O   . HOH C 3 .  ? -1.698  -14.317 13.261  1.00 35.79 ? 983 HOH A O   1 
HETATM 759 O  O   . HOH C 3 .  ? 5.649   10.614  -2.323  1.00 34.03 ? 984 HOH A O   1 
HETATM 760 O  O   . HOH C 3 .  ? 3.089   -15.083 13.793  1.00 45.19 ? 985 HOH A O   1 
HETATM 761 O  O   . HOH C 3 .  ? 9.302   14.383  4.700   1.00 53.41 ? 986 HOH A O   1 
HETATM 762 O  O   . HOH C 3 .  ? -5.409  7.345   8.471   1.00 45.49 ? 987 HOH A O   1 
HETATM 763 O  O   . HOH C 3 .  ? 4.602   14.718  10.815  1.00 43.95 ? 988 HOH A O   1 
HETATM 764 O  O   . HOH C 3 .  ? 9.939   -5.478  -5.838  1.00 20.53 ? 989 HOH A O   1 
HETATM 765 O  O   . HOH C 3 .  ? -14.457 -2.058  -8.045  1.00 39.03 ? 990 HOH A O   1 
HETATM 766 O  O   . HOH C 3 .  ? -1.758  -19.034 4.759   1.00 45.79 ? 991 HOH A O   1 
HETATM 767 O  O   . HOH C 3 .  ? -17.787 -0.723  -0.534  1.00 45.08 ? 992 HOH A O   1 
HETATM 768 O  O   . HOH C 3 .  ? 7.359   -1.461  -6.597  1.00 50.00 ? 993 HOH A O   1 
HETATM 769 O  O   . HOH C 3 .  ? -6.611  -11.426 6.467   1.00 50.65 ? 994 HOH A O   1 
HETATM 770 O  O   . HOH C 3 .  ? -9.372  12.295  -3.320  1.00 50.87 ? 995 HOH A O   1 
# 
loop_
_atom_site_anisotrop.id 
_atom_site_anisotrop.type_symbol 
_atom_site_anisotrop.pdbx_label_atom_id 
_atom_site_anisotrop.pdbx_label_alt_id 
_atom_site_anisotrop.pdbx_label_comp_id 
_atom_site_anisotrop.pdbx_label_asym_id 
_atom_site_anisotrop.pdbx_label_seq_id 
_atom_site_anisotrop.pdbx_PDB_ins_code 
_atom_site_anisotrop.U[1][1] 
_atom_site_anisotrop.U[2][2] 
_atom_site_anisotrop.U[3][3] 
_atom_site_anisotrop.U[1][2] 
_atom_site_anisotrop.U[1][3] 
_atom_site_anisotrop.U[2][3] 
_atom_site_anisotrop.pdbx_auth_seq_id 
_atom_site_anisotrop.pdbx_auth_comp_id 
_atom_site_anisotrop.pdbx_auth_asym_id 
_atom_site_anisotrop.pdbx_auth_atom_id 
1   N  N   . SER A 2  ? 0.2257 0.2441 0.2505 -0.0078 0.0672  0.0310  749 SER A N   
2   C  CA  . SER A 2  ? 0.2878 0.2866 0.2850 -0.0031 0.0128  0.0029  749 SER A CA  
3   C  C   . SER A 2  ? 0.2856 0.2885 0.2897 -0.0002 0.0084  0.0017  749 SER A C   
4   O  O   . SER A 2  ? 0.3173 0.3189 0.3135 0.0010  0.0003  0.0019  749 SER A O   
5   C  CB  . SER A 2  ? 0.2991 0.2915 0.2930 0.0024  0.0125  0.0082  749 SER A CB  
6   O  OG  . SER A 2  ? 0.3540 0.2971 0.3035 -0.0048 -0.0092 0.0019  749 SER A OG  
7   N  N   . HIS A 3  ? 0.2855 0.2924 0.2919 -0.0044 -0.0002 -0.0054 750 HIS A N   
8   C  CA  . HIS A 3  ? 0.2661 0.2617 0.2663 -0.0084 0.0019  -0.0076 750 HIS A CA  
9   C  C   . HIS A 3  ? 0.2324 0.2275 0.2261 -0.0179 0.0149  0.0010  750 HIS A C   
10  O  O   . HIS A 3  ? 0.2076 0.2089 0.1985 -0.0144 0.0278  -0.0121 750 HIS A O   
11  C  CB  A HIS A 3  ? 0.2627 0.2677 0.2682 -0.0116 0.0038  -0.0027 750 HIS A CB  
12  C  CB  B HIS A 3  ? 0.2687 0.2681 0.2727 -0.0086 -0.0001 -0.0059 750 HIS A CB  
13  C  CG  A HIS A 3  ? 0.2723 0.2883 0.2688 -0.0007 0.0040  -0.0061 750 HIS A CG  
14  C  CG  B HIS A 3  ? 0.2927 0.2894 0.2928 -0.0045 0.0028  -0.0014 750 HIS A CG  
15  N  ND1 A HIS A 3  ? 0.2665 0.2798 0.2711 -0.0035 0.0195  0.0068  750 HIS A ND1 
16  N  ND1 B HIS A 3  ? 0.2955 0.2983 0.2927 -0.0023 0.0011  -0.0078 750 HIS A ND1 
17  C  CD2 A HIS A 3  ? 0.2896 0.3117 0.3056 0.0005  0.0021  -0.0041 750 HIS A CD2 
18  C  CD2 B HIS A 3  ? 0.3113 0.3126 0.3077 -0.0010 0.0001  0.0051  750 HIS A CD2 
19  C  CE1 A HIS A 3  ? 0.2973 0.3121 0.3092 0.0044  0.0040  0.0009  750 HIS A CE1 
20  C  CE1 B HIS A 3  ? 0.3152 0.3176 0.3107 -0.0005 0.0022  0.0007  750 HIS A CE1 
21  N  NE2 A HIS A 3  ? 0.3086 0.3152 0.3200 -0.0001 0.0044  -0.0016 750 HIS A NE2 
22  N  NE2 B HIS A 3  ? 0.3194 0.3273 0.3229 -0.0008 0.0003  0.0007  750 HIS A NE2 
23  N  N   . ASN A 4  ? 0.2065 0.2060 0.1901 -0.0208 0.0232  0.0009  751 ASN A N   
24  C  CA  . ASN A 4  ? 0.1952 0.1974 0.1638 -0.0186 0.0274  0.0050  751 ASN A CA  
25  C  C   . ASN A 4  ? 0.1795 0.1960 0.1590 -0.0174 0.0322  0.0049  751 ASN A C   
26  O  O   . ASN A 4  ? 0.1728 0.1826 0.1478 -0.0258 0.0376  0.0081  751 ASN A O   
27  C  CB  . ASN A 4  ? 0.1987 0.2093 0.1678 -0.0218 0.0297  0.0127  751 ASN A CB  
28  C  CG  . ASN A 4  ? 0.2006 0.2014 0.1608 -0.0193 0.0316  0.0161  751 ASN A CG  
29  O  OD1 . ASN A 4  ? 0.2308 0.2232 0.2014 -0.0011 0.0256  -0.0015 751 ASN A OD1 
30  N  ND2 . ASN A 4  ? 0.2007 0.2166 0.2346 -0.0153 0.0210  0.0065  751 ASN A ND2 
31  N  N   . ALA A 5  ? 0.1668 0.1934 0.1594 -0.0235 0.0353  0.0057  752 ALA A N   
32  C  CA  . ALA A 5  ? 0.1512 0.2007 0.1693 -0.0151 0.0362  0.0027  752 ALA A CA  
33  C  C   . ALA A 5  ? 0.1426 0.1888 0.1593 -0.0137 0.0318  -0.0037 752 ALA A C   
34  O  O   . ALA A 5  ? 0.1425 0.1794 0.1623 -0.0173 0.0349  -0.0045 752 ALA A O   
35  C  CB  . ALA A 5  ? 0.1622 0.2182 0.1909 -0.0200 0.0343  0.0025  752 ALA A CB  
36  N  N   . ASP A 6  ? 0.1381 0.1827 0.1571 -0.0236 0.0241  -0.0058 753 ASP A N   
37  C  CA  . ASP A 6  ? 0.1463 0.1895 0.1469 -0.0209 0.0142  -0.0071 753 ASP A CA  
38  C  C   . ASP A 6  ? 0.1362 0.1648 0.1316 -0.0161 0.0177  -0.0075 753 ASP A C   
39  O  O   . ASP A 6  ? 0.1377 0.1694 0.1233 -0.0159 0.0132  0.0014  753 ASP A O   
40  C  CB  . ASP A 6  ? 0.1583 0.1994 0.1679 -0.0241 0.0123  -0.0133 753 ASP A CB  
41  C  CG  . ASP A 6  ? 0.1974 0.2258 0.1864 -0.0206 0.0007  -0.0095 753 ASP A CG  
42  O  OD1 . ASP A 6  ? 0.1807 0.2777 0.2302 -0.0276 -0.0184 -0.0083 753 ASP A OD1 
43  O  OD2 . ASP A 6  ? 0.2385 0.2652 0.2463 -0.0415 -0.0053 -0.0230 753 ASP A OD2 
44  N  N   . LEU A 7  ? 0.1284 0.1509 0.1222 -0.0170 0.0223  -0.0046 754 LEU A N   
45  C  CA  . LEU A 7  ? 0.1300 0.1477 0.1252 -0.0101 0.0170  -0.0056 754 LEU A CA  
46  C  C   . LEU A 7  ? 0.1197 0.1476 0.1111 -0.0068 0.0206  -0.0027 754 LEU A C   
47  O  O   . LEU A 7  ? 0.1171 0.1366 0.1159 -0.0078 0.0174  0.0008  754 LEU A O   
48  C  CB  . LEU A 7  ? 0.1383 0.1465 0.1254 -0.0092 0.0188  -0.0043 754 LEU A CB  
49  C  CG  . LEU A 7  ? 0.1422 0.1494 0.1381 -0.0128 0.0208  -0.0115 754 LEU A CG  
50  C  CD1 . LEU A 7  ? 0.1784 0.1547 0.1531 0.0059  0.0052  -0.0165 754 LEU A CD1 
51  C  CD2 . LEU A 7  ? 0.1487 0.1695 0.1474 0.0060  0.0227  -0.0194 754 LEU A CD2 
52  N  N   . SER A 8  ? 0.1269 0.1454 0.1140 0.0005  0.0242  -0.0028 755 SER A N   
53  C  CA  . SER A 8  ? 0.1420 0.1509 0.1129 -0.0024 0.0210  -0.0005 755 SER A CA  
54  C  C   . SER A 8  ? 0.1345 0.1497 0.1171 0.0008  0.0205  -0.0049 755 SER A C   
55  O  O   . SER A 8  ? 0.1320 0.1501 0.1195 0.0024  0.0165  -0.0053 755 SER A O   
56  C  CB  . SER A 8  ? 0.1528 0.1563 0.1191 -0.0032 0.0279  0.0044  755 SER A CB  
57  O  OG  . SER A 8  ? 0.1733 0.1802 0.1225 0.0065  0.0293  0.0068  755 SER A OG  
58  N  N   . GLU A 9  ? 0.1332 0.1605 0.1266 -0.0018 0.0156  0.0020  756 GLU A N   
59  C  CA  . GLU A 9  ? 0.1509 0.1754 0.1538 -0.0057 0.0012  0.0062  756 GLU A CA  
60  C  C   . GLU A 9  ? 0.1296 0.1530 0.1231 -0.0082 -0.0093 0.0027  756 GLU A C   
61  O  O   . GLU A 9  ? 0.1409 0.1484 0.1206 -0.0054 -0.0095 0.0037  756 GLU A O   
62  C  CB  . GLU A 9  ? 0.1501 0.1883 0.1745 -0.0054 -0.0068 0.0048  756 GLU A CB  
63  C  CG  . GLU A 9  ? 0.2186 0.2323 0.2175 -0.0036 -0.0193 0.0129  756 GLU A CG  
64  C  CD  . GLU A 9  ? 0.2212 0.2452 0.2146 -0.0045 -0.0130 0.0053  756 GLU A CD  
65  O  OE1 . GLU A 9  ? 0.2794 0.3066 0.2995 -0.0221 -0.0005 0.0085  756 GLU A OE1 
66  O  OE2 . GLU A 9  ? 0.2697 0.3023 0.2411 -0.0193 -0.0001 0.0068  756 GLU A OE2 
67  N  N   . ALA A 10 ? 0.1275 0.1451 0.1149 -0.0130 -0.0083 -0.0005 757 ALA A N   
68  C  CA  . ALA A 10 ? 0.1329 0.1406 0.1104 -0.0118 -0.0011 -0.0069 757 ALA A CA  
69  C  C   . ALA A 10 ? 0.1210 0.1272 0.0994 0.0012  0.0009  -0.0076 757 ALA A C   
70  O  O   . ALA A 10 ? 0.1269 0.1304 0.0966 -0.0061 0.0023  -0.0083 757 ALA A O   
71  C  CB  . ALA A 10 ? 0.1451 0.1439 0.1132 -0.0132 -0.0023 -0.0156 757 ALA A CB  
72  N  N   . LEU A 11 ? 0.1151 0.1275 0.0966 0.0007  -0.0063 -0.0095 758 LEU A N   
73  C  CA  . LEU A 11 ? 0.1173 0.1275 0.0983 0.0008  -0.0056 -0.0039 758 LEU A CA  
74  C  C   . LEU A 11 ? 0.1173 0.1331 0.0861 0.0060  -0.0042 -0.0065 758 LEU A C   
75  O  O   . LEU A 11 ? 0.1215 0.1236 0.0912 0.0033  0.0015  0.0001  758 LEU A O   
76  C  CB  . LEU A 11 ? 0.1295 0.1224 0.1104 0.0029  -0.0020 0.0036  758 LEU A CB  
77  C  CG  . LEU A 11 ? 0.1234 0.1251 0.1250 -0.0033 -0.0047 0.0031  758 LEU A CG  
78  C  CD1 . LEU A 11 ? 0.1656 0.1540 0.1480 0.0037  -0.0072 0.0152  758 LEU A CD1 
79  C  CD2 . LEU A 11 ? 0.1251 0.1440 0.1616 0.0053  0.0090  -0.0049 758 LEU A CD2 
80  N  N   . ARG A 12 ? 0.1249 0.1337 0.0905 0.0039  0.0015  -0.0043 759 ARG A N   
81  C  CA  . ARG A 12 ? 0.1299 0.1438 0.0996 0.0084  0.0032  -0.0031 759 ARG A CA  
82  C  C   . ARG A 12 ? 0.1215 0.1411 0.1006 0.0040  0.0039  -0.0065 759 ARG A C   
83  O  O   . ARG A 12 ? 0.1297 0.1380 0.0980 0.0077  0.0028  -0.0076 759 ARG A O   
84  C  CB  . ARG A 12 ? 0.1398 0.1670 0.1051 -0.0001 0.0114  0.0042  759 ARG A CB  
85  C  CG  . ARG A 12 ? 0.1462 0.1852 0.1201 0.0345  0.0170  -0.0035 759 ARG A CG  
86  C  CD  . ARG A 12 ? 0.1711 0.2144 0.1507 0.0275  0.0362  -0.0004 759 ARG A CD  
87  N  NE  . ARG A 12 ? 0.2107 0.2237 0.1707 0.0295  0.0273  -0.0084 759 ARG A NE  
88  C  CZ  . ARG A 12 ? 0.2238 0.2229 0.1859 0.0279  0.0249  -0.0085 759 ARG A CZ  
89  N  NH1 . ARG A 12 ? 0.2378 0.2176 0.2093 0.0282  0.0413  -0.0218 759 ARG A NH1 
90  N  NH2 . ARG A 12 ? 0.2644 0.2593 0.1848 0.0268  0.0206  -0.0169 759 ARG A NH2 
91  N  N   . GLU A 13 ? 0.1261 0.1383 0.0874 0.0065  -0.0012 -0.0022 760 GLU A N   
92  C  CA  . GLU A 13 ? 0.1334 0.1448 0.0995 -0.0015 -0.0062 -0.0023 760 GLU A CA  
93  C  C   . GLU A 13 ? 0.1292 0.1309 0.0892 -0.0003 -0.0025 -0.0042 760 GLU A C   
94  O  O   . GLU A 13 ? 0.1354 0.1272 0.1042 0.0044  -0.0003 0.0017  760 GLU A O   
95  C  CB  . GLU A 13 ? 0.1242 0.1463 0.1038 0.0002  -0.0046 -0.0089 760 GLU A CB  
96  C  CG  . GLU A 13 ? 0.1276 0.1715 0.1186 0.0027  -0.0083 -0.0023 760 GLU A CG  
97  C  CD  . GLU A 13 ? 0.1370 0.1833 0.1241 -0.0079 -0.0011 0.0044  760 GLU A CD  
98  O  OE1 . GLU A 13 ? 0.1627 0.1871 0.1237 -0.0128 -0.0047 0.0023  760 GLU A OE1 
99  O  OE2 . GLU A 13 ? 0.1537 0.2452 0.1574 -0.0101 -0.0099 -0.0053 760 GLU A OE2 
100 N  N   . LEU A 14 ? 0.1230 0.1245 0.0863 0.0012  -0.0003 -0.0054 761 LEU A N   
101 C  CA  . LEU A 14 ? 0.1226 0.1122 0.0957 -0.0003 0.0019  -0.0015 761 LEU A CA  
102 C  C   . LEU A 14 ? 0.1167 0.1082 0.0956 0.0068  0.0021  0.0027  761 LEU A C   
103 O  O   . LEU A 14 ? 0.1296 0.1052 0.1022 0.0028  0.0067  -0.0017 761 LEU A O   
104 C  CB  . LEU A 14 ? 0.1276 0.1112 0.0999 0.0024  0.0006  -0.0070 761 LEU A CB  
105 C  CG  . LEU A 14 ? 0.1256 0.1168 0.0999 0.0022  0.0002  -0.0006 761 LEU A CG  
106 C  CD1 . LEU A 14 ? 0.1331 0.1372 0.1069 -0.0019 0.0120  -0.0103 761 LEU A CD1 
107 C  CD2 . LEU A 14 ? 0.1266 0.1350 0.1315 0.0021  0.0007  -0.0019 761 LEU A CD2 
108 N  N   . ARG A 15 ? 0.1199 0.1117 0.0971 0.0067  -0.0014 -0.0042 762 ARG A N   
109 C  CA  . ARG A 15 ? 0.1386 0.1167 0.0958 0.0077  -0.0031 -0.0057 762 ARG A CA  
110 C  C   . ARG A 15 ? 0.1375 0.1209 0.0963 0.0064  -0.0021 -0.0052 762 ARG A C   
111 O  O   . ARG A 15 ? 0.1523 0.1223 0.1024 0.0003  0.0006  0.0006  762 ARG A O   
112 C  CB  . ARG A 15 ? 0.1388 0.1159 0.0938 0.0035  0.0015  -0.0004 762 ARG A CB  
113 C  CG  . ARG A 15 ? 0.1515 0.1271 0.0839 -0.0015 -0.0079 -0.0041 762 ARG A CG  
114 C  CD  . ARG A 15 ? 0.1487 0.1425 0.0987 0.0051  -0.0008 -0.0040 762 ARG A CD  
115 N  NE  . ARG A 15 ? 0.1387 0.1299 0.0980 0.0081  0.0025  -0.0170 762 ARG A NE  
116 C  CZ  . ARG A 15 ? 0.1504 0.1319 0.0906 0.0183  0.0045  -0.0110 762 ARG A CZ  
117 N  NH1 . ARG A 15 ? 0.1634 0.1283 0.1015 0.0213  -0.0039 -0.0136 762 ARG A NH1 
118 N  NH2 . ARG A 15 ? 0.1515 0.1665 0.1084 0.0225  0.0009  -0.0080 762 ARG A NH2 
119 N  N   . ARG A 16 ? 0.1514 0.1225 0.1019 0.0080  -0.0045 -0.0043 763 ARG A N   
120 C  CA  . ARG A 16 ? 0.1697 0.1255 0.1189 0.0103  -0.0028 0.0001  763 ARG A CA  
121 C  C   . ARG A 16 ? 0.1644 0.1285 0.1079 0.0074  -0.0096 0.0022  763 ARG A C   
122 O  O   . ARG A 16 ? 0.1804 0.1315 0.1287 0.0094  -0.0034 0.0030  763 ARG A O   
123 C  CB  . ARG A 16 ? 0.1747 0.1536 0.1311 0.0128  -0.0038 -0.0032 763 ARG A CB  
124 C  CG  . ARG A 16 ? 0.1886 0.1915 0.1670 0.0229  0.0007  0.0074  763 ARG A CG  
125 C  CD  . ARG A 16 ? 0.2358 0.2916 0.2585 0.0121  0.0041  0.0122  763 ARG A CD  
126 N  NE  . ARG A 16 ? 0.2594 0.3158 0.3065 0.0129  0.0124  0.0102  763 ARG A NE  
127 C  CZ  . ARG A 16 ? 0.2834 0.2979 0.3236 0.0182  0.0080  0.0016  763 ARG A CZ  
128 N  NH1 . ARG A 16 ? 0.2787 0.3063 0.3157 0.0188  0.0136  0.0038  763 ARG A NH1 
129 N  NH2 . ARG A 16 ? 0.3215 0.3221 0.3421 0.0141  0.0084  0.0135  763 ARG A NH2 
130 N  N   . GLU A 17 ? 0.1620 0.1288 0.1052 0.0056  -0.0036 0.0026  764 GLU A N   
131 C  CA  . GLU A 17 ? 0.1690 0.1359 0.1158 -0.0019 0.0007  0.0040  764 GLU A CA  
132 C  C   . GLU A 17 ? 0.1732 0.1394 0.1125 -0.0066 -0.0024 -0.0014 764 GLU A C   
133 O  O   . GLU A 17 ? 0.1899 0.1446 0.1260 -0.0138 0.0016  0.0032  764 GLU A O   
134 C  CB  . GLU A 17 ? 0.1648 0.1389 0.1181 -0.0004 -0.0043 -0.0029 764 GLU A CB  
135 C  CG  . GLU A 17 ? 0.1771 0.1482 0.1189 -0.0079 -0.0063 -0.0025 764 GLU A CG  
136 C  CD  . GLU A 17 ? 0.1803 0.1672 0.1402 -0.0035 -0.0038 -0.0088 764 GLU A CD  
137 O  OE1 . GLU A 17 ? 0.2066 0.1842 0.1599 -0.0055 -0.0070 -0.0326 764 GLU A OE1 
138 O  OE2 . GLU A 17 ? 0.2014 0.1822 0.1545 -0.0029 -0.0169 -0.0150 764 GLU A OE2 
139 N  N   . LEU A 18 ? 0.1615 0.1376 0.1067 -0.0046 -0.0048 -0.0023 765 LEU A N   
140 C  CA  . LEU A 18 ? 0.1654 0.1413 0.1183 -0.0121 0.0013  -0.0033 765 LEU A CA  
141 C  C   . LEU A 18 ? 0.1686 0.1398 0.1227 -0.0147 0.0010  -0.0013 765 LEU A C   
142 O  O   . LEU A 18 ? 0.1855 0.1473 0.1309 -0.0294 0.0054  0.0005  765 LEU A O   
143 C  CB  . LEU A 18 ? 0.1599 0.1368 0.1195 -0.0127 -0.0028 -0.0071 765 LEU A CB  
144 C  CG  . LEU A 18 ? 0.1497 0.1424 0.1215 -0.0081 0.0109  -0.0098 765 LEU A CG  
145 C  CD1 . LEU A 18 ? 0.1454 0.1485 0.1317 -0.0070 -0.0027 -0.0079 765 LEU A CD1 
146 C  CD2 . LEU A 18 ? 0.1553 0.1766 0.1198 -0.0016 0.0100  -0.0017 765 LEU A CD2 
147 N  N   . MSE A 19 ? 0.1726 0.1345 0.1154 -0.0099 -0.0025 -0.0083 766 MSE A N   
148 C  CA  . MSE A 19 ? 0.1907 0.1450 0.1400 -0.0010 -0.0081 -0.0034 766 MSE A CA  
149 C  C   . MSE A 19 ? 0.2113 0.1465 0.1512 -0.0091 -0.0074 0.0073  766 MSE A C   
150 O  O   . MSE A 19 ? 0.2294 0.1416 0.1695 -0.0132 -0.0078 0.0034  766 MSE A O   
151 C  CB  . MSE A 19 ? 0.1824 0.1398 0.1330 -0.0033 -0.0024 -0.0063 766 MSE A CB  
152 C  CG  . MSE A 19 ? 0.1801 0.1542 0.1253 0.0035  -0.0026 -0.0098 766 MSE A CG  
153 SE SE  . MSE A 19 ? 0.2064 0.2405 0.1476 0.0130  -0.0128 -0.0310 766 MSE A SE  
154 C  CE  . MSE A 19 ? 0.2084 0.2247 0.1878 0.0360  -0.0071 -0.0202 766 MSE A CE  
155 N  N   . LYS A 20 ? 0.2285 0.1499 0.1541 -0.0039 -0.0083 0.0126  767 LYS A N   
156 C  CA  . LYS A 20 ? 0.2483 0.1777 0.1874 -0.0085 -0.0085 0.0178  767 LYS A CA  
157 C  C   . LYS A 20 ? 0.2440 0.1778 0.1778 -0.0182 -0.0033 0.0144  767 LYS A C   
158 O  O   . LYS A 20 ? 0.2715 0.1784 0.1981 -0.0270 0.0010  0.0229  767 LYS A O   
159 C  CB  . LYS A 20 ? 0.2513 0.1847 0.1833 -0.0055 -0.0152 0.0229  767 LYS A CB  
160 C  CG  . LYS A 20 ? 0.2707 0.2099 0.2195 -0.0015 -0.0181 0.0276  767 LYS A CG  
161 C  CD  . LYS A 20 ? 0.2858 0.2389 0.2396 -0.0021 -0.0215 0.0097  767 LYS A CD  
162 C  CE  . LYS A 20 ? 0.3301 0.2920 0.2867 -0.0020 -0.0142 0.0194  767 LYS A CE  
163 N  NZ  . LYS A 20 ? 0.3585 0.3260 0.3205 -0.0047 -0.0191 0.0047  767 LYS A NZ  
164 N  N   . GLU A 21 ? 0.2366 0.1816 0.1692 -0.0267 0.0028  0.0132  768 GLU A N   
165 C  CA  . GLU A 21 ? 0.2352 0.1953 0.1784 -0.0255 0.0045  0.0095  768 GLU A CA  
166 C  C   . GLU A 21 ? 0.2370 0.1959 0.1817 -0.0362 0.0084  0.0104  768 GLU A C   
167 O  O   . GLU A 21 ? 0.2543 0.2165 0.1983 -0.0457 0.0113  0.0180  768 GLU A O   
168 C  CB  . GLU A 21 ? 0.2363 0.2016 0.1814 -0.0228 0.0088  0.0041  768 GLU A CB  
169 C  CG  . GLU A 21 ? 0.2380 0.2083 0.1857 -0.0189 0.0022  0.0028  768 GLU A CG  
170 C  CD  . GLU A 21 ? 0.2386 0.2145 0.2103 -0.0138 0.0035  -0.0030 768 GLU A CD  
171 O  OE1 . GLU A 21 ? 0.2674 0.2358 0.2380 -0.0094 -0.0062 -0.0032 768 GLU A OE1 
172 O  OE2 . GLU A 21 ? 0.2661 0.2219 0.2282 -0.0208 0.0031  -0.0082 768 GLU A OE2 
173 N  N   . THR A 22 ? 0.2324 0.1893 0.1777 -0.0392 0.0051  0.0085  769 THR A N   
174 C  CA  . THR A 22 ? 0.2270 0.1849 0.1823 -0.0335 0.0034  0.0037  769 THR A CA  
175 C  C   . THR A 22 ? 0.2365 0.1789 0.1774 -0.0323 -0.0015 0.0059  769 THR A C   
176 O  O   . THR A 22 ? 0.2482 0.1896 0.2077 -0.0490 0.0018  0.0006  769 THR A O   
177 C  CB  . THR A 22 ? 0.2151 0.1818 0.1809 -0.0343 0.0058  0.0036  769 THR A CB  
178 O  OG1 . THR A 22 ? 0.2119 0.1636 0.1532 -0.0446 0.0093  -0.0010 769 THR A OG1 
179 C  CG2 . THR A 22 ? 0.2038 0.1917 0.1983 -0.0285 0.0097  -0.0078 769 THR A CG2 
180 N  N   . GLY A 23 ? 0.2431 0.1647 0.1691 -0.0272 0.0025  0.0061  770 GLY A N   
181 C  CA  . GLY A 23 ? 0.2440 0.1673 0.1751 -0.0179 -0.0017 0.0067  770 GLY A CA  
182 C  C   . GLY A 23 ? 0.2442 0.1649 0.1731 -0.0148 -0.0007 0.0020  770 GLY A C   
183 O  O   . GLY A 23 ? 0.2697 0.1714 0.1872 -0.0091 0.0013  0.0059  770 GLY A O   
184 N  N   . TYR A 24 ? 0.2287 0.1569 0.1526 -0.0173 -0.0053 0.0006  771 TYR A N   
185 C  CA  . TYR A 24 ? 0.2179 0.1549 0.1487 -0.0102 -0.0057 -0.0061 771 TYR A CA  
186 C  C   . TYR A 24 ? 0.2089 0.1402 0.1412 -0.0070 -0.0120 -0.0081 771 TYR A C   
187 O  O   . TYR A 24 ? 0.2230 0.1482 0.1466 -0.0088 -0.0155 -0.0052 771 TYR A O   
188 C  CB  . TYR A 24 ? 0.2197 0.1695 0.1588 -0.0135 -0.0052 -0.0073 771 TYR A CB  
189 C  CG  . TYR A 24 ? 0.2234 0.1756 0.1831 -0.0117 -0.0023 -0.0062 771 TYR A CG  
190 C  CD1 . TYR A 24 ? 0.2341 0.2093 0.2340 -0.0258 0.0068  -0.0096 771 TYR A CD1 
191 C  CD2 . TYR A 24 ? 0.2107 0.2014 0.1863 -0.0016 -0.0015 -0.0066 771 TYR A CD2 
192 C  CE1 . TYR A 24 ? 0.2433 0.2491 0.2668 -0.0125 0.0148  -0.0033 771 TYR A CE1 
193 C  CE2 . TYR A 24 ? 0.2306 0.2317 0.2261 -0.0069 0.0054  -0.0121 771 TYR A CE2 
194 C  CZ  . TYR A 24 ? 0.2329 0.2371 0.2475 -0.0142 0.0101  -0.0019 771 TYR A CZ  
195 O  OH  . TYR A 24 ? 0.2422 0.2705 0.2680 -0.0169 0.0132  0.0007  771 TYR A OH  
196 N  N   . SER A 25 ? 0.2041 0.1380 0.1373 -0.0016 -0.0123 -0.0114 772 SER A N   
197 C  CA  . SER A 25 ? 0.1900 0.1336 0.1347 0.0049  -0.0113 -0.0159 772 SER A CA  
198 C  C   . SER A 25 ? 0.1778 0.1315 0.1172 0.0068  -0.0140 -0.0117 772 SER A C   
199 O  O   . SER A 25 ? 0.1780 0.1304 0.1089 0.0035  -0.0081 -0.0139 772 SER A O   
200 C  CB  . SER A 25 ? 0.1883 0.1395 0.1393 0.0122  -0.0160 -0.0129 772 SER A CB  
201 O  OG  . SER A 25 ? 0.1857 0.1387 0.1276 0.0132  -0.0166 -0.0204 772 SER A OG  
202 N  N   . ALA A 26 ? 0.1638 0.1341 0.1292 0.0098  -0.0099 -0.0145 773 ALA A N   
203 C  CA  . ALA A 26 ? 0.1594 0.1356 0.1347 0.0051  -0.0158 -0.0108 773 ALA A CA  
204 C  C   . ALA A 26 ? 0.1456 0.1360 0.1299 0.0050  -0.0123 -0.0115 773 ALA A C   
205 O  O   . ALA A 26 ? 0.1442 0.1301 0.1306 0.0092  -0.0113 -0.0117 773 ALA A O   
206 C  CB  . ALA A 26 ? 0.1542 0.1536 0.1439 0.0022  -0.0122 -0.0089 773 ALA A CB  
207 N  N   . PHE A 27 ? 0.1533 0.1292 0.1224 0.0088  -0.0067 -0.0059 774 PHE A N   
208 C  CA  . PHE A 27 ? 0.1536 0.1375 0.1177 0.0119  -0.0021 -0.0135 774 PHE A CA  
209 C  C   . PHE A 27 ? 0.1515 0.1272 0.1123 0.0088  -0.0073 -0.0249 774 PHE A C   
210 O  O   . PHE A 27 ? 0.1488 0.1362 0.1140 0.0164  -0.0069 -0.0203 774 PHE A O   
211 C  CB  . PHE A 27 ? 0.1671 0.1447 0.1249 0.0159  -0.0009 -0.0146 774 PHE A CB  
212 C  CG  . PHE A 27 ? 0.1672 0.1396 0.1242 0.0248  0.0092  -0.0138 774 PHE A CG  
213 C  CD1 . PHE A 27 ? 0.1832 0.1796 0.1230 0.0202  0.0203  -0.0048 774 PHE A CD1 
214 C  CD2 . PHE A 27 ? 0.1959 0.1391 0.1227 0.0099  -0.0046 -0.0323 774 PHE A CD2 
215 C  CE1 . PHE A 27 ? 0.1872 0.1644 0.1241 0.0341  0.0132  -0.0123 774 PHE A CE1 
216 C  CE2 . PHE A 27 ? 0.2148 0.1504 0.1347 -0.0011 -0.0165 -0.0268 774 PHE A CE2 
217 C  CZ  . PHE A 27 ? 0.2044 0.1528 0.1230 0.0189  -0.0113 -0.0231 774 PHE A CZ  
218 N  N   . VAL A 28 ? 0.1470 0.1348 0.1140 0.0048  -0.0084 -0.0239 775 VAL A N   
219 C  CA  . VAL A 28 ? 0.1499 0.1414 0.1253 0.0019  -0.0052 -0.0235 775 VAL A CA  
220 C  C   . VAL A 28 ? 0.1524 0.1412 0.1224 0.0035  -0.0059 -0.0228 775 VAL A C   
221 O  O   . VAL A 28 ? 0.1526 0.1505 0.1336 0.0085  -0.0141 -0.0376 775 VAL A O   
222 C  CB  . VAL A 28 ? 0.1628 0.1382 0.1233 -0.0045 -0.0006 -0.0265 775 VAL A CB  
223 C  CG1 . VAL A 28 ? 0.1678 0.1759 0.1520 -0.0105 0.0019  -0.0198 775 VAL A CG1 
224 C  CG2 . VAL A 28 ? 0.1605 0.1497 0.1309 -0.0030 -0.0125 -0.0313 775 VAL A CG2 
225 N  N   . VAL A 29 ? 0.1534 0.1307 0.1162 0.0039  0.0016  -0.0230 776 VAL A N   
226 C  CA  . VAL A 29 ? 0.1466 0.1258 0.1178 0.0018  -0.0013 -0.0200 776 VAL A CA  
227 C  C   . VAL A 29 ? 0.1383 0.1252 0.1150 0.0023  -0.0054 -0.0176 776 VAL A C   
228 O  O   . VAL A 29 ? 0.1421 0.1356 0.1267 0.0092  -0.0002 -0.0170 776 VAL A O   
229 C  CB  . VAL A 29 ? 0.1469 0.1193 0.1139 -0.0071 -0.0023 -0.0116 776 VAL A CB  
230 C  CG1 . VAL A 29 ? 0.1570 0.1444 0.1127 0.0011  -0.0018 -0.0264 776 VAL A CG1 
231 C  CG2 . VAL A 29 ? 0.1631 0.1366 0.1154 -0.0007 0.0044  -0.0137 776 VAL A CG2 
232 N  N   . PHE A 30 ? 0.1403 0.1226 0.1179 0.0085  -0.0101 -0.0101 777 PHE A N   
233 C  CA  . PHE A 30 ? 0.1409 0.1233 0.1203 0.0071  -0.0041 -0.0103 777 PHE A CA  
234 C  C   . PHE A 30 ? 0.1390 0.1179 0.1128 0.0081  -0.0129 -0.0134 777 PHE A C   
235 O  O   . PHE A 30 ? 0.1287 0.1277 0.1249 0.0118  -0.0078 -0.0074 777 PHE A O   
236 C  CB  . PHE A 30 ? 0.1467 0.1244 0.1283 0.0142  -0.0067 -0.0169 777 PHE A CB  
237 C  CG  . PHE A 30 ? 0.1439 0.1157 0.1271 0.0133  0.0079  -0.0132 777 PHE A CG  
238 C  CD1 . PHE A 30 ? 0.1504 0.1271 0.1513 0.0083  -0.0038 -0.0162 777 PHE A CD1 
239 C  CD2 . PHE A 30 ? 0.1702 0.1268 0.1335 0.0025  0.0038  -0.0148 777 PHE A CD2 
240 C  CE1 . PHE A 30 ? 0.1619 0.1393 0.1497 0.0030  0.0093  -0.0311 777 PHE A CE1 
241 C  CE2 . PHE A 30 ? 0.1764 0.1256 0.1365 0.0035  0.0097  -0.0246 777 PHE A CE2 
242 C  CZ  . PHE A 30 ? 0.1694 0.1297 0.1468 0.0046  -0.0097 -0.0216 777 PHE A CZ  
243 N  N   . THR A 31 ? 0.1407 0.1281 0.1043 0.0074  -0.0039 -0.0126 778 THR A N   
244 C  CA  . THR A 31 ? 0.1476 0.1394 0.1110 0.0074  -0.0057 -0.0191 778 THR A CA  
245 C  C   . THR A 31 ? 0.1418 0.1241 0.1039 0.0161  -0.0004 -0.0105 778 THR A C   
246 O  O   . THR A 31 ? 0.1492 0.1169 0.0997 0.0168  0.0012  -0.0075 778 THR A O   
247 C  CB  . THR A 31 ? 0.1675 0.1598 0.1217 0.0068  -0.0108 -0.0172 778 THR A CB  
248 O  OG1 . THR A 31 ? 0.1438 0.1895 0.1130 0.0131  -0.0056 -0.0015 778 THR A OG1 
249 C  CG2 . THR A 31 ? 0.1810 0.1933 0.1439 -0.0039 -0.0118 -0.0160 778 THR A CG2 
250 N  N   . ASN A 32 ? 0.1356 0.1280 0.1078 0.0234  0.0016  -0.0116 779 ASN A N   
251 C  CA  . ASN A 32 ? 0.1417 0.1414 0.1116 0.0238  0.0103  -0.0126 779 ASN A CA  
252 C  C   . ASN A 32 ? 0.1414 0.1424 0.1150 0.0248  0.0156  -0.0104 779 ASN A C   
253 O  O   . ASN A 32 ? 0.1339 0.1362 0.1297 0.0160  0.0176  -0.0143 779 ASN A O   
254 C  CB  . ASN A 32 ? 0.1401 0.1479 0.1182 0.0339  0.0054  -0.0141 779 ASN A CB  
255 C  CG  . ASN A 32 ? 0.1510 0.1525 0.1036 0.0248  0.0050  -0.0047 779 ASN A CG  
256 O  OD1 . ASN A 32 ? 0.1692 0.1939 0.1158 0.0472  0.0143  0.0083  779 ASN A OD1 
257 N  ND2 . ASN A 32 ? 0.1363 0.1376 0.1196 0.0211  -0.0043 -0.0127 779 ASN A ND2 
258 N  N   . ALA A 33 ? 0.1555 0.1405 0.1089 0.0263  0.0161  -0.0092 780 ALA A N   
259 C  CA  . ALA A 33 ? 0.1657 0.1411 0.1040 0.0317  0.0128  -0.0148 780 ALA A CA  
260 C  C   . ALA A 33 ? 0.1583 0.1399 0.1054 0.0251  0.0051  -0.0154 780 ALA A C   
261 O  O   . ALA A 33 ? 0.1632 0.1342 0.1117 0.0212  0.0093  -0.0059 780 ALA A O   
262 C  CB  . ALA A 33 ? 0.1919 0.1471 0.1137 0.0294  0.0108  -0.0170 780 ALA A CB  
263 N  N   . THR A 34 ? 0.1439 0.1344 0.1038 0.0320  0.0019  -0.0189 781 THR A N   
264 C  CA  . THR A 34 ? 0.1363 0.1338 0.1151 0.0221  0.0003  -0.0162 781 THR A CA  
265 C  C   . THR A 34 ? 0.1248 0.1221 0.1024 0.0211  0.0038  -0.0121 781 THR A C   
266 O  O   . THR A 34 ? 0.1166 0.1203 0.1199 0.0245  0.0089  -0.0102 781 THR A O   
267 C  CB  . THR A 34 ? 0.1297 0.1509 0.1098 0.0071  -0.0057 -0.0187 781 THR A CB  
268 O  OG1 . THR A 34 ? 0.1716 0.2187 0.1509 -0.0211 -0.0337 -0.0081 781 THR A OG1 
269 C  CG2 . THR A 34 ? 0.1363 0.1518 0.1608 0.0263  0.0122  -0.0093 781 THR A CG2 
270 N  N   . LEU A 35 ? 0.1215 0.1172 0.1005 0.0196  0.0089  -0.0132 782 LEU A N   
271 C  CA  . LEU A 35 ? 0.1152 0.1244 0.1145 0.0203  0.0019  -0.0136 782 LEU A CA  
272 C  C   . LEU A 35 ? 0.1160 0.1279 0.1168 0.0188  0.0036  -0.0117 782 LEU A C   
273 O  O   . LEU A 35 ? 0.1195 0.1242 0.1294 0.0187  0.0020  -0.0191 782 LEU A O   
274 C  CB  . LEU A 35 ? 0.1359 0.1270 0.1119 0.0248  -0.0033 -0.0166 782 LEU A CB  
275 C  CG  . LEU A 35 ? 0.1293 0.1419 0.1270 0.0289  -0.0147 -0.0153 782 LEU A CG  
276 C  CD1 . LEU A 35 ? 0.1742 0.1607 0.1409 0.0258  -0.0161 -0.0100 782 LEU A CD1 
277 C  CD2 . LEU A 35 ? 0.1593 0.1665 0.1631 0.0164  -0.0272 -0.0159 782 LEU A CD2 
278 N  N   . GLU A 36 ? 0.1185 0.1372 0.1286 0.0114  0.0147  -0.0109 783 GLU A N   
279 C  CA  . GLU A 36 ? 0.1337 0.1424 0.1360 0.0113  0.0192  -0.0107 783 GLU A CA  
280 C  C   . GLU A 36 ? 0.1290 0.1422 0.1269 0.0065  0.0240  -0.0082 783 GLU A C   
281 O  O   . GLU A 36 ? 0.1402 0.1364 0.1344 0.0006  0.0174  -0.0058 783 GLU A O   
282 C  CB  . GLU A 36 ? 0.1473 0.1532 0.1502 0.0215  0.0276  -0.0195 783 GLU A CB  
283 C  CG  . GLU A 36 ? 0.1787 0.1919 0.1965 0.0171  0.0236  -0.0125 783 GLU A CG  
284 C  CD  . GLU A 36 ? 0.2060 0.2222 0.1961 0.0098  0.0074  -0.0090 783 GLU A CD  
285 O  OE1 . GLU A 36 ? 0.2231 0.2658 0.1828 0.0029  0.0150  -0.0253 783 GLU A OE1 
286 O  OE2 . GLU A 36 ? 0.2304 0.2507 0.2232 0.0334  0.0153  -0.0216 783 GLU A OE2 
287 N  N   . ALA A 37 ? 0.1357 0.1380 0.1251 0.0149  0.0182  -0.0054 784 ALA A N   
288 C  CA  . ALA A 37 ? 0.1373 0.1374 0.1257 0.0156  0.0119  -0.0034 784 ALA A CA  
289 C  C   . ALA A 37 ? 0.1325 0.1298 0.1190 0.0141  0.0124  -0.0034 784 ALA A C   
290 O  O   . ALA A 37 ? 0.1440 0.1251 0.1275 0.0178  0.0131  -0.0008 784 ALA A O   
291 C  CB  . ALA A 37 ? 0.1489 0.1456 0.1251 0.0176  0.0062  -0.0043 784 ALA A CB  
292 N  N   . LEU A 38 ? 0.1188 0.1245 0.1151 0.0144  0.0166  -0.0105 785 LEU A N   
293 C  CA  . LEU A 38 ? 0.1246 0.1139 0.1132 0.0141  0.0171  -0.0093 785 LEU A CA  
294 C  C   . LEU A 38 ? 0.1248 0.1126 0.1144 0.0147  0.0170  -0.0038 785 LEU A C   
295 O  O   . LEU A 38 ? 0.1433 0.1136 0.1277 0.0056  0.0204  -0.0152 785 LEU A O   
296 C  CB  . LEU A 38 ? 0.1279 0.1120 0.1162 0.0142  0.0169  -0.0102 785 LEU A CB  
297 C  CG  . LEU A 38 ? 0.1207 0.1107 0.1108 0.0146  0.0185  -0.0074 785 LEU A CG  
298 C  CD1 . LEU A 38 ? 0.1439 0.1192 0.1245 0.0160  0.0151  -0.0107 785 LEU A CD1 
299 C  CD2 . LEU A 38 ? 0.1380 0.1359 0.1241 0.0217  0.0156  -0.0118 785 LEU A CD2 
300 N  N   . ALA A 39 ? 0.1257 0.1226 0.1154 0.0082  0.0120  -0.0091 786 ALA A N   
301 C  CA  . ALA A 39 ? 0.1394 0.1282 0.1325 0.0072  0.0060  -0.0113 786 ALA A CA  
302 C  C   . ALA A 39 ? 0.1548 0.1288 0.1396 0.0067  0.0082  -0.0137 786 ALA A C   
303 O  O   . ALA A 39 ? 0.1954 0.1400 0.1530 -0.0066 0.0094  -0.0191 786 ALA A O   
304 C  CB  . ALA A 39 ? 0.1339 0.1388 0.1444 0.0066  0.0089  -0.0081 786 ALA A CB  
305 N  N   . ALA A 40 ? 0.1526 0.1285 0.1422 0.0097  0.0223  -0.0042 787 ALA A N   
306 C  CA  . ALA A 40 ? 0.1698 0.1333 0.1458 0.0074  0.0262  -0.0006 787 ALA A CA  
307 C  C   . ALA A 40 ? 0.1727 0.1272 0.1489 0.0104  0.0187  -0.0041 787 ALA A C   
308 O  O   . ALA A 40 ? 0.1965 0.1344 0.1871 0.0054  0.0241  -0.0068 787 ALA A O   
309 C  CB  . ALA A 40 ? 0.1883 0.1554 0.1512 0.0080  0.0279  -0.0028 787 ALA A CB  
310 N  N   . ARG A 41 ? 0.1643 0.1300 0.1383 0.0152  0.0252  -0.0016 788 ARG A N   
311 C  CA  . ARG A 41 ? 0.1698 0.1400 0.1536 0.0175  0.0179  -0.0021 788 ARG A CA  
312 C  C   . ARG A 41 ? 0.1649 0.1346 0.1441 0.0140  0.0199  -0.0065 788 ARG A C   
313 O  O   . ARG A 41 ? 0.1732 0.1339 0.1561 0.0228  0.0241  -0.0080 788 ARG A O   
314 C  CB  . ARG A 41 ? 0.1700 0.1514 0.1448 0.0144  0.0154  0.0001  788 ARG A CB  
315 C  CG  . ARG A 41 ? 0.1881 0.1486 0.1576 0.0211  0.0068  0.0060  788 ARG A CG  
316 C  CD  . ARG A 41 ? 0.2018 0.1994 0.1899 0.0124  0.0065  -0.0051 788 ARG A CD  
317 N  NE  . ARG A 41 ? 0.2359 0.2560 0.2275 0.0217  0.0022  0.0028  788 ARG A NE  
318 C  CZ  . ARG A 41 ? 0.2629 0.2781 0.2514 0.0141  -0.0003 0.0170  788 ARG A CZ  
319 N  NH1 . ARG A 41 ? 0.2887 0.3248 0.2709 0.0089  0.0075  0.0198  788 ARG A NH1 
320 N  NH2 . ARG A 41 ? 0.2695 0.3068 0.2708 0.0094  0.0033  0.0103  788 ARG A NH2 
321 N  N   . GLN A 42 ? 0.1623 0.1399 0.1302 0.0126  0.0236  -0.0094 789 GLN A N   
322 C  CA  . GLN A 42 ? 0.1701 0.1581 0.1468 0.0101  0.0220  -0.0146 789 GLN A CA  
323 C  C   . GLN A 42 ? 0.1497 0.1308 0.1331 0.0138  0.0262  -0.0141 789 GLN A C   
324 O  O   . GLN A 42 ? 0.1691 0.1291 0.1417 0.0080  0.0380  -0.0198 789 GLN A O   
325 C  CB  . GLN A 42 ? 0.1845 0.1897 0.1661 0.0021  0.0184  -0.0205 789 GLN A CB  
326 C  CG  . GLN A 42 ? 0.2289 0.2371 0.2198 0.0116  0.0076  -0.0100 789 GLN A CG  
327 C  CD  . GLN A 42 ? 0.2323 0.1990 0.2048 -0.0015 0.0032  0.0111  789 GLN A CD  
328 O  OE1 . GLN A 42 ? 0.3170 0.2794 0.3071 -0.0011 0.0000  0.0045  789 GLN A OE1 
329 N  NE2 . GLN A 42 ? 0.3000 0.2649 0.2962 -0.0040 -0.0138 0.0093  789 GLN A NE2 
330 N  N   . PRO A 43 ? 0.1408 0.1161 0.1285 0.0188  0.0221  -0.0161 790 PRO A N   
331 C  CA  . PRO A 43 ? 0.1439 0.1263 0.1310 0.0139  0.0172  -0.0109 790 PRO A CA  
332 C  C   . PRO A 43 ? 0.1415 0.1083 0.1328 0.0150  0.0189  -0.0088 790 PRO A C   
333 O  O   . PRO A 43 ? 0.1490 0.1138 0.1238 0.0162  0.0177  -0.0187 790 PRO A O   
334 C  CB  . PRO A 43 ? 0.1410 0.1159 0.1326 0.0195  0.0148  -0.0162 790 PRO A CB  
335 C  CG  . PRO A 43 ? 0.1384 0.1224 0.1249 0.0146  0.0156  -0.0198 790 PRO A CG  
336 C  CD  . PRO A 43 ? 0.1399 0.1121 0.1213 0.0157  0.0166  -0.0207 790 PRO A CD  
337 N  N   . ARG A 44 ? 0.1548 0.1158 0.1344 0.0204  0.0241  -0.0193 791 ARG A N   
338 C  CA  . ARG A 44 ? 0.1716 0.1163 0.1341 0.0172  0.0277  -0.0216 791 ARG A CA  
339 C  C   . ARG A 44 ? 0.1758 0.1237 0.1402 0.0181  0.0292  -0.0173 791 ARG A C   
340 O  O   . ARG A 44 ? 0.1931 0.1441 0.1386 0.0149  0.0381  -0.0238 791 ARG A O   
341 C  CB  . ARG A 44 ? 0.1759 0.1177 0.1384 0.0130  0.0220  -0.0208 791 ARG A CB  
342 C  CG  . ARG A 44 ? 0.1747 0.1250 0.1479 0.0138  0.0219  -0.0111 791 ARG A CG  
343 C  CD  . ARG A 44 ? 0.1605 0.1368 0.1512 0.0144  0.0254  -0.0148 791 ARG A CD  
344 N  NE  . ARG A 44 ? 0.1513 0.1451 0.1509 0.0065  0.0347  -0.0296 791 ARG A NE  
345 C  CZ  . ARG A 44 ? 0.1496 0.1524 0.1622 0.0058  0.0367  -0.0228 791 ARG A CZ  
346 N  NH1 . ARG A 44 ? 0.1701 0.1530 0.1775 0.0026  0.0371  -0.0304 791 ARG A NH1 
347 N  NH2 . ARG A 44 ? 0.1664 0.1919 0.1654 0.0123  0.0212  -0.0266 791 ARG A NH2 
348 N  N   . THR A 45 ? 0.1631 0.1212 0.1494 0.0191  0.0334  -0.0115 792 THR A N   
349 C  CA  . THR A 45 ? 0.1749 0.1366 0.1649 0.0168  0.0277  -0.0114 792 THR A CA  
350 C  C   . THR A 45 ? 0.1751 0.1354 0.1623 0.0120  0.0264  -0.0079 792 THR A C   
351 O  O   . THR A 45 ? 0.1656 0.1334 0.1554 0.0179  0.0258  -0.0045 792 THR A O   
352 C  CB  . THR A 45 ? 0.1725 0.1454 0.1648 0.0194  0.0333  -0.0064 792 THR A CB  
353 O  OG1 . THR A 45 ? 0.1858 0.1418 0.1612 0.0261  0.0450  -0.0075 792 THR A OG1 
354 C  CG2 . THR A 45 ? 0.2001 0.1550 0.1697 0.0214  0.0350  -0.0150 792 THR A CG2 
355 N  N   . LEU A 46 ? 0.1860 0.1365 0.1805 0.0085  0.0324  -0.0017 793 LEU A N   
356 C  CA  . LEU A 46 ? 0.1887 0.1629 0.1940 -0.0001 0.0275  0.0086  793 LEU A CA  
357 C  C   . LEU A 46 ? 0.1736 0.1537 0.1983 0.0082  0.0230  0.0108  793 LEU A C   
358 O  O   . LEU A 46 ? 0.1705 0.1653 0.1967 0.0117  0.0272  0.0152  793 LEU A O   
359 C  CB  . LEU A 46 ? 0.2055 0.1807 0.2098 -0.0027 0.0317  0.0150  793 LEU A CB  
360 C  CG  . LEU A 46 ? 0.2458 0.2086 0.2278 -0.0082 0.0172  0.0127  793 LEU A CG  
361 C  CD1 . LEU A 46 ? 0.2632 0.2508 0.2688 -0.0080 0.0211  0.0101  793 LEU A CD1 
362 C  CD2 . LEU A 46 ? 0.2769 0.2332 0.2600 0.0021  0.0183  0.0178  793 LEU A CD2 
363 N  N   . ALA A 47 ? 0.1664 0.1662 0.2027 0.0210  0.0362  0.0110  794 ALA A N   
364 C  CA  . ALA A 47 ? 0.1597 0.1737 0.2046 0.0235  0.0282  0.0125  794 ALA A CA  
365 C  C   . ALA A 47 ? 0.1506 0.1650 0.1920 0.0234  0.0209  0.0106  794 ALA A C   
366 O  O   . ALA A 47 ? 0.1445 0.1861 0.2037 0.0233  0.0025  0.0124  794 ALA A O   
367 C  CB  . ALA A 47 ? 0.1628 0.1781 0.2190 0.0280  0.0361  0.0132  794 ALA A CB  
368 N  N   . GLU A 48 ? 0.1384 0.1496 0.1755 0.0217  0.0233  0.0069  795 GLU A N   
369 C  CA  . GLU A 48 ? 0.1358 0.1440 0.1582 0.0223  0.0173  -0.0056 795 GLU A CA  
370 C  C   . GLU A 48 ? 0.1286 0.1412 0.1453 0.0202  0.0041  -0.0092 795 GLU A C   
371 O  O   . GLU A 48 ? 0.1464 0.1470 0.1357 0.0188  0.0074  -0.0070 795 GLU A O   
372 C  CB  . GLU A 48 ? 0.1448 0.1357 0.1452 0.0313  0.0195  -0.0166 795 GLU A CB  
373 C  CG  . GLU A 48 ? 0.1516 0.1322 0.1604 0.0252  0.0168  -0.0086 795 GLU A CG  
374 C  CD  . GLU A 48 ? 0.1748 0.1403 0.1565 0.0146  0.0280  -0.0124 795 GLU A CD  
375 O  OE1 . GLU A 48 ? 0.1874 0.1339 0.1695 0.0129  0.0139  -0.0130 795 GLU A OE1 
376 O  OE2 . GLU A 48 ? 0.1996 0.1345 0.1707 0.0252  0.0272  -0.0209 795 GLU A OE2 
377 N  N   . LEU A 49 ? 0.1321 0.1394 0.1485 0.0258  0.0060  -0.0113 796 LEU A N   
378 C  CA  . LEU A 49 ? 0.1410 0.1451 0.1558 0.0212  0.0017  -0.0050 796 LEU A CA  
379 C  C   . LEU A 49 ? 0.1385 0.1522 0.1584 0.0159  -0.0021 -0.0035 796 LEU A C   
380 O  O   . LEU A 49 ? 0.1498 0.1546 0.1569 0.0153  0.0001  -0.0051 796 LEU A O   
381 C  CB  . LEU A 49 ? 0.1612 0.1700 0.1676 0.0127  0.0016  0.0061  796 LEU A CB  
382 C  CG  . LEU A 49 ? 0.1671 0.1658 0.1687 0.0023  -0.0101 -0.0141 796 LEU A CG  
383 C  CD1 . LEU A 49 ? 0.2110 0.1992 0.1953 -0.0047 -0.0113 0.0105  796 LEU A CD1 
384 C  CD2 . LEU A 49 ? 0.1720 0.1852 0.2005 0.0174  -0.0186 0.0109  796 LEU A CD2 
385 N  N   . ALA A 50 ? 0.1423 0.1709 0.1774 0.0149  -0.0051 -0.0017 797 ALA A N   
386 C  CA  . ALA A 50 ? 0.1618 0.1966 0.1946 0.0061  -0.0150 -0.0069 797 ALA A CA  
387 C  C   . ALA A 50 ? 0.1801 0.2089 0.1968 0.0111  -0.0190 -0.0018 797 ALA A C   
388 O  O   . ALA A 50 ? 0.2017 0.2364 0.2078 -0.0033 -0.0314 -0.0085 797 ALA A O   
389 C  CB  . ALA A 50 ? 0.1734 0.2068 0.2151 0.0145  -0.0119 -0.0024 797 ALA A CB  
390 N  N   . GLU A 51 ? 0.1862 0.2067 0.1893 0.0133  -0.0164 0.0084  798 GLU A N   
391 C  CA  . GLU A 51 ? 0.2148 0.2252 0.2041 0.0107  -0.0115 0.0122  798 GLU A CA  
392 C  C   . GLU A 51 ? 0.2083 0.2234 0.1930 0.0124  -0.0107 0.0121  798 GLU A C   
393 O  O   . GLU A 51 ? 0.2320 0.2437 0.2071 0.0117  -0.0054 0.0253  798 GLU A O   
394 C  CB  . GLU A 51 ? 0.2238 0.2256 0.2144 0.0061  -0.0157 0.0143  798 GLU A CB  
395 C  CG  . GLU A 51 ? 0.2543 0.2520 0.2498 0.0080  -0.0051 0.0132  798 GLU A CG  
396 C  CD  . GLU A 51 ? 0.2874 0.2644 0.2841 0.0072  -0.0083 0.0061  798 GLU A CD  
397 O  OE1 . GLU A 51 ? 0.3265 0.2962 0.3229 -0.0096 -0.0126 0.0102  798 GLU A OE1 
398 O  OE2 . GLU A 51 ? 0.3325 0.3310 0.3536 0.0124  -0.0031 0.0003  798 GLU A OE2 
399 N  N   . VAL A 52 ? 0.1984 0.2087 0.1664 0.0148  -0.0145 0.0019  799 VAL A N   
400 C  CA  . VAL A 52 ? 0.1967 0.2106 0.1568 0.0125  -0.0055 -0.0091 799 VAL A CA  
401 C  C   . VAL A 52 ? 0.2210 0.2288 0.1719 0.0034  -0.0043 -0.0129 799 VAL A C   
402 O  O   . VAL A 52 ? 0.2199 0.2272 0.1527 0.0045  -0.0100 -0.0214 799 VAL A O   
403 C  CB  . VAL A 52 ? 0.1800 0.1860 0.1481 0.0208  -0.0083 -0.0131 799 VAL A CB  
404 C  CG1 . VAL A 52 ? 0.1681 0.1881 0.1759 0.0237  0.0112  -0.0237 799 VAL A CG1 
405 C  CG2 . VAL A 52 ? 0.1751 0.1851 0.1486 0.0169  -0.0101 -0.0215 799 VAL A CG2 
406 N  N   . PRO A 53 ? 0.2475 0.2494 0.1926 -0.0007 0.0005  -0.0155 800 PRO A N   
407 C  CA  . PRO A 53 ? 0.2544 0.2538 0.2036 0.0021  0.0005  -0.0177 800 PRO A CA  
408 C  C   . PRO A 53 ? 0.2456 0.2521 0.2081 0.0066  0.0000  -0.0210 800 PRO A C   
409 O  O   . PRO A 53 ? 0.2560 0.2636 0.2182 0.0119  -0.0027 -0.0298 800 PRO A O   
410 C  CB  . PRO A 53 ? 0.2613 0.2645 0.2199 0.0017  0.0054  -0.0155 800 PRO A CB  
411 C  CG  . PRO A 53 ? 0.2804 0.2663 0.2237 -0.0020 0.0029  -0.0109 800 PRO A CG  
412 C  CD  . PRO A 53 ? 0.2458 0.2549 0.2031 -0.0020 0.0022  -0.0139 800 PRO A CD  
413 N  N   . GLY A 54 ? 0.2489 0.2479 0.2166 0.0083  -0.0013 -0.0189 801 GLY A N   
414 C  CA  . GLY A 54 ? 0.2467 0.2424 0.2160 0.0031  -0.0073 -0.0201 801 GLY A CA  
415 C  C   . GLY A 54 ? 0.2299 0.2231 0.2025 0.0072  -0.0033 -0.0248 801 GLY A C   
416 O  O   . GLY A 54 ? 0.2483 0.2296 0.2163 0.0028  -0.0051 -0.0334 801 GLY A O   
417 N  N   . LEU A 55 ? 0.2114 0.2180 0.1898 0.0029  -0.0075 -0.0263 802 LEU A N   
418 C  CA  . LEU A 55 ? 0.1941 0.1993 0.1876 0.0027  -0.0099 -0.0262 802 LEU A CA  
419 C  C   . LEU A 55 ? 0.1887 0.1989 0.1839 0.0042  -0.0158 -0.0191 802 LEU A C   
420 O  O   . LEU A 55 ? 0.1931 0.2038 0.1923 0.0000  -0.0242 -0.0173 802 LEU A O   
421 C  CB  . LEU A 55 ? 0.1878 0.1930 0.1771 -0.0006 -0.0041 -0.0277 802 LEU A CB  
422 C  CG  . LEU A 55 ? 0.1687 0.1877 0.1707 0.0041  -0.0031 -0.0351 802 LEU A CG  
423 C  CD1 . LEU A 55 ? 0.1609 0.1962 0.1756 -0.0052 -0.0073 -0.0177 802 LEU A CD1 
424 C  CD2 . LEU A 55 ? 0.1762 0.1973 0.1685 -0.0099 0.0055  -0.0450 802 LEU A CD2 
425 N  N   . GLY A 56 ? 0.1853 0.2050 0.2057 0.0008  -0.0295 -0.0109 803 GLY A N   
426 C  CA  . GLY A 56 ? 0.1815 0.2073 0.2097 0.0004  -0.0290 -0.0103 803 GLY A CA  
427 C  C   . GLY A 56 ? 0.1724 0.2027 0.2086 0.0024  -0.0348 -0.0123 803 GLY A C   
428 O  O   . GLY A 56 ? 0.1658 0.1993 0.2014 0.0036  -0.0403 -0.0120 803 GLY A O   
429 N  N   . GLU A 57 ? 0.1677 0.2042 0.2135 -0.0019 -0.0397 -0.0106 804 GLU A N   
430 C  CA  . GLU A 57 ? 0.1672 0.2045 0.2181 0.0033  -0.0355 -0.0097 804 GLU A CA  
431 C  C   . GLU A 57 ? 0.1515 0.1903 0.2108 0.0055  -0.0307 -0.0159 804 GLU A C   
432 O  O   . GLU A 57 ? 0.1471 0.1955 0.2165 0.0065  -0.0311 -0.0221 804 GLU A O   
433 C  CB  . GLU A 57 ? 0.1795 0.2203 0.2328 -0.0007 -0.0379 -0.0054 804 GLU A CB  
434 C  CG  . GLU A 57 ? 0.2395 0.2731 0.2709 0.0098  -0.0153 0.0019  804 GLU A CG  
435 C  CD  . GLU A 57 ? 0.3053 0.3103 0.3146 0.0038  -0.0090 -0.0061 804 GLU A CD  
436 O  OE1 . GLU A 57 ? 0.3258 0.3353 0.3604 0.0050  -0.0022 0.0089  804 GLU A OE1 
437 O  OE2 . GLU A 57 ? 0.3381 0.3525 0.3394 0.0059  0.0001  -0.0028 804 GLU A OE2 
438 N  N   . LYS A 58 ? 0.1492 0.1877 0.2052 -0.0002 -0.0329 -0.0234 805 LYS A N   
439 C  CA  . LYS A 58 ? 0.1621 0.1792 0.1975 -0.0044 -0.0246 -0.0245 805 LYS A CA  
440 C  C   . LYS A 58 ? 0.1511 0.1634 0.1839 0.0012  -0.0196 -0.0237 805 LYS A C   
441 O  O   . LYS A 58 ? 0.1479 0.1674 0.1900 -0.0060 -0.0077 -0.0273 805 LYS A O   
442 C  CB  . LYS A 58 ? 0.1706 0.1896 0.2019 -0.0069 -0.0304 -0.0255 805 LYS A CB  
443 C  CG  . LYS A 58 ? 0.2095 0.2001 0.2138 -0.0099 -0.0179 -0.0225 805 LYS A CG  
444 C  CD  . LYS A 58 ? 0.2283 0.2129 0.2296 -0.0018 -0.0120 -0.0274 805 LYS A CD  
445 C  CE  . LYS A 58 ? 0.2471 0.2253 0.2533 0.0002  0.0007  -0.0176 805 LYS A CE  
446 N  NZ  . LYS A 58 ? 0.2707 0.2535 0.2773 -0.0026 0.0007  -0.0316 805 LYS A NZ  
447 N  N   . ARG A 59 ? 0.1392 0.1564 0.1753 0.0072  -0.0217 -0.0283 806 ARG A N   
448 C  CA  . ARG A 59 ? 0.1309 0.1540 0.1678 0.0019  -0.0187 -0.0260 806 ARG A CA  
449 C  C   . ARG A 59 ? 0.1239 0.1508 0.1644 0.0098  -0.0136 -0.0254 806 ARG A C   
450 O  O   . ARG A 59 ? 0.1217 0.1697 0.1601 0.0075  -0.0121 -0.0282 806 ARG A O   
451 C  CB  . ARG A 59 ? 0.1433 0.1554 0.1722 0.0057  -0.0074 -0.0301 806 ARG A CB  
452 C  CG  . ARG A 59 ? 0.1492 0.1571 0.1752 0.0024  -0.0137 -0.0279 806 ARG A CG  
453 C  CD  . ARG A 59 ? 0.1583 0.1766 0.1942 0.0041  -0.0128 -0.0183 806 ARG A CD  
454 N  NE  . ARG A 59 ? 0.1631 0.1891 0.1831 0.0111  -0.0147 -0.0408 806 ARG A NE  
455 C  CZ  . ARG A 59 ? 0.1710 0.1809 0.1782 0.0138  -0.0207 -0.0357 806 ARG A CZ  
456 N  NH1 . ARG A 59 ? 0.1756 0.2078 0.1978 0.0060  -0.0238 -0.0408 806 ARG A NH1 
457 N  NH2 . ARG A 59 ? 0.1837 0.1870 0.1977 0.0143  -0.0054 -0.0492 806 ARG A NH2 
458 N  N   . ILE A 60 ? 0.1232 0.1580 0.1756 0.0088  -0.0215 -0.0328 807 ILE A N   
459 C  CA  . ILE A 60 ? 0.1345 0.1609 0.1855 0.0083  -0.0172 -0.0332 807 ILE A CA  
460 C  C   . ILE A 60 ? 0.1298 0.1668 0.1894 0.0073  -0.0145 -0.0321 807 ILE A C   
461 O  O   . ILE A 60 ? 0.1304 0.1818 0.1898 0.0112  -0.0052 -0.0426 807 ILE A O   
462 C  CB  . ILE A 60 ? 0.1471 0.1655 0.1922 0.0127  -0.0158 -0.0281 807 ILE A CB  
463 C  CG1 . ILE A 60 ? 0.1553 0.1694 0.2011 0.0016  -0.0188 -0.0255 807 ILE A CG1 
464 C  CG2 . ILE A 60 ? 0.1576 0.1767 0.2109 0.0175  -0.0031 -0.0280 807 ILE A CG2 
465 C  CD1 . ILE A 60 ? 0.1798 0.1950 0.2289 0.0178  -0.0099 -0.0116 807 ILE A CD1 
466 N  N   . GLU A 61 ? 0.1436 0.1764 0.2008 -0.0035 -0.0055 -0.0282 808 GLU A N   
467 C  CA  . GLU A 61 ? 0.1657 0.2001 0.2131 -0.0121 -0.0039 -0.0237 808 GLU A CA  
468 C  C   . GLU A 61 ? 0.1635 0.2003 0.2076 -0.0180 -0.0009 -0.0221 808 GLU A C   
469 O  O   . GLU A 61 ? 0.1823 0.2220 0.2133 -0.0108 0.0140  -0.0258 808 GLU A O   
470 C  CB  . GLU A 61 ? 0.1745 0.2174 0.2261 -0.0178 0.0000  -0.0204 808 GLU A CB  
471 C  CG  . GLU A 61 ? 0.2480 0.2698 0.2746 0.0034  -0.0026 -0.0095 808 GLU A CG  
472 C  CD  . GLU A 61 ? 0.2998 0.3272 0.3287 -0.0099 -0.0096 -0.0086 808 GLU A CD  
473 O  OE1 . GLU A 61 ? 0.3506 0.3499 0.3718 -0.0075 -0.0082 0.0077  808 GLU A OE1 
474 O  OE2 . GLU A 61 ? 0.3298 0.3613 0.3551 -0.0005 -0.0127 -0.0053 808 GLU A OE2 
475 N  N   . ALA A 62 ? 0.1494 0.1912 0.2031 -0.0238 0.0007  -0.0235 809 ALA A N   
476 C  CA  . ALA A 62 ? 0.1659 0.1818 0.1958 -0.0218 0.0041  -0.0170 809 ALA A CA  
477 C  C   . ALA A 62 ? 0.1567 0.1699 0.1810 -0.0142 0.0036  -0.0114 809 ALA A C   
478 O  O   . ALA A 62 ? 0.1745 0.1864 0.1848 -0.0247 0.0112  -0.0043 809 ALA A O   
479 C  CB  . ALA A 62 ? 0.1754 0.1823 0.2011 -0.0213 -0.0043 -0.0209 809 ALA A CB  
480 N  N   . TYR A 63 ? 0.1393 0.1514 0.1648 -0.0159 0.0003  -0.0193 810 TYR A N   
481 C  CA  . TYR A 63 ? 0.1316 0.1415 0.1522 -0.0091 -0.0002 -0.0193 810 TYR A CA  
482 C  C   . TYR A 63 ? 0.1285 0.1388 0.1397 -0.0089 0.0042  -0.0183 810 TYR A C   
483 O  O   . TYR A 63 ? 0.1255 0.1351 0.1310 -0.0088 -0.0035 -0.0254 810 TYR A O   
484 C  CB  . TYR A 63 ? 0.1371 0.1431 0.1510 -0.0098 -0.0014 -0.0232 810 TYR A CB  
485 C  CG  . TYR A 63 ? 0.1262 0.1412 0.1450 0.0011  -0.0021 -0.0140 810 TYR A CG  
486 C  CD1 . TYR A 63 ? 0.1373 0.1562 0.1453 -0.0041 0.0018  -0.0170 810 TYR A CD1 
487 C  CD2 . TYR A 63 ? 0.1509 0.1440 0.1455 -0.0057 -0.0034 -0.0120 810 TYR A CD2 
488 C  CE1 . TYR A 63 ? 0.1583 0.1562 0.1577 -0.0031 -0.0003 -0.0169 810 TYR A CE1 
489 C  CE2 . TYR A 63 ? 0.1704 0.1514 0.1572 -0.0057 -0.0071 -0.0065 810 TYR A CE2 
490 C  CZ  . TYR A 63 ? 0.1535 0.1463 0.1633 -0.0062 0.0027  -0.0175 810 TYR A CZ  
491 O  OH  . TYR A 63 ? 0.1915 0.1454 0.1808 -0.0084 0.0056  -0.0198 810 TYR A OH  
492 N  N   . GLY A 64 ? 0.1282 0.1357 0.1348 -0.0069 0.0034  -0.0188 811 GLY A N   
493 C  CA  . GLY A 64 ? 0.1279 0.1341 0.1334 -0.0063 0.0000  -0.0162 811 GLY A CA  
494 C  C   . GLY A 64 ? 0.1088 0.1260 0.1281 -0.0001 0.0073  -0.0136 811 GLY A C   
495 O  O   . GLY A 64 ? 0.1180 0.1302 0.1308 -0.0062 0.0033  -0.0101 811 GLY A O   
496 N  N   . GLU A 65 ? 0.1142 0.1390 0.1334 -0.0073 0.0132  -0.0149 812 GLU A N   
497 C  CA  . GLU A 65 ? 0.1282 0.1602 0.1352 -0.0038 0.0124  -0.0186 812 GLU A CA  
498 C  C   . GLU A 65 ? 0.1212 0.1429 0.1132 -0.0040 0.0189  -0.0129 812 GLU A C   
499 O  O   . GLU A 65 ? 0.1288 0.1327 0.1161 -0.0057 0.0154  -0.0168 812 GLU A O   
500 C  CB  . GLU A 65 ? 0.1435 0.1943 0.1511 -0.0035 0.0235  -0.0169 812 GLU A CB  
501 C  CG  . GLU A 65 ? 0.1942 0.2458 0.2235 0.0068  0.0107  -0.0081 812 GLU A CG  
502 C  CD  . GLU A 65 ? 0.2576 0.2818 0.2859 0.0077  0.0119  -0.0060 812 GLU A CD  
503 O  OE1 . GLU A 65 ? 0.2955 0.3088 0.3140 0.0005  0.0083  -0.0203 812 GLU A OE1 
504 O  OE2 . GLU A 65 ? 0.3032 0.3286 0.3398 0.0102  -0.0042 0.0021  812 GLU A OE2 
505 N  N   . ARG A 66 ? 0.1145 0.1326 0.1122 -0.0026 0.0139  -0.0011 813 ARG A N   
506 C  CA  . ARG A 66 ? 0.1218 0.1347 0.1220 0.0038  0.0105  0.0024  813 ARG A CA  
507 C  C   . ARG A 66 ? 0.1128 0.1177 0.1020 0.0014  0.0049  -0.0040 813 ARG A C   
508 O  O   . ARG A 66 ? 0.1181 0.1209 0.0965 -0.0037 0.0019  -0.0054 813 ARG A O   
509 C  CB  . ARG A 66 ? 0.1479 0.1317 0.1524 -0.0061 0.0190  0.0190  813 ARG A CB  
510 C  CG  . ARG A 66 ? 0.1832 0.1855 0.1956 -0.0059 0.0231  0.0335  813 ARG A CG  
511 C  CD  . ARG A 66 ? 0.1892 0.2250 0.1797 0.0063  0.0264  0.0076  813 ARG A CD  
512 N  NE  . ARG A 66 ? 0.1997 0.2021 0.1501 0.0146  0.0238  0.0248  813 ARG A NE  
513 C  CZ  . ARG A 66 ? 0.1987 0.1992 0.1488 -0.0019 0.0202  0.0115  813 ARG A CZ  
514 N  NH1 . ARG A 66 ? 0.2127 0.2228 0.1554 -0.0058 0.0145  0.0233  813 ARG A NH1 
515 N  NH2 . ARG A 66 ? 0.2054 0.2041 0.1516 0.0103  0.0112  0.0089  813 ARG A NH2 
516 N  N   . ILE A 67 ? 0.1135 0.1209 0.0991 -0.0004 0.0118  -0.0043 814 ILE A N   
517 C  CA  . ILE A 67 ? 0.1220 0.1214 0.0941 -0.0016 0.0045  -0.0069 814 ILE A CA  
518 C  C   . ILE A 67 ? 0.1105 0.1196 0.0827 0.0011  0.0072  -0.0051 814 ILE A C   
519 O  O   . ILE A 67 ? 0.1109 0.1263 0.0863 -0.0066 0.0089  -0.0024 814 ILE A O   
520 C  CB  . ILE A 67 ? 0.1141 0.1135 0.0966 0.0013  0.0006  -0.0087 814 ILE A CB  
521 C  CG1 . ILE A 67 ? 0.1311 0.1358 0.0917 -0.0032 -0.0003 -0.0197 814 ILE A CG1 
522 C  CG2 . ILE A 67 ? 0.1275 0.1279 0.1012 -0.0047 0.0053  -0.0015 814 ILE A CG2 
523 C  CD1 . ILE A 67 ? 0.1405 0.1386 0.1050 -0.0027 -0.0033 -0.0135 814 ILE A CD1 
524 N  N   . LEU A 68 ? 0.1170 0.1122 0.0889 -0.0003 0.0043  -0.0038 815 LEU A N   
525 C  CA  . LEU A 68 ? 0.1250 0.1116 0.1058 0.0025  0.0019  -0.0080 815 LEU A CA  
526 C  C   . LEU A 68 ? 0.1233 0.1187 0.0994 -0.0024 0.0105  -0.0090 815 LEU A C   
527 O  O   . LEU A 68 ? 0.1211 0.1209 0.1006 -0.0055 0.0112  -0.0140 815 LEU A O   
528 C  CB  . LEU A 68 ? 0.1277 0.1286 0.1179 -0.0017 0.0074  -0.0085 815 LEU A CB  
529 C  CG  . LEU A 68 ? 0.1346 0.1314 0.1403 0.0085  -0.0022 -0.0055 815 LEU A CG  
530 C  CD1 . LEU A 68 ? 0.1410 0.1603 0.1867 0.0165  0.0078  0.0064  815 LEU A CD1 
531 C  CD2 . LEU A 68 ? 0.1559 0.1349 0.1497 -0.0018 -0.0113 0.0017  815 LEU A CD2 
532 N  N   . ASP A 69 ? 0.1197 0.1231 0.0937 -0.0100 0.0077  -0.0058 816 ASP A N   
533 C  CA  . ASP A 69 ? 0.1264 0.1302 0.1011 -0.0159 0.0022  0.0007  816 ASP A CA  
534 C  C   . ASP A 69 ? 0.1276 0.1197 0.0919 -0.0119 0.0003  0.0032  816 ASP A C   
535 O  O   . ASP A 69 ? 0.1301 0.1232 0.0922 -0.0158 0.0001  0.0018  816 ASP A O   
536 C  CB  . ASP A 69 ? 0.1325 0.1439 0.1084 -0.0163 0.0003  0.0017  816 ASP A CB  
537 C  CG  . ASP A 69 ? 0.1489 0.1589 0.1315 -0.0226 -0.0086 0.0042  816 ASP A CG  
538 O  OD1 . ASP A 69 ? 0.1804 0.1788 0.1113 -0.0238 -0.0038 0.0161  816 ASP A OD1 
539 O  OD2 . ASP A 69 ? 0.1783 0.1887 0.1636 -0.0153 -0.0323 0.0114  816 ASP A OD2 
540 N  N   . ALA A 70 ? 0.1272 0.1195 0.0920 -0.0072 0.0060  0.0013  817 ALA A N   
541 C  CA  . ALA A 70 ? 0.1243 0.1190 0.1106 -0.0069 0.0060  -0.0052 817 ALA A CA  
542 C  C   . ALA A 70 ? 0.1152 0.1163 0.1037 0.0006  0.0028  -0.0092 817 ALA A C   
543 O  O   . ALA A 70 ? 0.1300 0.1129 0.1108 -0.0063 0.0020  -0.0059 817 ALA A O   
544 C  CB  . ALA A 70 ? 0.1269 0.1204 0.1205 -0.0001 0.0034  -0.0084 817 ALA A CB  
545 N  N   . ILE A 71 ? 0.1139 0.1048 0.1027 -0.0036 0.0124  -0.0054 818 ILE A N   
546 C  CA  . ILE A 71 ? 0.1228 0.1132 0.1041 -0.0096 0.0120  -0.0040 818 ILE A CA  
547 C  C   . ILE A 71 ? 0.1265 0.1136 0.1036 -0.0072 0.0091  0.0000  818 ILE A C   
548 O  O   . ILE A 71 ? 0.1278 0.1269 0.1089 -0.0145 0.0090  -0.0001 818 ILE A O   
549 C  CB  . ILE A 71 ? 0.1292 0.1137 0.0992 0.0003  0.0089  -0.0019 818 ILE A CB  
550 C  CG1 . ILE A 71 ? 0.1335 0.1339 0.1035 -0.0010 0.0045  -0.0055 818 ILE A CG1 
551 C  CG2 . ILE A 71 ? 0.1396 0.1160 0.1225 -0.0012 0.0088  0.0014  818 ILE A CG2 
552 C  CD1 . ILE A 71 ? 0.1489 0.1328 0.1030 0.0046  -0.0019 0.0055  818 ILE A CD1 
553 N  N   . ASN A 72 ? 0.1325 0.1058 0.1046 -0.0055 0.0098  -0.0074 819 ASN A N   
554 C  CA  . ASN A 72 ? 0.1389 0.1158 0.1138 -0.0117 0.0154  -0.0152 819 ASN A CA  
555 C  C   . ASN A 72 ? 0.1326 0.1205 0.1109 -0.0126 0.0137  -0.0087 819 ASN A C   
556 O  O   . ASN A 72 ? 0.1441 0.1239 0.1185 -0.0217 0.0141  -0.0148 819 ASN A O   
557 C  CB  . ASN A 72 ? 0.1478 0.1232 0.1414 -0.0154 0.0211  -0.0174 819 ASN A CB  
558 C  CG  . ASN A 72 ? 0.1675 0.1407 0.1676 0.0054  0.0138  -0.0600 819 ASN A CG  
559 O  OD1 . ASN A 72 ? 0.2040 0.1798 0.1867 0.0464  0.0098  -0.0356 819 ASN A OD1 
560 N  ND2 . ASN A 72 ? 0.1809 0.1519 0.2424 0.0123  0.0096  -0.0604 819 ASN A ND2 
561 N  N   . THR A 73 ? 0.1370 0.1222 0.0954 -0.0130 0.0087  -0.0031 820 THR A N   
562 C  CA  . THR A 73 ? 0.1441 0.1350 0.1066 -0.0207 0.0019  0.0043  820 THR A CA  
563 C  C   . THR A 73 ? 0.1431 0.1334 0.0979 -0.0162 0.0040  -0.0051 820 THR A C   
564 O  O   . THR A 73 ? 0.1436 0.1497 0.1052 -0.0331 0.0055  -0.0042 820 THR A O   
565 C  CB  . THR A 73 ? 0.1382 0.1357 0.1087 -0.0226 -0.0016 0.0044  820 THR A CB  
566 O  OG1 . THR A 73 ? 0.1462 0.1483 0.0963 -0.0410 0.0024  0.0161  820 THR A OG1 
567 C  CG2 . THR A 73 ? 0.1570 0.1643 0.1374 -0.0149 -0.0131 0.0151  820 THR A CG2 
568 N  N   . VAL A 74 ? 0.1247 0.1208 0.1025 -0.0123 0.0067  -0.0014 821 VAL A N   
569 C  CA  . VAL A 74 ? 0.1368 0.1322 0.1137 -0.0098 0.0116  -0.0104 821 VAL A CA  
570 C  C   . VAL A 74 ? 0.1306 0.1279 0.1197 -0.0171 0.0100  -0.0006 821 VAL A C   
571 O  O   . VAL A 74 ? 0.1335 0.1422 0.1356 -0.0212 0.0004  -0.0008 821 VAL A O   
572 C  CB  . VAL A 74 ? 0.1424 0.1362 0.1175 -0.0091 0.0155  -0.0127 821 VAL A CB  
573 C  CG1 . VAL A 74 ? 0.1476 0.1595 0.1254 -0.0137 0.0252  -0.0070 821 VAL A CG1 
574 C  CG2 . VAL A 74 ? 0.1581 0.1592 0.1430 -0.0004 0.0092  -0.0204 821 VAL A CG2 
575 N  N   . LEU A 75 ? 0.1362 0.1215 0.1249 -0.0150 0.0093  0.0002  822 LEU A N   
576 C  CA  . LEU A 75 ? 0.1514 0.1182 0.1410 -0.0182 0.0089  -0.0028 822 LEU A CA  
577 C  C   . LEU A 75 ? 0.1534 0.1295 0.1513 -0.0194 0.0090  -0.0109 822 LEU A C   
578 O  O   . LEU A 75 ? 0.1781 0.1374 0.1767 -0.0383 0.0061  -0.0080 822 LEU A O   
579 C  CB  . LEU A 75 ? 0.1555 0.1212 0.1512 -0.0125 0.0089  0.0010  822 LEU A CB  
580 C  CG  . LEU A 75 ? 0.1564 0.1315 0.1462 -0.0131 0.0138  0.0074  822 LEU A CG  
581 C  CD1 . LEU A 75 ? 0.1902 0.1450 0.1819 0.0050  -0.0088 0.0094  822 LEU A CD1 
582 C  CD2 . LEU A 75 ? 0.1875 0.1813 0.1592 -0.0168 0.0157  0.0167  822 LEU A CD2 
583 N  N   . ASP A 76 ? 0.1431 0.1246 0.1381 -0.0102 0.0104  -0.0198 823 ASP A N   
584 C  CA  . ASP A 76 ? 0.1514 0.1419 0.1411 -0.0167 0.0066  -0.0206 823 ASP A CA  
585 C  C   . ASP A 76 ? 0.1570 0.1622 0.1460 -0.0165 0.0001  -0.0213 823 ASP A C   
586 O  O   . ASP A 76 ? 0.1766 0.1927 0.1728 -0.0265 -0.0075 -0.0417 823 ASP A O   
587 C  CB  . ASP A 76 ? 0.1544 0.1424 0.1534 -0.0091 0.0163  -0.0183 823 ASP A CB  
588 C  CG  . ASP A 76 ? 0.1509 0.1298 0.1665 -0.0125 0.0233  -0.0225 823 ASP A CG  
589 O  OD1 . ASP A 76 ? 0.1593 0.1306 0.2075 0.0077  0.0263  -0.0103 823 ASP A OD1 
590 O  OD2 . ASP A 76 ? 0.1568 0.1281 0.2205 0.0101  0.0377  -0.0123 823 ASP A OD2 
591 N  N   . GLY A 77 ? 0.1758 0.1834 0.1472 -0.0150 -0.0104 -0.0133 824 GLY A N   
592 C  CA  . GLY A 77 ? 0.1960 0.2069 0.1605 -0.0177 -0.0209 -0.0072 824 GLY A CA  
593 C  C   . GLY A 77 ? 0.2241 0.2200 0.1669 -0.0233 -0.0223 -0.0051 824 GLY A C   
594 O  O   . GLY A 77 ? 0.2306 0.2305 0.1755 -0.0453 -0.0328 -0.0017 824 GLY A O   
595 P  P   . PO4 B .  ? 0.1923 0.2883 0.2343 0.0003  -0.0067 -0.0944 1   PO4 A P   
596 O  O1  . PO4 B .  ? 0.2112 0.2692 0.2415 0.0066  -0.0015 -0.0677 1   PO4 A O1  
597 O  O2  . PO4 B .  ? 0.2183 0.2852 0.2201 -0.0025 -0.0027 -0.0753 1   PO4 A O2  
598 O  O3  . PO4 B .  ? 0.2191 0.3122 0.2678 -0.0090 0.0049  -0.0482 1   PO4 A O3  
599 O  O4  . PO4 B .  ? 0.2378 0.2868 0.2664 -0.0073 -0.0288 -0.0653 1   PO4 A O4  
600 O  O   . HOH C .  ? 0.1661 0.1678 0.1257 0.0425  -0.0201 -0.0034 825 HOH A O   
601 O  O   . HOH C .  ? 0.1681 0.1867 0.1233 0.0031  -0.0127 -0.0010 826 HOH A O   
602 O  O   . HOH C .  ? 0.1850 0.1336 0.1464 0.0078  0.0229  -0.0237 827 HOH A O   
603 O  O   . HOH C .  ? 0.2035 0.2080 0.1954 -0.0021 0.0261  -0.0082 828 HOH A O   
604 O  O   . HOH C .  ? 0.1957 0.1732 0.1834 0.0161  -0.0328 -0.0332 829 HOH A O   
605 O  O   . HOH C .  ? 0.1952 0.1941 0.2263 0.0469  0.0006  -0.0181 830 HOH A O   
606 O  O   . HOH C .  ? 0.2043 0.1903 0.1974 -0.0305 0.0219  -0.0111 831 HOH A O   
607 O  O   . HOH C .  ? 0.1470 0.1344 0.2210 0.0119  0.0129  0.0004  832 HOH A O   
608 O  O   . HOH C .  ? 0.1965 0.2351 0.1640 0.0172  -0.0053 -0.0359 833 HOH A O   
609 O  O   . HOH C .  ? 0.2116 0.2246 0.1580 0.0260  -0.0262 0.0144  834 HOH A O   
610 O  O   . HOH C .  ? 0.1832 0.2083 0.2387 0.0323  -0.0304 0.0120  835 HOH A O   
611 O  O   . HOH C .  ? 0.1825 0.1806 0.1928 -0.0110 0.0113  -0.0443 836 HOH A O   
612 O  O   . HOH C .  ? 0.2104 0.1993 0.1764 0.0514  -0.0145 -0.0244 837 HOH A O   
613 O  O   . HOH C .  ? 0.2450 0.2028 0.1802 -0.0037 0.0422  0.0078  838 HOH A O   
614 O  O   . HOH C .  ? 0.2309 0.2038 0.1805 -0.0104 0.0247  -0.0195 839 HOH A O   
615 O  O   . HOH C .  ? 0.2218 0.2384 0.1499 -0.0181 -0.0039 0.0129  840 HOH A O   
616 O  O   . HOH C .  ? 0.2281 0.2036 0.2087 0.0166  0.0051  0.0116  841 HOH A O   
617 O  O   . HOH C .  ? 0.2697 0.2016 0.2494 0.0319  -0.0192 -0.0073 842 HOH A O   
618 O  O   . HOH C .  ? 0.2380 0.2686 0.2105 -0.0184 -0.0134 0.0201  843 HOH A O   
619 O  O   . HOH C .  ? 0.2582 0.1597 0.2123 0.0179  0.0445  -0.0006 844 HOH A O   
620 O  O   . HOH C .  ? 0.2130 0.2065 0.1908 -0.0159 0.0087  -0.0416 845 HOH A O   
621 O  O   . HOH C .  ? 0.2571 0.2338 0.1995 -0.0026 0.0402  0.0262  846 HOH A O   
622 O  O   . HOH C .  ? 0.2090 0.2438 0.2549 0.0128  0.0562  0.0034  847 HOH A O   
623 O  O   . HOH C .  ? 0.2361 0.2273 0.1542 -0.0120 -0.0238 -0.0141 848 HOH A O   
624 O  O   . HOH C .  ? 0.2397 0.2343 0.2540 -0.0340 0.0086  -0.0040 849 HOH A O   
625 O  O   . HOH C .  ? 0.2740 0.2272 0.2492 -0.0307 0.0183  0.0361  850 HOH A O   
626 O  O   . HOH C .  ? 0.2100 0.2848 0.2410 -0.0535 0.0344  -0.0485 851 HOH A O   
627 O  O   . HOH C .  ? 0.3183 0.2700 0.2162 0.0082  0.0139  -0.0165 852 HOH A O   
628 O  O   . HOH C .  ? 0.2293 0.2470 0.2240 -0.0551 0.0491  0.0082  853 HOH A O   
629 O  O   . HOH C .  ? 0.1900 0.2418 0.2517 -0.0046 0.0249  -0.0243 854 HOH A O   
630 O  O   . HOH C .  ? 0.2720 0.2650 0.2397 -0.0129 0.0509  -0.0318 855 HOH A O   
631 O  O   . HOH C .  ? 0.2575 0.2974 0.2608 0.0178  0.0450  -0.0141 856 HOH A O   
632 O  O   . HOH C .  ? 0.2455 0.2853 0.2551 -0.0150 0.0069  -0.0084 857 HOH A O   
633 O  O   . HOH C .  ? 0.2380 0.2550 0.2854 -0.0267 0.0028  -0.0251 858 HOH A O   
634 O  O   . HOH C .  ? 0.2715 0.2694 0.2362 -0.0126 -0.0336 -0.0452 859 HOH A O   
635 O  O   . HOH C .  ? 0.2936 0.2754 0.2850 -0.0013 -0.0172 0.0343  860 HOH A O   
636 O  O   . HOH C .  ? 0.2606 0.2123 0.2605 0.0078  -0.0107 -0.0325 861 HOH A O   
637 O  O   . HOH C .  ? 0.2870 0.2819 0.3081 0.0063  0.0199  -0.0152 862 HOH A O   
638 O  O   . HOH C .  ? 0.2525 0.2449 0.2336 0.0154  0.0466  -0.0178 863 HOH A O   
639 O  O   . HOH C .  ? 0.2752 0.3283 0.3284 -0.0127 0.0313  0.0219  864 HOH A O   
640 O  O   . HOH C .  ? 0.3284 0.2203 0.2684 0.0081  -0.0396 0.0054  865 HOH A O   
641 O  O   . HOH C .  ? 0.4140 0.4197 0.4231 -0.0095 0.0028  0.0053  866 HOH A O   
642 O  O   . HOH C .  ? 0.2768 0.2585 0.2506 0.0019  0.0286  -0.0129 867 HOH A O   
643 O  O   . HOH C .  ? 0.2966 0.2782 0.2333 0.0050  -0.0178 -0.0091 868 HOH A O   
644 O  O   . HOH C .  ? 0.2614 0.3314 0.3246 -0.0043 -0.0294 0.0141  869 HOH A O   
645 O  O   . HOH C .  ? 0.2982 0.3230 0.2991 0.0092  -0.0042 -0.0057 870 HOH A O   
646 O  O   . HOH C .  ? 0.3271 0.3593 0.3166 -0.0047 0.0101  0.0200  871 HOH A O   
647 O  O   . HOH C .  ? 0.5164 0.5210 0.5056 -0.0116 0.0120  -0.0042 872 HOH A O   
648 O  O   . HOH C .  ? 0.2986 0.3016 0.3060 -0.0100 -0.0349 -0.0156 873 HOH A O   
649 O  O   . HOH C .  ? 0.3250 0.3246 0.3420 0.0519  -0.0115 -0.0096 874 HOH A O   
650 O  O   . HOH C .  ? 0.3561 0.3586 0.3954 0.0129  -0.0058 0.0093  875 HOH A O   
651 O  O   . HOH C .  ? 0.2929 0.2902 0.2680 0.0097  -0.0103 -0.0266 876 HOH A O   
652 O  O   . HOH C .  ? 0.2653 0.2970 0.2707 0.0172  -0.0213 0.0255  877 HOH A O   
653 O  O   . HOH C .  ? 0.3226 0.2987 0.2820 -0.0349 -0.0046 -0.0152 878 HOH A O   
654 O  O   . HOH C .  ? 0.3262 0.3523 0.3274 0.0207  0.0109  -0.0085 879 HOH A O   
655 O  O   . HOH C .  ? 0.3929 0.3443 0.3695 -0.0031 -0.0097 -0.0023 880 HOH A O   
656 O  O   . HOH C .  ? 0.3260 0.3414 0.3534 0.0028  0.0249  0.0027  881 HOH A O   
657 O  O   . HOH C .  ? 0.3088 0.3290 0.2996 -0.0087 -0.0086 -0.0090 882 HOH A O   
658 O  O   . HOH C .  ? 0.2819 0.2459 0.2222 0.0050  -0.0225 -0.0220 883 HOH A O   
659 O  O   . HOH C .  ? 0.2743 0.3461 0.3243 0.0147  0.0091  -0.0073 884 HOH A O   
660 O  O   . HOH C .  ? 0.4344 0.4302 0.4019 -0.0082 -0.0204 -0.0090 885 HOH A O   
661 O  O   . HOH C .  ? 0.2676 0.2703 0.2989 0.0139  0.0193  0.0042  886 HOH A O   
662 O  O   . HOH C .  ? 0.3813 0.2793 0.3087 0.0142  -0.0033 0.0147  887 HOH A O   
663 O  O   . HOH C .  ? 0.3924 0.3317 0.3711 -0.0168 -0.0121 -0.0103 888 HOH A O   
664 O  O   . HOH C .  ? 0.4059 0.3828 0.3981 -0.0037 -0.0027 0.0152  889 HOH A O   
665 O  O   . HOH C .  ? 0.3231 0.2821 0.2950 -0.0025 0.0528  0.0306  890 HOH A O   
666 O  O   . HOH C .  ? 0.3534 0.3139 0.2795 0.0200  0.0326  -0.0079 891 HOH A O   
667 O  O   . HOH C .  ? 0.3633 0.3568 0.3342 -0.0170 0.0039  -0.0007 892 HOH A O   
668 O  O   . HOH C .  ? 0.3090 0.3066 0.3347 -0.0053 -0.0093 -0.0133 893 HOH A O   
669 O  O   . HOH C .  ? 0.3263 0.3342 0.3206 0.0000  0.0124  -0.0093 894 HOH A O   
670 O  O   . HOH C .  ? 0.3656 0.3757 0.3694 -0.0008 -0.0100 -0.0024 895 HOH A O   
671 O  O   . HOH C .  ? 0.3064 0.3531 0.3174 -0.0025 0.0012  -0.0052 896 HOH A O   
672 O  O   . HOH C .  ? 0.3841 0.3815 0.3787 -0.0197 0.0087  0.0035  897 HOH A O   
673 O  O   . HOH C .  ? 0.3889 0.3359 0.3987 0.0073  -0.0018 0.0198  898 HOH A O   
674 O  O   . HOH C .  ? 0.3876 0.3865 0.3961 0.0018  0.0038  -0.0145 899 HOH A O   
675 O  O   . HOH C .  ? 0.4899 0.4878 0.4861 -0.0038 -0.0037 -0.0052 900 HOH A O   
676 O  O   . HOH C .  ? 0.4078 0.3719 0.4083 0.0046  0.0161  0.0029  901 HOH A O   
677 O  O   . HOH C .  ? 0.3185 0.3347 0.3448 0.0118  0.0058  0.0202  902 HOH A O   
678 O  O   . HOH C .  ? 0.4774 0.4787 0.4766 -0.0001 -0.0113 -0.0040 903 HOH A O   
679 O  O   . HOH C .  ? 0.4025 0.4096 0.4096 -0.0080 -0.0075 -0.0068 904 HOH A O   
680 O  O   . HOH C .  ? 0.4525 0.4696 0.4818 0.0113  0.0103  0.0037  905 HOH A O   
681 O  O   . HOH C .  ? 0.3711 0.3606 0.3443 -0.0077 0.0065  0.0073  906 HOH A O   
682 O  O   . HOH C .  ? 0.4348 0.4301 0.4393 0.0133  -0.0014 0.0000  907 HOH A O   
683 O  O   . HOH C .  ? 0.3484 0.3228 0.3134 -0.0041 0.0090  -0.0085 908 HOH A O   
684 O  O   . HOH C .  ? 0.3423 0.3590 0.3208 0.0197  0.0075  -0.0022 909 HOH A O   
685 O  O   . HOH C .  ? 0.3380 0.4031 0.3411 0.0019  -0.0300 -0.0130 910 HOH A O   
686 O  O   . HOH C .  ? 0.3439 0.3776 0.3521 0.0021  0.0034  -0.0037 911 HOH A O   
687 O  O   . HOH C .  ? 0.3918 0.3849 0.3894 0.0053  -0.0029 -0.0047 912 HOH A O   
688 O  O   . HOH C .  ? 0.4306 0.4378 0.4130 0.0004  -0.0118 -0.0149 913 HOH A O   
689 O  O   . HOH C .  ? 0.3607 0.3801 0.3479 -0.0042 0.0077  0.0074  914 HOH A O   
690 O  O   . HOH C .  ? 0.4348 0.4326 0.4378 -0.0014 0.0074  -0.0045 915 HOH A O   
691 O  O   . HOH C .  ? 0.5127 0.5055 0.5027 -0.0050 -0.0040 -0.0045 916 HOH A O   
692 O  O   . HOH C .  ? 0.4483 0.4601 0.4532 0.0037  -0.0027 -0.0039 917 HOH A O   
693 O  O   . HOH C .  ? 0.4036 0.3849 0.4000 -0.0171 0.0095  -0.0007 918 HOH A O   
694 O  O   . HOH C .  ? 0.4978 0.4937 0.4937 -0.0029 -0.0046 0.0007  919 HOH A O   
695 O  O   . HOH C .  ? 0.3980 0.3464 0.3737 -0.0067 0.0054  0.0068  920 HOH A O   
696 O  O   . HOH C .  ? 0.4583 0.4671 0.4624 0.0025  0.0072  -0.0020 921 HOH A O   
697 O  O   . HOH C .  ? 0.5448 0.5422 0.5473 -0.0012 0.0013  0.0052  922 HOH A O   
698 O  O   . HOH C .  ? 0.4803 0.4741 0.4686 0.0046  -0.0046 0.0099  923 HOH A O   
699 O  O   . HOH C .  ? 0.4736 0.4728 0.4737 0.0055  0.0021  0.0002  924 HOH A O   
700 O  O   . HOH C .  ? 0.5991 0.5937 0.6003 -0.0004 0.0000  0.0017  925 HOH A O   
701 O  O   . HOH C .  ? 0.4446 0.4694 0.4566 0.0026  -0.0038 0.0016  926 HOH A O   
702 O  O   . HOH C .  ? 0.4393 0.4607 0.4463 -0.0083 0.0073  -0.0036 927 HOH A O   
703 O  O   . HOH C .  ? 0.5578 0.5757 0.5705 0.0022  0.0024  0.0027  928 HOH A O   
704 O  O   . HOH C .  ? 0.5441 0.5463 0.5494 -0.0034 0.0041  0.0021  929 HOH A O   
705 O  O   . HOH C .  ? 0.5478 0.5498 0.5381 0.0012  0.0016  -0.0014 930 HOH A O   
706 O  O   . HOH C .  ? 0.4060 0.3916 0.3843 0.0071  0.0031  -0.0061 931 HOH A O   
707 O  O   . HOH C .  ? 0.4969 0.5004 0.5025 -0.0017 -0.0004 0.0033  932 HOH A O   
708 O  O   . HOH C .  ? 0.5701 0.5764 0.5666 0.0033  -0.0008 -0.0010 933 HOH A O   
709 O  O   . HOH C .  ? 0.5083 0.5169 0.5112 -0.0048 0.0012  -0.0039 934 HOH A O   
710 O  O   . HOH C .  ? 0.5598 0.5750 0.5686 0.0001  0.0007  0.0016  935 HOH A O   
711 O  O   . HOH C .  ? 0.5423 0.5495 0.5412 -0.0033 0.0026  0.0042  936 HOH A O   
712 O  O   . HOH C .  ? 0.6321 0.6333 0.6319 0.0006  -0.0003 0.0011  937 HOH A O   
713 O  O   . HOH C .  ? 0.4972 0.5027 0.5153 -0.0009 0.0001  0.0017  938 HOH A O   
714 O  O   . HOH C .  ? 0.4434 0.4101 0.4268 0.0059  0.0003  0.0079  939 HOH A O   
715 O  O   . HOH C .  ? 0.5250 0.5212 0.5282 0.0013  0.0023  0.0048  940 HOH A O   
716 O  O   . HOH C .  ? 0.4525 0.4446 0.4478 0.0014  0.0090  0.0062  941 HOH A O   
717 O  O   . HOH C .  ? 0.4647 0.4585 0.4610 0.0012  0.0013  -0.0003 942 HOH A O   
718 O  O   . HOH C .  ? 0.5449 0.5378 0.5418 0.0013  0.0002  0.0040  943 HOH A O   
719 O  O   . HOH C .  ? 0.5926 0.5850 0.5913 0.0033  0.0023  0.0029  944 HOH A O   
720 O  O   . HOH C .  ? 0.6338 0.6342 0.6327 0.0013  -0.0016 0.0019  945 HOH A O   
721 O  O   . HOH C .  ? 0.3374 0.3259 0.3305 -0.0071 0.0109  -0.0030 946 HOH A O   
722 O  O   . HOH C .  ? 0.7291 0.7259 0.7286 0.0000  -0.0005 -0.0007 947 HOH A O   
723 O  O   . HOH C .  ? 0.5370 0.5503 0.5439 0.0004  0.0063  -0.0008 948 HOH A O   
724 O  O   . HOH C .  ? 0.5022 0.4918 0.4905 -0.0030 -0.0034 0.0021  949 HOH A O   
725 O  O   . HOH C .  ? 0.3848 0.3361 0.3406 0.0124  0.0085  0.0118  950 HOH A O   
726 O  O   . HOH C .  ? 0.5340 0.5202 0.5302 0.0030  -0.0010 0.0044  951 HOH A O   
727 O  O   . HOH C .  ? 0.6140 0.6083 0.6164 0.0003  0.0017  0.0009  952 HOH A O   
728 O  O   . HOH C .  ? 0.5432 0.5597 0.5567 0.0036  0.0060  0.0022  953 HOH A O   
729 O  O   . HOH C .  ? 0.5607 0.5653 0.5636 -0.0004 -0.0008 0.0008  954 HOH A O   
730 O  O   . HOH C .  ? 0.6299 0.6233 0.6220 -0.0014 0.0005  -0.0003 955 HOH A O   
731 O  O   . HOH C .  ? 0.3813 0.3596 0.3712 -0.0011 -0.0040 -0.0124 956 HOH A O   
732 O  O   . HOH C .  ? 0.6293 0.6396 0.6381 0.0006  0.0026  -0.0002 957 HOH A O   
733 O  O   . HOH C .  ? 0.4999 0.5102 0.4988 -0.0017 0.0031  -0.0036 958 HOH A O   
734 O  O   . HOH C .  ? 0.6129 0.6137 0.6124 0.0008  -0.0008 0.0007  959 HOH A O   
735 O  O   . HOH C .  ? 0.5053 0.4944 0.4953 0.0012  0.0013  0.0048  960 HOH A O   
736 O  O   . HOH C .  ? 0.5968 0.5968 0.5975 -0.0024 0.0024  0.0017  961 HOH A O   
737 O  O   . HOH C .  ? 0.6121 0.6052 0.6073 0.0010  -0.0007 0.0025  962 HOH A O   
738 O  O   . HOH C .  ? 0.4947 0.4975 0.4929 -0.0019 -0.0050 0.0023  963 HOH A O   
739 O  O   . HOH C .  ? 0.6646 0.6614 0.6635 0.0014  0.0006  0.0014  964 HOH A O   
740 O  O   . HOH C .  ? 0.5501 0.5389 0.5433 0.0046  -0.0027 0.0001  965 HOH A O   
741 O  O   . HOH C .  ? 0.5201 0.5227 0.5160 0.0051  0.0056  -0.0052 966 HOH A O   
742 O  O   . HOH C .  ? 0.5710 0.5616 0.5679 -0.0031 -0.0018 0.0041  967 HOH A O   
743 O  O   . HOH C .  ? 0.7413 0.7420 0.7398 0.0012  0.0007  0.0015  968 HOH A O   
744 O  O   . HOH C .  ? 0.5620 0.5595 0.5627 -0.0032 0.0003  -0.0014 969 HOH A O   
745 O  O   . HOH C .  ? 0.5646 0.5602 0.5656 -0.0016 -0.0004 0.0021  970 HOH A O   
746 O  O   . HOH C .  ? 0.5298 0.5456 0.5454 -0.0041 0.0008  -0.0001 971 HOH A O   
747 O  O   . HOH C .  ? 0.5476 0.5515 0.5563 -0.0031 0.0015  -0.0022 972 HOH A O   
748 O  O   . HOH C .  ? 0.5550 0.5580 0.5553 -0.0044 0.0024  0.0014  973 HOH A O   
749 O  O   . HOH C .  ? 0.6818 0.6817 0.6822 -0.0002 0.0017  -0.0001 974 HOH A O   
750 O  O   . HOH C .  ? 0.6434 0.6446 0.6408 -0.0006 -0.0002 -0.0002 975 HOH A O   
751 O  O   . HOH C .  ? 0.5550 0.5515 0.5449 0.0052  -0.0026 0.0012  976 HOH A O   
752 O  O   . HOH C .  ? 0.5670 0.5581 0.5650 -0.0002 -0.0010 0.0050  977 HOH A O   
753 O  O   . HOH C .  ? 0.6316 0.6314 0.6277 -0.0011 -0.0004 0.0030  978 HOH A O   
754 O  O   . HOH C .  ? 0.5497 0.5443 0.5423 0.0046  -0.0001 0.0021  979 HOH A O   
755 O  O   . HOH C .  ? 0.7036 0.7053 0.7026 0.0017  -0.0009 0.0006  980 HOH A O   
756 O  O   . HOH C .  ? 0.5134 0.5112 0.5138 -0.0036 0.0006  0.0048  981 HOH A O   
757 O  O   . HOH C .  ? 0.5895 0.5899 0.5877 0.0020  -0.0036 -0.0029 982 HOH A O   
758 O  O   . HOH C .  ? 0.4623 0.4518 0.4456 -0.0050 0.0090  0.0007  983 HOH A O   
759 O  O   . HOH C .  ? 0.4351 0.4164 0.4413 -0.0076 -0.0045 0.0007  984 HOH A O   
760 O  O   . HOH C .  ? 0.5726 0.5697 0.5748 0.0009  -0.0042 -0.0029 985 HOH A O   
761 O  O   . HOH C .  ? 0.6793 0.6745 0.6755 0.0001  -0.0012 0.0003  986 HOH A O   
762 O  O   . HOH C .  ? 0.5681 0.5776 0.5827 0.0008  0.0041  0.0078  987 HOH A O   
763 O  O   . HOH C .  ? 0.5569 0.5495 0.5636 -0.0003 -0.0014 -0.0002 988 HOH A O   
764 O  O   . HOH C .  ? 0.3088 0.2514 0.2198 0.0610  -0.0478 -0.0486 989 HOH A O   
765 O  O   . HOH C .  ? 0.5047 0.4803 0.4978 -0.0014 0.0029  0.0025  990 HOH A O   
766 O  O   . HOH C .  ? 0.5809 0.5776 0.5811 -0.0008 -0.0029 0.0045  991 HOH A O   
767 O  O   . HOH C .  ? 0.5694 0.5698 0.5737 -0.0002 0.0061  -0.0007 992 HOH A O   
768 O  O   . HOH C .  ? 0.6360 0.6327 0.6309 0.0015  -0.0020 -0.0022 993 HOH A O   
769 O  O   . HOH C .  ? 0.6408 0.6412 0.6422 0.0000  0.0008  -0.0003 994 HOH A O   
770 O  O   . HOH C .  ? 0.6445 0.6444 0.6437 0.0022  -0.0014 -0.0010 995 HOH A O   
# 
